data_9KTZ
# 
_entry.id   9KTZ 
# 
_audit_conform.dict_name       mmcif_pdbx.dic 
_audit_conform.dict_version    5.407 
_audit_conform.dict_location   http://mmcif.pdb.org/dictionaries/ascii/mmcif_pdbx.dic 
# 
loop_
_database_2.database_id 
_database_2.database_code 
_database_2.pdbx_database_accession 
_database_2.pdbx_DOI 
PDB   9KTZ         pdb_00009ktz 10.2210/pdb9ktz/pdb 
WWPDB D_1300053817 ?            ?                   
EMDB  EMD-62571    ?            ?                   
# 
loop_
_pdbx_audit_revision_history.ordinal 
_pdbx_audit_revision_history.data_content_type 
_pdbx_audit_revision_history.major_revision 
_pdbx_audit_revision_history.minor_revision 
_pdbx_audit_revision_history.revision_date 
_pdbx_audit_revision_history.part_number 
1 'Structure model' 1 0 2025-12-03 ? 
2 'EM metadata'     1 0 2025-12-03 ? 
3 FSC               1 0 2025-12-03 ? 
4 'Half map'        1 0 2025-12-03 1 
5 'Half map'        1 0 2025-12-03 2 
6 Image             1 0 2025-12-03 ? 
7 'Primary map'     1 0 2025-12-03 ? 
# 
loop_
_pdbx_audit_revision_details.ordinal 
_pdbx_audit_revision_details.revision_ordinal 
_pdbx_audit_revision_details.data_content_type 
_pdbx_audit_revision_details.provider 
_pdbx_audit_revision_details.type 
_pdbx_audit_revision_details.description 
_pdbx_audit_revision_details.details 
1 1 'Structure model' repository 'Initial release' ? ? 
2 2 'EM metadata'     repository 'Initial release' ? ? 
3 3 FSC               repository 'Initial release' ? ? 
4 4 'Half map'        repository 'Initial release' ? ? 
5 5 'Half map'        repository 'Initial release' ? ? 
6 6 Image             repository 'Initial release' ? ? 
7 7 'Primary map'     repository 'Initial release' ? ? 
# 
_pdbx_database_status.status_code                     REL 
_pdbx_database_status.status_code_sf                  ? 
_pdbx_database_status.status_code_mr                  ? 
_pdbx_database_status.entry_id                        9KTZ 
_pdbx_database_status.recvd_initial_deposition_date   2024-12-03 
_pdbx_database_status.SG_entry                        N 
_pdbx_database_status.deposit_site                    PDBJ 
_pdbx_database_status.process_site                    PDBJ 
_pdbx_database_status.status_code_cs                  ? 
_pdbx_database_status.status_code_nmr_data            ? 
_pdbx_database_status.methods_development_category    ? 
_pdbx_database_status.pdb_format_compatible           Y 
# 
_pdbx_database_related.db_name        EMDB 
_pdbx_database_related.details        'Cryo-EM structure of the TIA-1 prion-like domain amyloid fibril, G355R' 
_pdbx_database_related.db_id          EMD-62571 
_pdbx_database_related.content_type   'associated EM volume' 
# 
_pdbx_contact_author.id                 2 
_pdbx_contact_author.email              sekiyama.naotaka.5x@kyoto-u.ac.jp 
_pdbx_contact_author.name_first         Naotaka 
_pdbx_contact_author.name_last          Sekiyama 
_pdbx_contact_author.name_mi            ? 
_pdbx_contact_author.role               'principal investigator/group leader' 
_pdbx_contact_author.identifier_ORCID   0000-0003-4537-6565 
# 
loop_
_audit_author.name 
_audit_author.pdbx_ordinal 
_audit_author.identifier_ORCID 
'Inaoka, D.'    1  ?                   
'Miyata, T.'    2  ?                   
'Makino, F.'    3  ?                   
'Ohtani, Y.'    4  ?                   
'Ekari, M.'     5  ?                   
'Kobayashi, R.' 6  ?                   
'Imamura, K.'   7  ?                   
'Sakamoto, E.'  8  ?                   
'Kodama, S.T.'  9  ?                   
'Yoshida, N.'   10 ?                   
'Kato, T.'      11 ?                   
'Namba, K.'     12 ?                   
'Tochio, H.'    13 ?                   
'Sekiyama, N.'  14 0000-0003-4537-6565 
# 
_citation.abstract                  ? 
_citation.abstract_id_CAS           ? 
_citation.book_id_ISBN              ? 
_citation.book_publisher            ? 
_citation.book_publisher_city       ? 
_citation.book_title                ? 
_citation.coordinate_linkage        ? 
_citation.country                   ? 
_citation.database_id_Medline       ? 
_citation.details                   ? 
_citation.id                        primary 
_citation.journal_abbrev            'To Be Published' 
_citation.journal_id_ASTM           ? 
_citation.journal_id_CSD            0353 
_citation.journal_id_ISSN           ? 
_citation.journal_full              ? 
_citation.journal_issue             ? 
_citation.journal_volume            ? 
_citation.language                  ? 
_citation.page_first                ? 
_citation.page_last                 ? 
_citation.title                     'TIA-1 PLD amyloid fibril formation is suppressed by the ALS-associated mutation' 
_citation.year                      ? 
_citation.database_id_CSD           ? 
_citation.pdbx_database_id_DOI      ? 
_citation.pdbx_database_id_PubMed   ? 
_citation.pdbx_database_id_patent   ? 
_citation.unpublished_flag          ? 
# 
loop_
_citation_author.citation_id 
_citation_author.name 
_citation_author.ordinal 
_citation_author.identifier_ORCID 
primary 'Inaoka, D.'    1  ?                   
primary 'Miyata, T.'    2  ?                   
primary 'Makino, F.'    3  ?                   
primary 'Ohtani, Y.'    4  ?                   
primary 'Ekari, M.'     5  ?                   
primary 'Kobayashi, R.' 6  ?                   
primary 'Imamura, K.'   7  ?                   
primary 'Sakamoto, E.'  8  ?                   
primary 'Kodama, S.T.'  9  ?                   
primary 'Yoshida, N.'   10 ?                   
primary 'Kato, T.'      11 ?                   
primary 'Namba, K.'     12 ?                   
primary 'Tochio, H.'    13 ?                   
primary 'Sekiyama, N.'  14 0000-0003-4537-6565 
# 
_entity.id                         1 
_entity.type                       polymer 
_entity.src_method                 man 
_entity.pdbx_description           'Cytotoxic granule associated RNA binding protein TIA1' 
_entity.formula_weight             10445.270 
_entity.pdbx_number_of_molecules   6 
_entity.pdbx_ec                    ? 
_entity.pdbx_mutation              G355R 
_entity.pdbx_fragment              ? 
_entity.details                    ? 
# 
_entity_name_com.entity_id   1 
_entity_name_com.name        
'Nucleolysin TIA-1 isoform p40,RNA-binding protein TIA-1,T-cell-restricted intracellular antigen-1,TIA-1,p40-TIA-1' 
# 
_entity_poly.entity_id                      1 
_entity_poly.type                           'polypeptide(L)' 
_entity_poly.nstd_linkage                   no 
_entity_poly.nstd_monomer                   no 
_entity_poly.pdbx_seq_one_letter_code       
;MGSSHHHHHHHHHHHHSENLYFQGGQYMPNGWQVPAYGMYGQAWNQQGFNQTQSSAPWMRPNYGVQPPQGQNGSMLPNQP
SGYRVAGYETQ
;
_entity_poly.pdbx_seq_one_letter_code_can   
;MGSSHHHHHHHHHHHHSENLYFQGGQYMPNGWQVPAYGMYGQAWNQQGFNQTQSSAPWMRPNYGVQPPQGQNGSMLPNQP
SGYRVAGYETQ
;
_entity_poly.pdbx_strand_id                 B,E,A,D,C,F 
_entity_poly.pdbx_target_identifier         ? 
# 
loop_
_entity_poly_seq.entity_id 
_entity_poly_seq.num 
_entity_poly_seq.mon_id 
_entity_poly_seq.hetero 
1 1  MET n 
1 2  GLY n 
1 3  SER n 
1 4  SER n 
1 5  HIS n 
1 6  HIS n 
1 7  HIS n 
1 8  HIS n 
1 9  HIS n 
1 10 HIS n 
1 11 HIS n 
1 12 HIS n 
1 13 HIS n 
1 14 HIS n 
1 15 HIS n 
1 16 HIS n 
1 17 SER n 
1 18 GLU n 
1 19 ASN n 
1 20 LEU n 
1 21 TYR n 
1 22 PHE n 
1 23 GLN n 
1 24 GLY n 
1 25 GLY n 
1 26 GLN n 
1 27 TYR n 
1 28 MET n 
1 29 PRO n 
1 30 ASN n 
1 31 GLY n 
1 32 TRP n 
1 33 GLN n 
1 34 VAL n 
1 35 PRO n 
1 36 ALA n 
1 37 TYR n 
1 38 GLY n 
1 39 MET n 
1 40 TYR n 
1 41 GLY n 
1 42 GLN n 
1 43 ALA n 
1 44 TRP n 
1 45 ASN n 
1 46 GLN n 
1 47 GLN n 
1 48 GLY n 
1 49 PHE n 
1 50 ASN n 
1 51 GLN n 
1 52 THR n 
1 53 GLN n 
1 54 SER n 
1 55 SER n 
1 56 ALA n 
1 57 PRO n 
1 58 TRP n 
1 59 MET n 
1 60 ARG n 
1 61 PRO n 
1 62 ASN n 
1 63 TYR n 
1 64 GLY n 
1 65 VAL n 
1 66 GLN n 
1 67 PRO n 
1 68 PRO n 
1 69 GLN n 
1 70 GLY n 
1 71 GLN n 
1 72 ASN n 
1 73 GLY n 
1 74 SER n 
1 75 MET n 
1 76 LEU n 
1 77 PRO n 
1 78 ASN n 
1 79 GLN n 
1 80 PRO n 
1 81 SER n 
1 82 GLY n 
1 83 TYR n 
1 84 ARG n 
1 85 VAL n 
1 86 ALA n 
1 87 GLY n 
1 88 TYR n 
1 89 GLU n 
1 90 THR n 
1 91 GLN n 
# 
_entity_src_gen.entity_id                          1 
_entity_src_gen.pdbx_src_id                        1 
_entity_src_gen.pdbx_alt_source_flag               sample 
_entity_src_gen.pdbx_seq_type                      'Biological sequence' 
_entity_src_gen.pdbx_beg_seq_num                   1 
_entity_src_gen.pdbx_end_seq_num                   91 
_entity_src_gen.gene_src_common_name               human 
_entity_src_gen.gene_src_genus                     ? 
_entity_src_gen.pdbx_gene_src_gene                 TIA1 
_entity_src_gen.gene_src_species                   ? 
_entity_src_gen.gene_src_strain                    ? 
_entity_src_gen.gene_src_tissue                    ? 
_entity_src_gen.gene_src_tissue_fraction           ? 
_entity_src_gen.gene_src_details                   ? 
_entity_src_gen.pdbx_gene_src_fragment             ? 
_entity_src_gen.pdbx_gene_src_scientific_name      'Homo sapiens' 
_entity_src_gen.pdbx_gene_src_ncbi_taxonomy_id     9606 
_entity_src_gen.pdbx_gene_src_variant              ? 
_entity_src_gen.pdbx_gene_src_cell_line            ? 
_entity_src_gen.pdbx_gene_src_atcc                 ? 
_entity_src_gen.pdbx_gene_src_organ                ? 
_entity_src_gen.pdbx_gene_src_organelle            ? 
_entity_src_gen.pdbx_gene_src_cell                 ? 
_entity_src_gen.pdbx_gene_src_cellular_location    ? 
_entity_src_gen.host_org_common_name               ? 
_entity_src_gen.pdbx_host_org_scientific_name      'Escherichia coli' 
_entity_src_gen.pdbx_host_org_ncbi_taxonomy_id     562 
_entity_src_gen.host_org_genus                     ? 
_entity_src_gen.pdbx_host_org_gene                 ? 
_entity_src_gen.pdbx_host_org_organ                ? 
_entity_src_gen.host_org_species                   ? 
_entity_src_gen.pdbx_host_org_tissue               ? 
_entity_src_gen.pdbx_host_org_tissue_fraction      ? 
_entity_src_gen.pdbx_host_org_strain               ? 
_entity_src_gen.pdbx_host_org_variant              ? 
_entity_src_gen.pdbx_host_org_cell_line            ? 
_entity_src_gen.pdbx_host_org_atcc                 ? 
_entity_src_gen.pdbx_host_org_culture_collection   ? 
_entity_src_gen.pdbx_host_org_cell                 ? 
_entity_src_gen.pdbx_host_org_organelle            ? 
_entity_src_gen.pdbx_host_org_cellular_location    ? 
_entity_src_gen.pdbx_host_org_vector_type          ? 
_entity_src_gen.pdbx_host_org_vector               ? 
_entity_src_gen.host_org_details                   ? 
_entity_src_gen.expression_system_id               ? 
_entity_src_gen.plasmid_name                       ? 
_entity_src_gen.plasmid_details                    ? 
_entity_src_gen.pdbx_description                   ? 
# 
loop_
_chem_comp.id 
_chem_comp.type 
_chem_comp.mon_nstd_flag 
_chem_comp.name 
_chem_comp.pdbx_synonyms 
_chem_comp.formula 
_chem_comp.formula_weight 
ALA 'L-peptide linking' y ALANINE         ? 'C3 H7 N O2'     89.093  
ARG 'L-peptide linking' y ARGININE        ? 'C6 H15 N4 O2 1' 175.209 
ASN 'L-peptide linking' y ASPARAGINE      ? 'C4 H8 N2 O3'    132.118 
GLN 'L-peptide linking' y GLUTAMINE       ? 'C5 H10 N2 O3'   146.144 
GLU 'L-peptide linking' y 'GLUTAMIC ACID' ? 'C5 H9 N O4'     147.129 
GLY 'peptide linking'   y GLYCINE         ? 'C2 H5 N O2'     75.067  
HIS 'L-peptide linking' y HISTIDINE       ? 'C6 H10 N3 O2 1' 156.162 
LEU 'L-peptide linking' y LEUCINE         ? 'C6 H13 N O2'    131.173 
MET 'L-peptide linking' y METHIONINE      ? 'C5 H11 N O2 S'  149.211 
PHE 'L-peptide linking' y PHENYLALANINE   ? 'C9 H11 N O2'    165.189 
PRO 'L-peptide linking' y PROLINE         ? 'C5 H9 N O2'     115.130 
SER 'L-peptide linking' y SERINE          ? 'C3 H7 N O3'     105.093 
THR 'L-peptide linking' y THREONINE       ? 'C4 H9 N O3'     119.119 
TRP 'L-peptide linking' y TRYPTOPHAN      ? 'C11 H12 N2 O2'  204.225 
TYR 'L-peptide linking' y TYROSINE        ? 'C9 H11 N O3'    181.189 
VAL 'L-peptide linking' y VALINE          ? 'C5 H11 N O2'    117.146 
# 
loop_
_pdbx_poly_seq_scheme.asym_id 
_pdbx_poly_seq_scheme.entity_id 
_pdbx_poly_seq_scheme.seq_id 
_pdbx_poly_seq_scheme.mon_id 
_pdbx_poly_seq_scheme.ndb_seq_num 
_pdbx_poly_seq_scheme.pdb_seq_num 
_pdbx_poly_seq_scheme.auth_seq_num 
_pdbx_poly_seq_scheme.pdb_mon_id 
_pdbx_poly_seq_scheme.auth_mon_id 
_pdbx_poly_seq_scheme.pdb_strand_id 
_pdbx_poly_seq_scheme.pdb_ins_code 
_pdbx_poly_seq_scheme.hetero 
A 1 1  MET 1  -28 ?  ?   ?   B . n 
A 1 2  GLY 2  -27 ?  ?   ?   B . n 
A 1 3  SER 3  -26 ?  ?   ?   B . n 
A 1 4  SER 4  -25 ?  ?   ?   B . n 
A 1 5  HIS 5  -24 ?  ?   ?   B . n 
A 1 6  HIS 6  -23 ?  ?   ?   B . n 
A 1 7  HIS 7  -22 ?  ?   ?   B . n 
A 1 8  HIS 8  -21 ?  ?   ?   B . n 
A 1 9  HIS 9  -20 ?  ?   ?   B . n 
A 1 10 HIS 10 -19 ?  ?   ?   B . n 
A 1 11 HIS 11 -18 ?  ?   ?   B . n 
A 1 12 HIS 12 -17 ?  ?   ?   B . n 
A 1 13 HIS 13 -16 ?  ?   ?   B . n 
A 1 14 HIS 14 -15 ?  ?   ?   B . n 
A 1 15 HIS 15 -14 ?  ?   ?   B . n 
A 1 16 HIS 16 -13 ?  ?   ?   B . n 
A 1 17 SER 17 -12 ?  ?   ?   B . n 
A 1 18 GLU 18 -11 ?  ?   ?   B . n 
A 1 19 ASN 19 -10 ?  ?   ?   B . n 
A 1 20 LEU 20 -9  ?  ?   ?   B . n 
A 1 21 TYR 21 -8  ?  ?   ?   B . n 
A 1 22 PHE 22 -7  ?  ?   ?   B . n 
A 1 23 GLN 23 -6  ?  ?   ?   B . n 
A 1 24 GLY 24 -5  ?  ?   ?   B . n 
A 1 25 GLY 25 -4  ?  ?   ?   B . n 
A 1 26 GLN 26 -3  ?  ?   ?   B . n 
A 1 27 TYR 27 -2  ?  ?   ?   B . n 
A 1 28 MET 28 -1  ?  ?   ?   B . n 
A 1 29 PRO 29 0   ?  ?   ?   B . n 
A 1 30 ASN 30 1   ?  ?   ?   B . n 
A 1 31 GLY 31 2   ?  ?   ?   B . n 
A 1 32 TRP 32 3   ?  ?   ?   B . n 
A 1 33 GLN 33 4   ?  ?   ?   B . n 
A 1 34 VAL 34 5   ?  ?   ?   B . n 
A 1 35 PRO 35 6   ?  ?   ?   B . n 
A 1 36 ALA 36 7   ?  ?   ?   B . n 
A 1 37 TYR 37 8   ?  ?   ?   B . n 
A 1 38 GLY 38 9   ?  ?   ?   B . n 
A 1 39 MET 39 10  10 MET MET B . n 
A 1 40 TYR 40 11  11 TYR TYR B . n 
A 1 41 GLY 41 12  12 GLY GLY B . n 
A 1 42 GLN 42 13  13 GLN GLN B . n 
A 1 43 ALA 43 14  14 ALA ALA B . n 
A 1 44 TRP 44 15  15 TRP TRP B . n 
A 1 45 ASN 45 16  16 ASN ASN B . n 
A 1 46 GLN 46 17  17 GLN GLN B . n 
A 1 47 GLN 47 18  18 GLN GLN B . n 
A 1 48 GLY 48 19  19 GLY GLY B . n 
A 1 49 PHE 49 20  20 PHE PHE B . n 
A 1 50 ASN 50 21  21 ASN ASN B . n 
A 1 51 GLN 51 22  22 GLN GLN B . n 
A 1 52 THR 52 23  23 THR THR B . n 
A 1 53 GLN 53 24  24 GLN GLN B . n 
A 1 54 SER 54 25  25 SER SER B . n 
A 1 55 SER 55 26  ?  ?   ?   B . n 
A 1 56 ALA 56 27  ?  ?   ?   B . n 
A 1 57 PRO 57 28  ?  ?   ?   B . n 
A 1 58 TRP 58 29  ?  ?   ?   B . n 
A 1 59 MET 59 30  ?  ?   ?   B . n 
A 1 60 ARG 60 31  ?  ?   ?   B . n 
A 1 61 PRO 61 32  ?  ?   ?   B . n 
A 1 62 ASN 62 33  ?  ?   ?   B . n 
A 1 63 TYR 63 34  ?  ?   ?   B . n 
A 1 64 GLY 64 35  ?  ?   ?   B . n 
A 1 65 VAL 65 36  ?  ?   ?   B . n 
A 1 66 GLN 66 37  ?  ?   ?   B . n 
A 1 67 PRO 67 38  ?  ?   ?   B . n 
A 1 68 PRO 68 39  ?  ?   ?   B . n 
A 1 69 GLN 69 40  ?  ?   ?   B . n 
A 1 70 GLY 70 41  ?  ?   ?   B . n 
A 1 71 GLN 71 42  ?  ?   ?   B . n 
A 1 72 ASN 72 43  ?  ?   ?   B . n 
A 1 73 GLY 73 44  ?  ?   ?   B . n 
A 1 74 SER 74 45  ?  ?   ?   B . n 
A 1 75 MET 75 46  ?  ?   ?   B . n 
A 1 76 LEU 76 47  ?  ?   ?   B . n 
A 1 77 PRO 77 48  ?  ?   ?   B . n 
A 1 78 ASN 78 49  ?  ?   ?   B . n 
A 1 79 GLN 79 50  ?  ?   ?   B . n 
A 1 80 PRO 80 51  ?  ?   ?   B . n 
A 1 81 SER 81 52  ?  ?   ?   B . n 
A 1 82 GLY 82 53  ?  ?   ?   B . n 
A 1 83 TYR 83 54  ?  ?   ?   B . n 
A 1 84 ARG 84 55  ?  ?   ?   B . n 
A 1 85 VAL 85 56  ?  ?   ?   B . n 
A 1 86 ALA 86 57  ?  ?   ?   B . n 
A 1 87 GLY 87 58  ?  ?   ?   B . n 
A 1 88 TYR 88 59  ?  ?   ?   B . n 
A 1 89 GLU 89 60  ?  ?   ?   B . n 
A 1 90 THR 90 61  ?  ?   ?   B . n 
A 1 91 GLN 91 62  ?  ?   ?   B . n 
B 1 1  MET 1  -28 ?  ?   ?   E . n 
B 1 2  GLY 2  -27 ?  ?   ?   E . n 
B 1 3  SER 3  -26 ?  ?   ?   E . n 
B 1 4  SER 4  -25 ?  ?   ?   E . n 
B 1 5  HIS 5  -24 ?  ?   ?   E . n 
B 1 6  HIS 6  -23 ?  ?   ?   E . n 
B 1 7  HIS 7  -22 ?  ?   ?   E . n 
B 1 8  HIS 8  -21 ?  ?   ?   E . n 
B 1 9  HIS 9  -20 ?  ?   ?   E . n 
B 1 10 HIS 10 -19 ?  ?   ?   E . n 
B 1 11 HIS 11 -18 ?  ?   ?   E . n 
B 1 12 HIS 12 -17 ?  ?   ?   E . n 
B 1 13 HIS 13 -16 ?  ?   ?   E . n 
B 1 14 HIS 14 -15 ?  ?   ?   E . n 
B 1 15 HIS 15 -14 ?  ?   ?   E . n 
B 1 16 HIS 16 -13 ?  ?   ?   E . n 
B 1 17 SER 17 -12 ?  ?   ?   E . n 
B 1 18 GLU 18 -11 ?  ?   ?   E . n 
B 1 19 ASN 19 -10 ?  ?   ?   E . n 
B 1 20 LEU 20 -9  ?  ?   ?   E . n 
B 1 21 TYR 21 -8  ?  ?   ?   E . n 
B 1 22 PHE 22 -7  ?  ?   ?   E . n 
B 1 23 GLN 23 -6  ?  ?   ?   E . n 
B 1 24 GLY 24 -5  ?  ?   ?   E . n 
B 1 25 GLY 25 -4  ?  ?   ?   E . n 
B 1 26 GLN 26 -3  ?  ?   ?   E . n 
B 1 27 TYR 27 -2  ?  ?   ?   E . n 
B 1 28 MET 28 -1  ?  ?   ?   E . n 
B 1 29 PRO 29 0   ?  ?   ?   E . n 
B 1 30 ASN 30 1   ?  ?   ?   E . n 
B 1 31 GLY 31 2   ?  ?   ?   E . n 
B 1 32 TRP 32 3   ?  ?   ?   E . n 
B 1 33 GLN 33 4   ?  ?   ?   E . n 
B 1 34 VAL 34 5   ?  ?   ?   E . n 
B 1 35 PRO 35 6   ?  ?   ?   E . n 
B 1 36 ALA 36 7   ?  ?   ?   E . n 
B 1 37 TYR 37 8   ?  ?   ?   E . n 
B 1 38 GLY 38 9   ?  ?   ?   E . n 
B 1 39 MET 39 10  10 MET MET E . n 
B 1 40 TYR 40 11  11 TYR TYR E . n 
B 1 41 GLY 41 12  12 GLY GLY E . n 
B 1 42 GLN 42 13  13 GLN GLN E . n 
B 1 43 ALA 43 14  14 ALA ALA E . n 
B 1 44 TRP 44 15  15 TRP TRP E . n 
B 1 45 ASN 45 16  16 ASN ASN E . n 
B 1 46 GLN 46 17  17 GLN GLN E . n 
B 1 47 GLN 47 18  18 GLN GLN E . n 
B 1 48 GLY 48 19  19 GLY GLY E . n 
B 1 49 PHE 49 20  20 PHE PHE E . n 
B 1 50 ASN 50 21  21 ASN ASN E . n 
B 1 51 GLN 51 22  22 GLN GLN E . n 
B 1 52 THR 52 23  23 THR THR E . n 
B 1 53 GLN 53 24  24 GLN GLN E . n 
B 1 54 SER 54 25  25 SER SER E . n 
B 1 55 SER 55 26  ?  ?   ?   E . n 
B 1 56 ALA 56 27  ?  ?   ?   E . n 
B 1 57 PRO 57 28  ?  ?   ?   E . n 
B 1 58 TRP 58 29  ?  ?   ?   E . n 
B 1 59 MET 59 30  ?  ?   ?   E . n 
B 1 60 ARG 60 31  ?  ?   ?   E . n 
B 1 61 PRO 61 32  ?  ?   ?   E . n 
B 1 62 ASN 62 33  ?  ?   ?   E . n 
B 1 63 TYR 63 34  ?  ?   ?   E . n 
B 1 64 GLY 64 35  ?  ?   ?   E . n 
B 1 65 VAL 65 36  ?  ?   ?   E . n 
B 1 66 GLN 66 37  ?  ?   ?   E . n 
B 1 67 PRO 67 38  ?  ?   ?   E . n 
B 1 68 PRO 68 39  ?  ?   ?   E . n 
B 1 69 GLN 69 40  ?  ?   ?   E . n 
B 1 70 GLY 70 41  ?  ?   ?   E . n 
B 1 71 GLN 71 42  ?  ?   ?   E . n 
B 1 72 ASN 72 43  ?  ?   ?   E . n 
B 1 73 GLY 73 44  ?  ?   ?   E . n 
B 1 74 SER 74 45  ?  ?   ?   E . n 
B 1 75 MET 75 46  ?  ?   ?   E . n 
B 1 76 LEU 76 47  ?  ?   ?   E . n 
B 1 77 PRO 77 48  ?  ?   ?   E . n 
B 1 78 ASN 78 49  ?  ?   ?   E . n 
B 1 79 GLN 79 50  ?  ?   ?   E . n 
B 1 80 PRO 80 51  ?  ?   ?   E . n 
B 1 81 SER 81 52  ?  ?   ?   E . n 
B 1 82 GLY 82 53  ?  ?   ?   E . n 
B 1 83 TYR 83 54  ?  ?   ?   E . n 
B 1 84 ARG 84 55  ?  ?   ?   E . n 
B 1 85 VAL 85 56  ?  ?   ?   E . n 
B 1 86 ALA 86 57  ?  ?   ?   E . n 
B 1 87 GLY 87 58  ?  ?   ?   E . n 
B 1 88 TYR 88 59  ?  ?   ?   E . n 
B 1 89 GLU 89 60  ?  ?   ?   E . n 
B 1 90 THR 90 61  ?  ?   ?   E . n 
B 1 91 GLN 91 62  ?  ?   ?   E . n 
C 1 1  MET 1  -28 ?  ?   ?   A . n 
C 1 2  GLY 2  -27 ?  ?   ?   A . n 
C 1 3  SER 3  -26 ?  ?   ?   A . n 
C 1 4  SER 4  -25 ?  ?   ?   A . n 
C 1 5  HIS 5  -24 ?  ?   ?   A . n 
C 1 6  HIS 6  -23 ?  ?   ?   A . n 
C 1 7  HIS 7  -22 ?  ?   ?   A . n 
C 1 8  HIS 8  -21 ?  ?   ?   A . n 
C 1 9  HIS 9  -20 ?  ?   ?   A . n 
C 1 10 HIS 10 -19 ?  ?   ?   A . n 
C 1 11 HIS 11 -18 ?  ?   ?   A . n 
C 1 12 HIS 12 -17 ?  ?   ?   A . n 
C 1 13 HIS 13 -16 ?  ?   ?   A . n 
C 1 14 HIS 14 -15 ?  ?   ?   A . n 
C 1 15 HIS 15 -14 ?  ?   ?   A . n 
C 1 16 HIS 16 -13 ?  ?   ?   A . n 
C 1 17 SER 17 -12 ?  ?   ?   A . n 
C 1 18 GLU 18 -11 ?  ?   ?   A . n 
C 1 19 ASN 19 -10 ?  ?   ?   A . n 
C 1 20 LEU 20 -9  ?  ?   ?   A . n 
C 1 21 TYR 21 -8  ?  ?   ?   A . n 
C 1 22 PHE 22 -7  ?  ?   ?   A . n 
C 1 23 GLN 23 -6  ?  ?   ?   A . n 
C 1 24 GLY 24 -5  ?  ?   ?   A . n 
C 1 25 GLY 25 -4  ?  ?   ?   A . n 
C 1 26 GLN 26 -3  ?  ?   ?   A . n 
C 1 27 TYR 27 -2  ?  ?   ?   A . n 
C 1 28 MET 28 -1  ?  ?   ?   A . n 
C 1 29 PRO 29 0   ?  ?   ?   A . n 
C 1 30 ASN 30 1   ?  ?   ?   A . n 
C 1 31 GLY 31 2   ?  ?   ?   A . n 
C 1 32 TRP 32 3   ?  ?   ?   A . n 
C 1 33 GLN 33 4   ?  ?   ?   A . n 
C 1 34 VAL 34 5   ?  ?   ?   A . n 
C 1 35 PRO 35 6   ?  ?   ?   A . n 
C 1 36 ALA 36 7   ?  ?   ?   A . n 
C 1 37 TYR 37 8   ?  ?   ?   A . n 
C 1 38 GLY 38 9   ?  ?   ?   A . n 
C 1 39 MET 39 10  10 MET MET A . n 
C 1 40 TYR 40 11  11 TYR TYR A . n 
C 1 41 GLY 41 12  12 GLY GLY A . n 
C 1 42 GLN 42 13  13 GLN GLN A . n 
C 1 43 ALA 43 14  14 ALA ALA A . n 
C 1 44 TRP 44 15  15 TRP TRP A . n 
C 1 45 ASN 45 16  16 ASN ASN A . n 
C 1 46 GLN 46 17  17 GLN GLN A . n 
C 1 47 GLN 47 18  18 GLN GLN A . n 
C 1 48 GLY 48 19  19 GLY GLY A . n 
C 1 49 PHE 49 20  20 PHE PHE A . n 
C 1 50 ASN 50 21  21 ASN ASN A . n 
C 1 51 GLN 51 22  22 GLN GLN A . n 
C 1 52 THR 52 23  23 THR THR A . n 
C 1 53 GLN 53 24  24 GLN GLN A . n 
C 1 54 SER 54 25  25 SER SER A . n 
C 1 55 SER 55 26  ?  ?   ?   A . n 
C 1 56 ALA 56 27  ?  ?   ?   A . n 
C 1 57 PRO 57 28  ?  ?   ?   A . n 
C 1 58 TRP 58 29  ?  ?   ?   A . n 
C 1 59 MET 59 30  ?  ?   ?   A . n 
C 1 60 ARG 60 31  ?  ?   ?   A . n 
C 1 61 PRO 61 32  ?  ?   ?   A . n 
C 1 62 ASN 62 33  ?  ?   ?   A . n 
C 1 63 TYR 63 34  ?  ?   ?   A . n 
C 1 64 GLY 64 35  ?  ?   ?   A . n 
C 1 65 VAL 65 36  ?  ?   ?   A . n 
C 1 66 GLN 66 37  ?  ?   ?   A . n 
C 1 67 PRO 67 38  ?  ?   ?   A . n 
C 1 68 PRO 68 39  ?  ?   ?   A . n 
C 1 69 GLN 69 40  ?  ?   ?   A . n 
C 1 70 GLY 70 41  ?  ?   ?   A . n 
C 1 71 GLN 71 42  ?  ?   ?   A . n 
C 1 72 ASN 72 43  ?  ?   ?   A . n 
C 1 73 GLY 73 44  ?  ?   ?   A . n 
C 1 74 SER 74 45  ?  ?   ?   A . n 
C 1 75 MET 75 46  ?  ?   ?   A . n 
C 1 76 LEU 76 47  ?  ?   ?   A . n 
C 1 77 PRO 77 48  ?  ?   ?   A . n 
C 1 78 ASN 78 49  ?  ?   ?   A . n 
C 1 79 GLN 79 50  ?  ?   ?   A . n 
C 1 80 PRO 80 51  ?  ?   ?   A . n 
C 1 81 SER 81 52  ?  ?   ?   A . n 
C 1 82 GLY 82 53  ?  ?   ?   A . n 
C 1 83 TYR 83 54  ?  ?   ?   A . n 
C 1 84 ARG 84 55  ?  ?   ?   A . n 
C 1 85 VAL 85 56  ?  ?   ?   A . n 
C 1 86 ALA 86 57  ?  ?   ?   A . n 
C 1 87 GLY 87 58  ?  ?   ?   A . n 
C 1 88 TYR 88 59  ?  ?   ?   A . n 
C 1 89 GLU 89 60  ?  ?   ?   A . n 
C 1 90 THR 90 61  ?  ?   ?   A . n 
C 1 91 GLN 91 62  ?  ?   ?   A . n 
D 1 1  MET 1  -28 ?  ?   ?   D . n 
D 1 2  GLY 2  -27 ?  ?   ?   D . n 
D 1 3  SER 3  -26 ?  ?   ?   D . n 
D 1 4  SER 4  -25 ?  ?   ?   D . n 
D 1 5  HIS 5  -24 ?  ?   ?   D . n 
D 1 6  HIS 6  -23 ?  ?   ?   D . n 
D 1 7  HIS 7  -22 ?  ?   ?   D . n 
D 1 8  HIS 8  -21 ?  ?   ?   D . n 
D 1 9  HIS 9  -20 ?  ?   ?   D . n 
D 1 10 HIS 10 -19 ?  ?   ?   D . n 
D 1 11 HIS 11 -18 ?  ?   ?   D . n 
D 1 12 HIS 12 -17 ?  ?   ?   D . n 
D 1 13 HIS 13 -16 ?  ?   ?   D . n 
D 1 14 HIS 14 -15 ?  ?   ?   D . n 
D 1 15 HIS 15 -14 ?  ?   ?   D . n 
D 1 16 HIS 16 -13 ?  ?   ?   D . n 
D 1 17 SER 17 -12 ?  ?   ?   D . n 
D 1 18 GLU 18 -11 ?  ?   ?   D . n 
D 1 19 ASN 19 -10 ?  ?   ?   D . n 
D 1 20 LEU 20 -9  ?  ?   ?   D . n 
D 1 21 TYR 21 -8  ?  ?   ?   D . n 
D 1 22 PHE 22 -7  ?  ?   ?   D . n 
D 1 23 GLN 23 -6  ?  ?   ?   D . n 
D 1 24 GLY 24 -5  ?  ?   ?   D . n 
D 1 25 GLY 25 -4  ?  ?   ?   D . n 
D 1 26 GLN 26 -3  ?  ?   ?   D . n 
D 1 27 TYR 27 -2  ?  ?   ?   D . n 
D 1 28 MET 28 -1  ?  ?   ?   D . n 
D 1 29 PRO 29 0   ?  ?   ?   D . n 
D 1 30 ASN 30 1   ?  ?   ?   D . n 
D 1 31 GLY 31 2   ?  ?   ?   D . n 
D 1 32 TRP 32 3   ?  ?   ?   D . n 
D 1 33 GLN 33 4   ?  ?   ?   D . n 
D 1 34 VAL 34 5   ?  ?   ?   D . n 
D 1 35 PRO 35 6   ?  ?   ?   D . n 
D 1 36 ALA 36 7   ?  ?   ?   D . n 
D 1 37 TYR 37 8   ?  ?   ?   D . n 
D 1 38 GLY 38 9   ?  ?   ?   D . n 
D 1 39 MET 39 10  10 MET MET D . n 
D 1 40 TYR 40 11  11 TYR TYR D . n 
D 1 41 GLY 41 12  12 GLY GLY D . n 
D 1 42 GLN 42 13  13 GLN GLN D . n 
D 1 43 ALA 43 14  14 ALA ALA D . n 
D 1 44 TRP 44 15  15 TRP TRP D . n 
D 1 45 ASN 45 16  16 ASN ASN D . n 
D 1 46 GLN 46 17  17 GLN GLN D . n 
D 1 47 GLN 47 18  18 GLN GLN D . n 
D 1 48 GLY 48 19  19 GLY GLY D . n 
D 1 49 PHE 49 20  20 PHE PHE D . n 
D 1 50 ASN 50 21  21 ASN ASN D . n 
D 1 51 GLN 51 22  22 GLN GLN D . n 
D 1 52 THR 52 23  23 THR THR D . n 
D 1 53 GLN 53 24  24 GLN GLN D . n 
D 1 54 SER 54 25  25 SER SER D . n 
D 1 55 SER 55 26  ?  ?   ?   D . n 
D 1 56 ALA 56 27  ?  ?   ?   D . n 
D 1 57 PRO 57 28  ?  ?   ?   D . n 
D 1 58 TRP 58 29  ?  ?   ?   D . n 
D 1 59 MET 59 30  ?  ?   ?   D . n 
D 1 60 ARG 60 31  ?  ?   ?   D . n 
D 1 61 PRO 61 32  ?  ?   ?   D . n 
D 1 62 ASN 62 33  ?  ?   ?   D . n 
D 1 63 TYR 63 34  ?  ?   ?   D . n 
D 1 64 GLY 64 35  ?  ?   ?   D . n 
D 1 65 VAL 65 36  ?  ?   ?   D . n 
D 1 66 GLN 66 37  ?  ?   ?   D . n 
D 1 67 PRO 67 38  ?  ?   ?   D . n 
D 1 68 PRO 68 39  ?  ?   ?   D . n 
D 1 69 GLN 69 40  ?  ?   ?   D . n 
D 1 70 GLY 70 41  ?  ?   ?   D . n 
D 1 71 GLN 71 42  ?  ?   ?   D . n 
D 1 72 ASN 72 43  ?  ?   ?   D . n 
D 1 73 GLY 73 44  ?  ?   ?   D . n 
D 1 74 SER 74 45  ?  ?   ?   D . n 
D 1 75 MET 75 46  ?  ?   ?   D . n 
D 1 76 LEU 76 47  ?  ?   ?   D . n 
D 1 77 PRO 77 48  ?  ?   ?   D . n 
D 1 78 ASN 78 49  ?  ?   ?   D . n 
D 1 79 GLN 79 50  ?  ?   ?   D . n 
D 1 80 PRO 80 51  ?  ?   ?   D . n 
D 1 81 SER 81 52  ?  ?   ?   D . n 
D 1 82 GLY 82 53  ?  ?   ?   D . n 
D 1 83 TYR 83 54  ?  ?   ?   D . n 
D 1 84 ARG 84 55  ?  ?   ?   D . n 
D 1 85 VAL 85 56  ?  ?   ?   D . n 
D 1 86 ALA 86 57  ?  ?   ?   D . n 
D 1 87 GLY 87 58  ?  ?   ?   D . n 
D 1 88 TYR 88 59  ?  ?   ?   D . n 
D 1 89 GLU 89 60  ?  ?   ?   D . n 
D 1 90 THR 90 61  ?  ?   ?   D . n 
D 1 91 GLN 91 62  ?  ?   ?   D . n 
E 1 1  MET 1  -28 ?  ?   ?   C . n 
E 1 2  GLY 2  -27 ?  ?   ?   C . n 
E 1 3  SER 3  -26 ?  ?   ?   C . n 
E 1 4  SER 4  -25 ?  ?   ?   C . n 
E 1 5  HIS 5  -24 ?  ?   ?   C . n 
E 1 6  HIS 6  -23 ?  ?   ?   C . n 
E 1 7  HIS 7  -22 ?  ?   ?   C . n 
E 1 8  HIS 8  -21 ?  ?   ?   C . n 
E 1 9  HIS 9  -20 ?  ?   ?   C . n 
E 1 10 HIS 10 -19 ?  ?   ?   C . n 
E 1 11 HIS 11 -18 ?  ?   ?   C . n 
E 1 12 HIS 12 -17 ?  ?   ?   C . n 
E 1 13 HIS 13 -16 ?  ?   ?   C . n 
E 1 14 HIS 14 -15 ?  ?   ?   C . n 
E 1 15 HIS 15 -14 ?  ?   ?   C . n 
E 1 16 HIS 16 -13 ?  ?   ?   C . n 
E 1 17 SER 17 -12 ?  ?   ?   C . n 
E 1 18 GLU 18 -11 ?  ?   ?   C . n 
E 1 19 ASN 19 -10 ?  ?   ?   C . n 
E 1 20 LEU 20 -9  ?  ?   ?   C . n 
E 1 21 TYR 21 -8  ?  ?   ?   C . n 
E 1 22 PHE 22 -7  ?  ?   ?   C . n 
E 1 23 GLN 23 -6  ?  ?   ?   C . n 
E 1 24 GLY 24 -5  ?  ?   ?   C . n 
E 1 25 GLY 25 -4  ?  ?   ?   C . n 
E 1 26 GLN 26 -3  ?  ?   ?   C . n 
E 1 27 TYR 27 -2  ?  ?   ?   C . n 
E 1 28 MET 28 -1  ?  ?   ?   C . n 
E 1 29 PRO 29 0   ?  ?   ?   C . n 
E 1 30 ASN 30 1   ?  ?   ?   C . n 
E 1 31 GLY 31 2   ?  ?   ?   C . n 
E 1 32 TRP 32 3   ?  ?   ?   C . n 
E 1 33 GLN 33 4   ?  ?   ?   C . n 
E 1 34 VAL 34 5   ?  ?   ?   C . n 
E 1 35 PRO 35 6   ?  ?   ?   C . n 
E 1 36 ALA 36 7   ?  ?   ?   C . n 
E 1 37 TYR 37 8   ?  ?   ?   C . n 
E 1 38 GLY 38 9   ?  ?   ?   C . n 
E 1 39 MET 39 10  10 MET MET C . n 
E 1 40 TYR 40 11  11 TYR TYR C . n 
E 1 41 GLY 41 12  12 GLY GLY C . n 
E 1 42 GLN 42 13  13 GLN GLN C . n 
E 1 43 ALA 43 14  14 ALA ALA C . n 
E 1 44 TRP 44 15  15 TRP TRP C . n 
E 1 45 ASN 45 16  16 ASN ASN C . n 
E 1 46 GLN 46 17  17 GLN GLN C . n 
E 1 47 GLN 47 18  18 GLN GLN C . n 
E 1 48 GLY 48 19  19 GLY GLY C . n 
E 1 49 PHE 49 20  20 PHE PHE C . n 
E 1 50 ASN 50 21  21 ASN ASN C . n 
E 1 51 GLN 51 22  22 GLN GLN C . n 
E 1 52 THR 52 23  23 THR THR C . n 
E 1 53 GLN 53 24  24 GLN GLN C . n 
E 1 54 SER 54 25  25 SER SER C . n 
E 1 55 SER 55 26  ?  ?   ?   C . n 
E 1 56 ALA 56 27  ?  ?   ?   C . n 
E 1 57 PRO 57 28  ?  ?   ?   C . n 
E 1 58 TRP 58 29  ?  ?   ?   C . n 
E 1 59 MET 59 30  ?  ?   ?   C . n 
E 1 60 ARG 60 31  ?  ?   ?   C . n 
E 1 61 PRO 61 32  ?  ?   ?   C . n 
E 1 62 ASN 62 33  ?  ?   ?   C . n 
E 1 63 TYR 63 34  ?  ?   ?   C . n 
E 1 64 GLY 64 35  ?  ?   ?   C . n 
E 1 65 VAL 65 36  ?  ?   ?   C . n 
E 1 66 GLN 66 37  ?  ?   ?   C . n 
E 1 67 PRO 67 38  ?  ?   ?   C . n 
E 1 68 PRO 68 39  ?  ?   ?   C . n 
E 1 69 GLN 69 40  ?  ?   ?   C . n 
E 1 70 GLY 70 41  ?  ?   ?   C . n 
E 1 71 GLN 71 42  ?  ?   ?   C . n 
E 1 72 ASN 72 43  ?  ?   ?   C . n 
E 1 73 GLY 73 44  ?  ?   ?   C . n 
E 1 74 SER 74 45  ?  ?   ?   C . n 
E 1 75 MET 75 46  ?  ?   ?   C . n 
E 1 76 LEU 76 47  ?  ?   ?   C . n 
E 1 77 PRO 77 48  ?  ?   ?   C . n 
E 1 78 ASN 78 49  ?  ?   ?   C . n 
E 1 79 GLN 79 50  ?  ?   ?   C . n 
E 1 80 PRO 80 51  ?  ?   ?   C . n 
E 1 81 SER 81 52  ?  ?   ?   C . n 
E 1 82 GLY 82 53  ?  ?   ?   C . n 
E 1 83 TYR 83 54  ?  ?   ?   C . n 
E 1 84 ARG 84 55  ?  ?   ?   C . n 
E 1 85 VAL 85 56  ?  ?   ?   C . n 
E 1 86 ALA 86 57  ?  ?   ?   C . n 
E 1 87 GLY 87 58  ?  ?   ?   C . n 
E 1 88 TYR 88 59  ?  ?   ?   C . n 
E 1 89 GLU 89 60  ?  ?   ?   C . n 
E 1 90 THR 90 61  ?  ?   ?   C . n 
E 1 91 GLN 91 62  ?  ?   ?   C . n 
F 1 1  MET 1  -28 ?  ?   ?   F . n 
F 1 2  GLY 2  -27 ?  ?   ?   F . n 
F 1 3  SER 3  -26 ?  ?   ?   F . n 
F 1 4  SER 4  -25 ?  ?   ?   F . n 
F 1 5  HIS 5  -24 ?  ?   ?   F . n 
F 1 6  HIS 6  -23 ?  ?   ?   F . n 
F 1 7  HIS 7  -22 ?  ?   ?   F . n 
F 1 8  HIS 8  -21 ?  ?   ?   F . n 
F 1 9  HIS 9  -20 ?  ?   ?   F . n 
F 1 10 HIS 10 -19 ?  ?   ?   F . n 
F 1 11 HIS 11 -18 ?  ?   ?   F . n 
F 1 12 HIS 12 -17 ?  ?   ?   F . n 
F 1 13 HIS 13 -16 ?  ?   ?   F . n 
F 1 14 HIS 14 -15 ?  ?   ?   F . n 
F 1 15 HIS 15 -14 ?  ?   ?   F . n 
F 1 16 HIS 16 -13 ?  ?   ?   F . n 
F 1 17 SER 17 -12 ?  ?   ?   F . n 
F 1 18 GLU 18 -11 ?  ?   ?   F . n 
F 1 19 ASN 19 -10 ?  ?   ?   F . n 
F 1 20 LEU 20 -9  ?  ?   ?   F . n 
F 1 21 TYR 21 -8  ?  ?   ?   F . n 
F 1 22 PHE 22 -7  ?  ?   ?   F . n 
F 1 23 GLN 23 -6  ?  ?   ?   F . n 
F 1 24 GLY 24 -5  ?  ?   ?   F . n 
F 1 25 GLY 25 -4  ?  ?   ?   F . n 
F 1 26 GLN 26 -3  ?  ?   ?   F . n 
F 1 27 TYR 27 -2  ?  ?   ?   F . n 
F 1 28 MET 28 -1  ?  ?   ?   F . n 
F 1 29 PRO 29 0   ?  ?   ?   F . n 
F 1 30 ASN 30 1   ?  ?   ?   F . n 
F 1 31 GLY 31 2   ?  ?   ?   F . n 
F 1 32 TRP 32 3   ?  ?   ?   F . n 
F 1 33 GLN 33 4   ?  ?   ?   F . n 
F 1 34 VAL 34 5   ?  ?   ?   F . n 
F 1 35 PRO 35 6   ?  ?   ?   F . n 
F 1 36 ALA 36 7   ?  ?   ?   F . n 
F 1 37 TYR 37 8   ?  ?   ?   F . n 
F 1 38 GLY 38 9   ?  ?   ?   F . n 
F 1 39 MET 39 10  10 MET MET F . n 
F 1 40 TYR 40 11  11 TYR TYR F . n 
F 1 41 GLY 41 12  12 GLY GLY F . n 
F 1 42 GLN 42 13  13 GLN GLN F . n 
F 1 43 ALA 43 14  14 ALA ALA F . n 
F 1 44 TRP 44 15  15 TRP TRP F . n 
F 1 45 ASN 45 16  16 ASN ASN F . n 
F 1 46 GLN 46 17  17 GLN GLN F . n 
F 1 47 GLN 47 18  18 GLN GLN F . n 
F 1 48 GLY 48 19  19 GLY GLY F . n 
F 1 49 PHE 49 20  20 PHE PHE F . n 
F 1 50 ASN 50 21  21 ASN ASN F . n 
F 1 51 GLN 51 22  22 GLN GLN F . n 
F 1 52 THR 52 23  23 THR THR F . n 
F 1 53 GLN 53 24  24 GLN GLN F . n 
F 1 54 SER 54 25  25 SER SER F . n 
F 1 55 SER 55 26  ?  ?   ?   F . n 
F 1 56 ALA 56 27  ?  ?   ?   F . n 
F 1 57 PRO 57 28  ?  ?   ?   F . n 
F 1 58 TRP 58 29  ?  ?   ?   F . n 
F 1 59 MET 59 30  ?  ?   ?   F . n 
F 1 60 ARG 60 31  ?  ?   ?   F . n 
F 1 61 PRO 61 32  ?  ?   ?   F . n 
F 1 62 ASN 62 33  ?  ?   ?   F . n 
F 1 63 TYR 63 34  ?  ?   ?   F . n 
F 1 64 GLY 64 35  ?  ?   ?   F . n 
F 1 65 VAL 65 36  ?  ?   ?   F . n 
F 1 66 GLN 66 37  ?  ?   ?   F . n 
F 1 67 PRO 67 38  ?  ?   ?   F . n 
F 1 68 PRO 68 39  ?  ?   ?   F . n 
F 1 69 GLN 69 40  ?  ?   ?   F . n 
F 1 70 GLY 70 41  ?  ?   ?   F . n 
F 1 71 GLN 71 42  ?  ?   ?   F . n 
F 1 72 ASN 72 43  ?  ?   ?   F . n 
F 1 73 GLY 73 44  ?  ?   ?   F . n 
F 1 74 SER 74 45  ?  ?   ?   F . n 
F 1 75 MET 75 46  ?  ?   ?   F . n 
F 1 76 LEU 76 47  ?  ?   ?   F . n 
F 1 77 PRO 77 48  ?  ?   ?   F . n 
F 1 78 ASN 78 49  ?  ?   ?   F . n 
F 1 79 GLN 79 50  ?  ?   ?   F . n 
F 1 80 PRO 80 51  ?  ?   ?   F . n 
F 1 81 SER 81 52  ?  ?   ?   F . n 
F 1 82 GLY 82 53  ?  ?   ?   F . n 
F 1 83 TYR 83 54  ?  ?   ?   F . n 
F 1 84 ARG 84 55  ?  ?   ?   F . n 
F 1 85 VAL 85 56  ?  ?   ?   F . n 
F 1 86 ALA 86 57  ?  ?   ?   F . n 
F 1 87 GLY 87 58  ?  ?   ?   F . n 
F 1 88 TYR 88 59  ?  ?   ?   F . n 
F 1 89 GLU 89 60  ?  ?   ?   F . n 
F 1 90 THR 90 61  ?  ?   ?   F . n 
F 1 91 GLN 91 62  ?  ?   ?   F . n 
# 
_cell.angle_alpha                  90.00 
_cell.angle_alpha_esd              ? 
_cell.angle_beta                   90.00 
_cell.angle_beta_esd               ? 
_cell.angle_gamma                  90.00 
_cell.angle_gamma_esd              ? 
_cell.entry_id                     9KTZ 
_cell.details                      ? 
_cell.formula_units_Z              ? 
_cell.length_a                     1.00 
_cell.length_a_esd                 ? 
_cell.length_b                     1.00 
_cell.length_b_esd                 ? 
_cell.length_c                     1.00 
_cell.length_c_esd                 ? 
_cell.volume                       ? 
_cell.volume_esd                   ? 
_cell.Z_PDB                        ? 
_cell.reciprocal_angle_alpha       ? 
_cell.reciprocal_angle_beta        ? 
_cell.reciprocal_angle_gamma       ? 
_cell.reciprocal_angle_alpha_esd   ? 
_cell.reciprocal_angle_beta_esd    ? 
_cell.reciprocal_angle_gamma_esd   ? 
_cell.reciprocal_length_a          ? 
_cell.reciprocal_length_b          ? 
_cell.reciprocal_length_c          ? 
_cell.reciprocal_length_a_esd      ? 
_cell.reciprocal_length_b_esd      ? 
_cell.reciprocal_length_c_esd      ? 
_cell.pdbx_unique_axis             ? 
_cell.pdbx_esd_method              ? 
# 
_symmetry.entry_id                         9KTZ 
_symmetry.cell_setting                     ? 
_symmetry.Int_Tables_number                1 
_symmetry.space_group_name_Hall            ? 
_symmetry.space_group_name_H-M             'P 1' 
_symmetry.pdbx_full_space_group_name_H-M   ? 
# 
_exptl.absorpt_coefficient_mu     ? 
_exptl.absorpt_correction_T_max   ? 
_exptl.absorpt_correction_T_min   ? 
_exptl.absorpt_correction_type    ? 
_exptl.absorpt_process_details    ? 
_exptl.entry_id                   9KTZ 
_exptl.crystals_number            ? 
_exptl.details                    ? 
_exptl.method                     'ELECTRON MICROSCOPY' 
_exptl.method_details             ? 
# 
_struct.entry_id                     9KTZ 
_struct.title                        'Cryo-EM structure of the TIA-1 prion-like domain amyloid fibril, G355R' 
_struct.pdbx_model_details           ? 
_struct.pdbx_formula_weight          ? 
_struct.pdbx_formula_weight_method   ? 
_struct.pdbx_model_type_details      ? 
_struct.pdbx_CASP_flag               N 
# 
_struct_keywords.entry_id        9KTZ 
_struct_keywords.text            'Amyloid fibril, Prion-like domain, RNA-binding protein, PROTEIN FIBRIL' 
_struct_keywords.pdbx_keywords   'PROTEIN FIBRIL' 
# 
loop_
_struct_asym.id 
_struct_asym.pdbx_blank_PDB_chainid_flag 
_struct_asym.pdbx_modified 
_struct_asym.entity_id 
_struct_asym.details 
A N N 1 ? 
B N N 1 ? 
C N N 1 ? 
D N N 1 ? 
E N N 1 ? 
F N N 1 ? 
# 
_struct_ref.id                         1 
_struct_ref.db_name                    UNP 
_struct_ref.db_code                    TIA1_HUMAN 
_struct_ref.pdbx_db_accession          P31483 
_struct_ref.pdbx_db_isoform            ? 
_struct_ref.entity_id                  1 
_struct_ref.pdbx_seq_one_letter_code   GQYMPNGWQVPAYGMYGQAWNQQGFNQTQSSAPWMGPNYGVQPPQGQNGSMLPNQPSGYRVAGYETQ 
_struct_ref.pdbx_align_begin           320 
# 
loop_
_struct_ref_seq.align_id 
_struct_ref_seq.ref_id 
_struct_ref_seq.pdbx_PDB_id_code 
_struct_ref_seq.pdbx_strand_id 
_struct_ref_seq.seq_align_beg 
_struct_ref_seq.pdbx_seq_align_beg_ins_code 
_struct_ref_seq.seq_align_end 
_struct_ref_seq.pdbx_seq_align_end_ins_code 
_struct_ref_seq.pdbx_db_accession 
_struct_ref_seq.db_align_beg 
_struct_ref_seq.pdbx_db_align_beg_ins_code 
_struct_ref_seq.db_align_end 
_struct_ref_seq.pdbx_db_align_end_ins_code 
_struct_ref_seq.pdbx_auth_seq_align_beg 
_struct_ref_seq.pdbx_auth_seq_align_end 
1 1 9KTZ B 25 ? 91 ? P31483 320 ? 386 ? -4 62 
2 1 9KTZ E 25 ? 91 ? P31483 320 ? 386 ? -4 62 
3 1 9KTZ A 25 ? 91 ? P31483 320 ? 386 ? -4 62 
4 1 9KTZ D 25 ? 91 ? P31483 320 ? 386 ? -4 62 
5 1 9KTZ C 25 ? 91 ? P31483 320 ? 386 ? -4 62 
6 1 9KTZ F 25 ? 91 ? P31483 320 ? 386 ? -4 62 
# 
loop_
_struct_ref_seq_dif.align_id 
_struct_ref_seq_dif.pdbx_pdb_id_code 
_struct_ref_seq_dif.mon_id 
_struct_ref_seq_dif.pdbx_pdb_strand_id 
_struct_ref_seq_dif.seq_num 
_struct_ref_seq_dif.pdbx_pdb_ins_code 
_struct_ref_seq_dif.pdbx_seq_db_name 
_struct_ref_seq_dif.pdbx_seq_db_accession_code 
_struct_ref_seq_dif.db_mon_id 
_struct_ref_seq_dif.pdbx_seq_db_seq_num 
_struct_ref_seq_dif.details 
_struct_ref_seq_dif.pdbx_auth_seq_num 
_struct_ref_seq_dif.pdbx_ordinal 
1 9KTZ MET B 1  ? UNP P31483 ?   ?   'initiating methionine' -28 1   
1 9KTZ GLY B 2  ? UNP P31483 ?   ?   'expression tag'        -27 2   
1 9KTZ SER B 3  ? UNP P31483 ?   ?   'expression tag'        -26 3   
1 9KTZ SER B 4  ? UNP P31483 ?   ?   'expression tag'        -25 4   
1 9KTZ HIS B 5  ? UNP P31483 ?   ?   'expression tag'        -24 5   
1 9KTZ HIS B 6  ? UNP P31483 ?   ?   'expression tag'        -23 6   
1 9KTZ HIS B 7  ? UNP P31483 ?   ?   'expression tag'        -22 7   
1 9KTZ HIS B 8  ? UNP P31483 ?   ?   'expression tag'        -21 8   
1 9KTZ HIS B 9  ? UNP P31483 ?   ?   'expression tag'        -20 9   
1 9KTZ HIS B 10 ? UNP P31483 ?   ?   'expression tag'        -19 10  
1 9KTZ HIS B 11 ? UNP P31483 ?   ?   'expression tag'        -18 11  
1 9KTZ HIS B 12 ? UNP P31483 ?   ?   'expression tag'        -17 12  
1 9KTZ HIS B 13 ? UNP P31483 ?   ?   'expression tag'        -16 13  
1 9KTZ HIS B 14 ? UNP P31483 ?   ?   'expression tag'        -15 14  
1 9KTZ HIS B 15 ? UNP P31483 ?   ?   'expression tag'        -14 15  
1 9KTZ HIS B 16 ? UNP P31483 ?   ?   'expression tag'        -13 16  
1 9KTZ SER B 17 ? UNP P31483 ?   ?   'expression tag'        -12 17  
1 9KTZ GLU B 18 ? UNP P31483 ?   ?   'expression tag'        -11 18  
1 9KTZ ASN B 19 ? UNP P31483 ?   ?   'expression tag'        -10 19  
1 9KTZ LEU B 20 ? UNP P31483 ?   ?   'expression tag'        -9  20  
1 9KTZ TYR B 21 ? UNP P31483 ?   ?   'expression tag'        -8  21  
1 9KTZ PHE B 22 ? UNP P31483 ?   ?   'expression tag'        -7  22  
1 9KTZ GLN B 23 ? UNP P31483 ?   ?   'expression tag'        -6  23  
1 9KTZ GLY B 24 ? UNP P31483 ?   ?   'expression tag'        -5  24  
1 9KTZ ARG B 60 ? UNP P31483 GLY 355 'engineered mutation'   31  25  
2 9KTZ MET E 1  ? UNP P31483 ?   ?   'initiating methionine' -28 26  
2 9KTZ GLY E 2  ? UNP P31483 ?   ?   'expression tag'        -27 27  
2 9KTZ SER E 3  ? UNP P31483 ?   ?   'expression tag'        -26 28  
2 9KTZ SER E 4  ? UNP P31483 ?   ?   'expression tag'        -25 29  
2 9KTZ HIS E 5  ? UNP P31483 ?   ?   'expression tag'        -24 30  
2 9KTZ HIS E 6  ? UNP P31483 ?   ?   'expression tag'        -23 31  
2 9KTZ HIS E 7  ? UNP P31483 ?   ?   'expression tag'        -22 32  
2 9KTZ HIS E 8  ? UNP P31483 ?   ?   'expression tag'        -21 33  
2 9KTZ HIS E 9  ? UNP P31483 ?   ?   'expression tag'        -20 34  
2 9KTZ HIS E 10 ? UNP P31483 ?   ?   'expression tag'        -19 35  
2 9KTZ HIS E 11 ? UNP P31483 ?   ?   'expression tag'        -18 36  
2 9KTZ HIS E 12 ? UNP P31483 ?   ?   'expression tag'        -17 37  
2 9KTZ HIS E 13 ? UNP P31483 ?   ?   'expression tag'        -16 38  
2 9KTZ HIS E 14 ? UNP P31483 ?   ?   'expression tag'        -15 39  
2 9KTZ HIS E 15 ? UNP P31483 ?   ?   'expression tag'        -14 40  
2 9KTZ HIS E 16 ? UNP P31483 ?   ?   'expression tag'        -13 41  
2 9KTZ SER E 17 ? UNP P31483 ?   ?   'expression tag'        -12 42  
2 9KTZ GLU E 18 ? UNP P31483 ?   ?   'expression tag'        -11 43  
2 9KTZ ASN E 19 ? UNP P31483 ?   ?   'expression tag'        -10 44  
2 9KTZ LEU E 20 ? UNP P31483 ?   ?   'expression tag'        -9  45  
2 9KTZ TYR E 21 ? UNP P31483 ?   ?   'expression tag'        -8  46  
2 9KTZ PHE E 22 ? UNP P31483 ?   ?   'expression tag'        -7  47  
2 9KTZ GLN E 23 ? UNP P31483 ?   ?   'expression tag'        -6  48  
2 9KTZ GLY E 24 ? UNP P31483 ?   ?   'expression tag'        -5  49  
2 9KTZ ARG E 60 ? UNP P31483 GLY 355 'engineered mutation'   31  50  
3 9KTZ MET A 1  ? UNP P31483 ?   ?   'initiating methionine' -28 51  
3 9KTZ GLY A 2  ? UNP P31483 ?   ?   'expression tag'        -27 52  
3 9KTZ SER A 3  ? UNP P31483 ?   ?   'expression tag'        -26 53  
3 9KTZ SER A 4  ? UNP P31483 ?   ?   'expression tag'        -25 54  
3 9KTZ HIS A 5  ? UNP P31483 ?   ?   'expression tag'        -24 55  
3 9KTZ HIS A 6  ? UNP P31483 ?   ?   'expression tag'        -23 56  
3 9KTZ HIS A 7  ? UNP P31483 ?   ?   'expression tag'        -22 57  
3 9KTZ HIS A 8  ? UNP P31483 ?   ?   'expression tag'        -21 58  
3 9KTZ HIS A 9  ? UNP P31483 ?   ?   'expression tag'        -20 59  
3 9KTZ HIS A 10 ? UNP P31483 ?   ?   'expression tag'        -19 60  
3 9KTZ HIS A 11 ? UNP P31483 ?   ?   'expression tag'        -18 61  
3 9KTZ HIS A 12 ? UNP P31483 ?   ?   'expression tag'        -17 62  
3 9KTZ HIS A 13 ? UNP P31483 ?   ?   'expression tag'        -16 63  
3 9KTZ HIS A 14 ? UNP P31483 ?   ?   'expression tag'        -15 64  
3 9KTZ HIS A 15 ? UNP P31483 ?   ?   'expression tag'        -14 65  
3 9KTZ HIS A 16 ? UNP P31483 ?   ?   'expression tag'        -13 66  
3 9KTZ SER A 17 ? UNP P31483 ?   ?   'expression tag'        -12 67  
3 9KTZ GLU A 18 ? UNP P31483 ?   ?   'expression tag'        -11 68  
3 9KTZ ASN A 19 ? UNP P31483 ?   ?   'expression tag'        -10 69  
3 9KTZ LEU A 20 ? UNP P31483 ?   ?   'expression tag'        -9  70  
3 9KTZ TYR A 21 ? UNP P31483 ?   ?   'expression tag'        -8  71  
3 9KTZ PHE A 22 ? UNP P31483 ?   ?   'expression tag'        -7  72  
3 9KTZ GLN A 23 ? UNP P31483 ?   ?   'expression tag'        -6  73  
3 9KTZ GLY A 24 ? UNP P31483 ?   ?   'expression tag'        -5  74  
3 9KTZ ARG A 60 ? UNP P31483 GLY 355 'engineered mutation'   31  75  
4 9KTZ MET D 1  ? UNP P31483 ?   ?   'initiating methionine' -28 76  
4 9KTZ GLY D 2  ? UNP P31483 ?   ?   'expression tag'        -27 77  
4 9KTZ SER D 3  ? UNP P31483 ?   ?   'expression tag'        -26 78  
4 9KTZ SER D 4  ? UNP P31483 ?   ?   'expression tag'        -25 79  
4 9KTZ HIS D 5  ? UNP P31483 ?   ?   'expression tag'        -24 80  
4 9KTZ HIS D 6  ? UNP P31483 ?   ?   'expression tag'        -23 81  
4 9KTZ HIS D 7  ? UNP P31483 ?   ?   'expression tag'        -22 82  
4 9KTZ HIS D 8  ? UNP P31483 ?   ?   'expression tag'        -21 83  
4 9KTZ HIS D 9  ? UNP P31483 ?   ?   'expression tag'        -20 84  
4 9KTZ HIS D 10 ? UNP P31483 ?   ?   'expression tag'        -19 85  
4 9KTZ HIS D 11 ? UNP P31483 ?   ?   'expression tag'        -18 86  
4 9KTZ HIS D 12 ? UNP P31483 ?   ?   'expression tag'        -17 87  
4 9KTZ HIS D 13 ? UNP P31483 ?   ?   'expression tag'        -16 88  
4 9KTZ HIS D 14 ? UNP P31483 ?   ?   'expression tag'        -15 89  
4 9KTZ HIS D 15 ? UNP P31483 ?   ?   'expression tag'        -14 90  
4 9KTZ HIS D 16 ? UNP P31483 ?   ?   'expression tag'        -13 91  
4 9KTZ SER D 17 ? UNP P31483 ?   ?   'expression tag'        -12 92  
4 9KTZ GLU D 18 ? UNP P31483 ?   ?   'expression tag'        -11 93  
4 9KTZ ASN D 19 ? UNP P31483 ?   ?   'expression tag'        -10 94  
4 9KTZ LEU D 20 ? UNP P31483 ?   ?   'expression tag'        -9  95  
4 9KTZ TYR D 21 ? UNP P31483 ?   ?   'expression tag'        -8  96  
4 9KTZ PHE D 22 ? UNP P31483 ?   ?   'expression tag'        -7  97  
4 9KTZ GLN D 23 ? UNP P31483 ?   ?   'expression tag'        -6  98  
4 9KTZ GLY D 24 ? UNP P31483 ?   ?   'expression tag'        -5  99  
4 9KTZ ARG D 60 ? UNP P31483 GLY 355 'engineered mutation'   31  100 
5 9KTZ MET C 1  ? UNP P31483 ?   ?   'initiating methionine' -28 101 
5 9KTZ GLY C 2  ? UNP P31483 ?   ?   'expression tag'        -27 102 
5 9KTZ SER C 3  ? UNP P31483 ?   ?   'expression tag'        -26 103 
5 9KTZ SER C 4  ? UNP P31483 ?   ?   'expression tag'        -25 104 
5 9KTZ HIS C 5  ? UNP P31483 ?   ?   'expression tag'        -24 105 
5 9KTZ HIS C 6  ? UNP P31483 ?   ?   'expression tag'        -23 106 
5 9KTZ HIS C 7  ? UNP P31483 ?   ?   'expression tag'        -22 107 
5 9KTZ HIS C 8  ? UNP P31483 ?   ?   'expression tag'        -21 108 
5 9KTZ HIS C 9  ? UNP P31483 ?   ?   'expression tag'        -20 109 
5 9KTZ HIS C 10 ? UNP P31483 ?   ?   'expression tag'        -19 110 
5 9KTZ HIS C 11 ? UNP P31483 ?   ?   'expression tag'        -18 111 
5 9KTZ HIS C 12 ? UNP P31483 ?   ?   'expression tag'        -17 112 
5 9KTZ HIS C 13 ? UNP P31483 ?   ?   'expression tag'        -16 113 
5 9KTZ HIS C 14 ? UNP P31483 ?   ?   'expression tag'        -15 114 
5 9KTZ HIS C 15 ? UNP P31483 ?   ?   'expression tag'        -14 115 
5 9KTZ HIS C 16 ? UNP P31483 ?   ?   'expression tag'        -13 116 
5 9KTZ SER C 17 ? UNP P31483 ?   ?   'expression tag'        -12 117 
5 9KTZ GLU C 18 ? UNP P31483 ?   ?   'expression tag'        -11 118 
5 9KTZ ASN C 19 ? UNP P31483 ?   ?   'expression tag'        -10 119 
5 9KTZ LEU C 20 ? UNP P31483 ?   ?   'expression tag'        -9  120 
5 9KTZ TYR C 21 ? UNP P31483 ?   ?   'expression tag'        -8  121 
5 9KTZ PHE C 22 ? UNP P31483 ?   ?   'expression tag'        -7  122 
5 9KTZ GLN C 23 ? UNP P31483 ?   ?   'expression tag'        -6  123 
5 9KTZ GLY C 24 ? UNP P31483 ?   ?   'expression tag'        -5  124 
5 9KTZ ARG C 60 ? UNP P31483 GLY 355 'engineered mutation'   31  125 
6 9KTZ MET F 1  ? UNP P31483 ?   ?   'initiating methionine' -28 126 
6 9KTZ GLY F 2  ? UNP P31483 ?   ?   'expression tag'        -27 127 
6 9KTZ SER F 3  ? UNP P31483 ?   ?   'expression tag'        -26 128 
6 9KTZ SER F 4  ? UNP P31483 ?   ?   'expression tag'        -25 129 
6 9KTZ HIS F 5  ? UNP P31483 ?   ?   'expression tag'        -24 130 
6 9KTZ HIS F 6  ? UNP P31483 ?   ?   'expression tag'        -23 131 
6 9KTZ HIS F 7  ? UNP P31483 ?   ?   'expression tag'        -22 132 
6 9KTZ HIS F 8  ? UNP P31483 ?   ?   'expression tag'        -21 133 
6 9KTZ HIS F 9  ? UNP P31483 ?   ?   'expression tag'        -20 134 
6 9KTZ HIS F 10 ? UNP P31483 ?   ?   'expression tag'        -19 135 
6 9KTZ HIS F 11 ? UNP P31483 ?   ?   'expression tag'        -18 136 
6 9KTZ HIS F 12 ? UNP P31483 ?   ?   'expression tag'        -17 137 
6 9KTZ HIS F 13 ? UNP P31483 ?   ?   'expression tag'        -16 138 
6 9KTZ HIS F 14 ? UNP P31483 ?   ?   'expression tag'        -15 139 
6 9KTZ HIS F 15 ? UNP P31483 ?   ?   'expression tag'        -14 140 
6 9KTZ HIS F 16 ? UNP P31483 ?   ?   'expression tag'        -13 141 
6 9KTZ SER F 17 ? UNP P31483 ?   ?   'expression tag'        -12 142 
6 9KTZ GLU F 18 ? UNP P31483 ?   ?   'expression tag'        -11 143 
6 9KTZ ASN F 19 ? UNP P31483 ?   ?   'expression tag'        -10 144 
6 9KTZ LEU F 20 ? UNP P31483 ?   ?   'expression tag'        -9  145 
6 9KTZ TYR F 21 ? UNP P31483 ?   ?   'expression tag'        -8  146 
6 9KTZ PHE F 22 ? UNP P31483 ?   ?   'expression tag'        -7  147 
6 9KTZ GLN F 23 ? UNP P31483 ?   ?   'expression tag'        -6  148 
6 9KTZ GLY F 24 ? UNP P31483 ?   ?   'expression tag'        -5  149 
6 9KTZ ARG F 60 ? UNP P31483 GLY 355 'engineered mutation'   31  150 
# 
_pdbx_struct_assembly.id                   1 
_pdbx_struct_assembly.details              author_defined_assembly 
_pdbx_struct_assembly.method_details       ? 
_pdbx_struct_assembly.oligomeric_details   hexameric 
_pdbx_struct_assembly.oligomeric_count     6 
# 
_pdbx_struct_assembly_gen.assembly_id       1 
_pdbx_struct_assembly_gen.oper_expression   1 
_pdbx_struct_assembly_gen.asym_id_list      A,B,C,D,E,F 
# 
_pdbx_struct_assembly_auth_evidence.id                     1 
_pdbx_struct_assembly_auth_evidence.assembly_id            1 
_pdbx_struct_assembly_auth_evidence.experimental_support   'electron microscopy' 
_pdbx_struct_assembly_auth_evidence.details                'not applicable' 
# 
_pdbx_struct_oper_list.id                   1 
_pdbx_struct_oper_list.type                 'identity operation' 
_pdbx_struct_oper_list.name                 1_555 
_pdbx_struct_oper_list.symmetry_operation   ? 
_pdbx_struct_oper_list.matrix[1][1]         1.0000000000 
_pdbx_struct_oper_list.matrix[1][2]         0.0000000000 
_pdbx_struct_oper_list.matrix[1][3]         0.0000000000 
_pdbx_struct_oper_list.vector[1]            0.0000000000 
_pdbx_struct_oper_list.matrix[2][1]         0.0000000000 
_pdbx_struct_oper_list.matrix[2][2]         1.0000000000 
_pdbx_struct_oper_list.matrix[2][3]         0.0000000000 
_pdbx_struct_oper_list.vector[2]            0.0000000000 
_pdbx_struct_oper_list.matrix[3][1]         0.0000000000 
_pdbx_struct_oper_list.matrix[3][2]         0.0000000000 
_pdbx_struct_oper_list.matrix[3][3]         1.0000000000 
_pdbx_struct_oper_list.vector[3]            0.0000000000 
# 
_pdbx_entry_details.entry_id                   9KTZ 
_pdbx_entry_details.compound_details           ? 
_pdbx_entry_details.source_details             ? 
_pdbx_entry_details.nonpolymer_details         ? 
_pdbx_entry_details.sequence_details           ? 
_pdbx_entry_details.has_ligand_of_interest     ? 
_pdbx_entry_details.has_protein_modification   N 
# 
_pdbx_validate_close_contact.id               1 
_pdbx_validate_close_contact.PDB_model_num    1 
_pdbx_validate_close_contact.auth_atom_id_1   O 
_pdbx_validate_close_contact.auth_asym_id_1   B 
_pdbx_validate_close_contact.auth_comp_id_1   THR 
_pdbx_validate_close_contact.auth_seq_id_1    23 
_pdbx_validate_close_contact.PDB_ins_code_1   ? 
_pdbx_validate_close_contact.label_alt_id_1   ? 
_pdbx_validate_close_contact.auth_atom_id_2   NE2 
_pdbx_validate_close_contact.auth_asym_id_2   E 
_pdbx_validate_close_contact.auth_comp_id_2   GLN 
_pdbx_validate_close_contact.auth_seq_id_2    13 
_pdbx_validate_close_contact.PDB_ins_code_2   ? 
_pdbx_validate_close_contact.label_alt_id_2   ? 
_pdbx_validate_close_contact.dist             2.17 
# 
loop_
_pdbx_validate_torsion.id 
_pdbx_validate_torsion.PDB_model_num 
_pdbx_validate_torsion.auth_comp_id 
_pdbx_validate_torsion.auth_asym_id 
_pdbx_validate_torsion.auth_seq_id 
_pdbx_validate_torsion.PDB_ins_code 
_pdbx_validate_torsion.label_alt_id 
_pdbx_validate_torsion.phi 
_pdbx_validate_torsion.psi 
1 1 PHE B 20 ? ? 69.56 -4.49 
2 1 PHE E 20 ? ? 69.55 -4.45 
3 1 PHE A 20 ? ? 69.53 -4.51 
4 1 PHE D 20 ? ? 69.55 -4.48 
5 1 PHE C 20 ? ? 69.54 -4.52 
6 1 PHE F 20 ? ? 69.56 -4.49 
# 
_em_3d_fitting.id                1 
_em_3d_fitting.entry_id          9KTZ 
_em_3d_fitting.method            ? 
_em_3d_fitting.target_criteria   ? 
_em_3d_fitting.details           ? 
_em_3d_fitting.overall_b_value   ? 
_em_3d_fitting.ref_space         ? 
_em_3d_fitting.ref_protocol      ? 
# 
_em_3d_reconstruction.entry_id                    9KTZ 
_em_3d_reconstruction.id                          1 
_em_3d_reconstruction.method                      ? 
_em_3d_reconstruction.algorithm                   ? 
_em_3d_reconstruction.citation_id                 ? 
_em_3d_reconstruction.details                     ? 
_em_3d_reconstruction.resolution                  3.10 
_em_3d_reconstruction.resolution_method           'FSC 0.143 CUT-OFF' 
_em_3d_reconstruction.magnification_calibration   ? 
_em_3d_reconstruction.nominal_pixel_size          ? 
_em_3d_reconstruction.actual_pixel_size           ? 
_em_3d_reconstruction.num_particles               45382 
_em_3d_reconstruction.euler_angles_details        ? 
_em_3d_reconstruction.num_class_averages          ? 
_em_3d_reconstruction.refinement_type             ? 
_em_3d_reconstruction.image_processing_id         1 
_em_3d_reconstruction.symmetry_type               HELICAL 
# 
_em_buffer.id            1 
_em_buffer.specimen_id   1 
_em_buffer.name          ? 
_em_buffer.details       ? 
_em_buffer.pH            2 
# 
_em_entity_assembly.id                   1 
_em_entity_assembly.parent_id            0 
_em_entity_assembly.source               RECOMBINANT 
_em_entity_assembly.type                 COMPLEX 
_em_entity_assembly.name                 'Amyloid fibril formed by TIA-1 prion-like domain' 
_em_entity_assembly.details              ? 
_em_entity_assembly.synonym              ? 
_em_entity_assembly.oligomeric_details   ? 
_em_entity_assembly.entity_id_list       1 
# 
_em_imaging.entry_id                        9KTZ 
_em_imaging.id                              1 
_em_imaging.astigmatism                     ? 
_em_imaging.electron_beam_tilt_params       ? 
_em_imaging.residual_tilt                   ? 
_em_imaging.microscope_model                'JEOL CRYO ARM 300' 
_em_imaging.specimen_holder_type            ? 
_em_imaging.specimen_holder_model           'JEOL CRYOSPECPORTER' 
_em_imaging.details                         ? 
_em_imaging.date                            ? 
_em_imaging.accelerating_voltage            300 
_em_imaging.illumination_mode               'FLOOD BEAM' 
_em_imaging.mode                            'BRIGHT FIELD' 
_em_imaging.nominal_cs                      2.7 
_em_imaging.nominal_defocus_min             1000 
_em_imaging.nominal_defocus_max             2500 
_em_imaging.calibrated_defocus_min          ? 
_em_imaging.calibrated_defocus_max          ? 
_em_imaging.tilt_angle_min                  ? 
_em_imaging.tilt_angle_max                  ? 
_em_imaging.nominal_magnification           50000 
_em_imaging.calibrated_magnification        ? 
_em_imaging.electron_source                 'FIELD EMISSION GUN' 
_em_imaging.citation_id                     ? 
_em_imaging.temperature                     ? 
_em_imaging.detector_distance               ? 
_em_imaging.recording_temperature_minimum   ? 
_em_imaging.recording_temperature_maximum   ? 
_em_imaging.alignment_procedure             'COMA FREE' 
_em_imaging.c2_aperture_diameter            ? 
_em_imaging.specimen_id                     1 
_em_imaging.cryogen                         NITROGEN 
# 
_em_sample_support.id               1 
_em_sample_support.film_material    ? 
_em_sample_support.method           ? 
_em_sample_support.grid_material    COPPER 
_em_sample_support.grid_mesh_size   300 
_em_sample_support.grid_type        'Quantifoil R1.2/1.3' 
_em_sample_support.details          ? 
_em_sample_support.specimen_id      1 
_em_sample_support.citation_id      ? 
# 
_em_vitrification.entry_id              9KTZ 
_em_vitrification.id                    1 
_em_vitrification.specimen_id           1 
_em_vitrification.cryogen_name          ETHANE 
_em_vitrification.humidity              95 
_em_vitrification.temp                  ? 
_em_vitrification.chamber_temperature   277 
_em_vitrification.instrument            'LEICA EM GP' 
_em_vitrification.method                ? 
_em_vitrification.time_resolved_state   ? 
_em_vitrification.citation_id           ? 
_em_vitrification.details               ? 
# 
_em_experiment.entry_id                9KTZ 
_em_experiment.id                      1 
_em_experiment.reconstruction_method   HELICAL 
_em_experiment.aggregation_state       FILAMENT 
_em_experiment.entity_assembly_id      1 
# 
loop_
_pdbx_unobs_or_zero_occ_residues.id 
_pdbx_unobs_or_zero_occ_residues.PDB_model_num 
_pdbx_unobs_or_zero_occ_residues.polymer_flag 
_pdbx_unobs_or_zero_occ_residues.occupancy_flag 
_pdbx_unobs_or_zero_occ_residues.auth_asym_id 
_pdbx_unobs_or_zero_occ_residues.auth_comp_id 
_pdbx_unobs_or_zero_occ_residues.auth_seq_id 
_pdbx_unobs_or_zero_occ_residues.PDB_ins_code 
_pdbx_unobs_or_zero_occ_residues.label_asym_id 
_pdbx_unobs_or_zero_occ_residues.label_comp_id 
_pdbx_unobs_or_zero_occ_residues.label_seq_id 
1   1 Y 1 B MET -28 ? A MET 1  
2   1 Y 1 B GLY -27 ? A GLY 2  
3   1 Y 1 B SER -26 ? A SER 3  
4   1 Y 1 B SER -25 ? A SER 4  
5   1 Y 1 B HIS -24 ? A HIS 5  
6   1 Y 1 B HIS -23 ? A HIS 6  
7   1 Y 1 B HIS -22 ? A HIS 7  
8   1 Y 1 B HIS -21 ? A HIS 8  
9   1 Y 1 B HIS -20 ? A HIS 9  
10  1 Y 1 B HIS -19 ? A HIS 10 
11  1 Y 1 B HIS -18 ? A HIS 11 
12  1 Y 1 B HIS -17 ? A HIS 12 
13  1 Y 1 B HIS -16 ? A HIS 13 
14  1 Y 1 B HIS -15 ? A HIS 14 
15  1 Y 1 B HIS -14 ? A HIS 15 
16  1 Y 1 B HIS -13 ? A HIS 16 
17  1 Y 1 B SER -12 ? A SER 17 
18  1 Y 1 B GLU -11 ? A GLU 18 
19  1 Y 1 B ASN -10 ? A ASN 19 
20  1 Y 1 B LEU -9  ? A LEU 20 
21  1 Y 1 B TYR -8  ? A TYR 21 
22  1 Y 1 B PHE -7  ? A PHE 22 
23  1 Y 1 B GLN -6  ? A GLN 23 
24  1 Y 1 B GLY -5  ? A GLY 24 
25  1 Y 1 B GLY -4  ? A GLY 25 
26  1 Y 1 B GLN -3  ? A GLN 26 
27  1 Y 1 B TYR -2  ? A TYR 27 
28  1 Y 1 B MET -1  ? A MET 28 
29  1 Y 1 B PRO 0   ? A PRO 29 
30  1 Y 1 B ASN 1   ? A ASN 30 
31  1 Y 1 B GLY 2   ? A GLY 31 
32  1 Y 1 B TRP 3   ? A TRP 32 
33  1 Y 1 B GLN 4   ? A GLN 33 
34  1 Y 1 B VAL 5   ? A VAL 34 
35  1 Y 1 B PRO 6   ? A PRO 35 
36  1 Y 1 B ALA 7   ? A ALA 36 
37  1 Y 1 B TYR 8   ? A TYR 37 
38  1 Y 1 B GLY 9   ? A GLY 38 
39  1 Y 1 B SER 26  ? A SER 55 
40  1 Y 1 B ALA 27  ? A ALA 56 
41  1 Y 1 B PRO 28  ? A PRO 57 
42  1 Y 1 B TRP 29  ? A TRP 58 
43  1 Y 1 B MET 30  ? A MET 59 
44  1 Y 1 B ARG 31  ? A ARG 60 
45  1 Y 1 B PRO 32  ? A PRO 61 
46  1 Y 1 B ASN 33  ? A ASN 62 
47  1 Y 1 B TYR 34  ? A TYR 63 
48  1 Y 1 B GLY 35  ? A GLY 64 
49  1 Y 1 B VAL 36  ? A VAL 65 
50  1 Y 1 B GLN 37  ? A GLN 66 
51  1 Y 1 B PRO 38  ? A PRO 67 
52  1 Y 1 B PRO 39  ? A PRO 68 
53  1 Y 1 B GLN 40  ? A GLN 69 
54  1 Y 1 B GLY 41  ? A GLY 70 
55  1 Y 1 B GLN 42  ? A GLN 71 
56  1 Y 1 B ASN 43  ? A ASN 72 
57  1 Y 1 B GLY 44  ? A GLY 73 
58  1 Y 1 B SER 45  ? A SER 74 
59  1 Y 1 B MET 46  ? A MET 75 
60  1 Y 1 B LEU 47  ? A LEU 76 
61  1 Y 1 B PRO 48  ? A PRO 77 
62  1 Y 1 B ASN 49  ? A ASN 78 
63  1 Y 1 B GLN 50  ? A GLN 79 
64  1 Y 1 B PRO 51  ? A PRO 80 
65  1 Y 1 B SER 52  ? A SER 81 
66  1 Y 1 B GLY 53  ? A GLY 82 
67  1 Y 1 B TYR 54  ? A TYR 83 
68  1 Y 1 B ARG 55  ? A ARG 84 
69  1 Y 1 B VAL 56  ? A VAL 85 
70  1 Y 1 B ALA 57  ? A ALA 86 
71  1 Y 1 B GLY 58  ? A GLY 87 
72  1 Y 1 B TYR 59  ? A TYR 88 
73  1 Y 1 B GLU 60  ? A GLU 89 
74  1 Y 1 B THR 61  ? A THR 90 
75  1 Y 1 B GLN 62  ? A GLN 91 
76  1 Y 1 E MET -28 ? B MET 1  
77  1 Y 1 E GLY -27 ? B GLY 2  
78  1 Y 1 E SER -26 ? B SER 3  
79  1 Y 1 E SER -25 ? B SER 4  
80  1 Y 1 E HIS -24 ? B HIS 5  
81  1 Y 1 E HIS -23 ? B HIS 6  
82  1 Y 1 E HIS -22 ? B HIS 7  
83  1 Y 1 E HIS -21 ? B HIS 8  
84  1 Y 1 E HIS -20 ? B HIS 9  
85  1 Y 1 E HIS -19 ? B HIS 10 
86  1 Y 1 E HIS -18 ? B HIS 11 
87  1 Y 1 E HIS -17 ? B HIS 12 
88  1 Y 1 E HIS -16 ? B HIS 13 
89  1 Y 1 E HIS -15 ? B HIS 14 
90  1 Y 1 E HIS -14 ? B HIS 15 
91  1 Y 1 E HIS -13 ? B HIS 16 
92  1 Y 1 E SER -12 ? B SER 17 
93  1 Y 1 E GLU -11 ? B GLU 18 
94  1 Y 1 E ASN -10 ? B ASN 19 
95  1 Y 1 E LEU -9  ? B LEU 20 
96  1 Y 1 E TYR -8  ? B TYR 21 
97  1 Y 1 E PHE -7  ? B PHE 22 
98  1 Y 1 E GLN -6  ? B GLN 23 
99  1 Y 1 E GLY -5  ? B GLY 24 
100 1 Y 1 E GLY -4  ? B GLY 25 
101 1 Y 1 E GLN -3  ? B GLN 26 
102 1 Y 1 E TYR -2  ? B TYR 27 
103 1 Y 1 E MET -1  ? B MET 28 
104 1 Y 1 E PRO 0   ? B PRO 29 
105 1 Y 1 E ASN 1   ? B ASN 30 
106 1 Y 1 E GLY 2   ? B GLY 31 
107 1 Y 1 E TRP 3   ? B TRP 32 
108 1 Y 1 E GLN 4   ? B GLN 33 
109 1 Y 1 E VAL 5   ? B VAL 34 
110 1 Y 1 E PRO 6   ? B PRO 35 
111 1 Y 1 E ALA 7   ? B ALA 36 
112 1 Y 1 E TYR 8   ? B TYR 37 
113 1 Y 1 E GLY 9   ? B GLY 38 
114 1 Y 1 E SER 26  ? B SER 55 
115 1 Y 1 E ALA 27  ? B ALA 56 
116 1 Y 1 E PRO 28  ? B PRO 57 
117 1 Y 1 E TRP 29  ? B TRP 58 
118 1 Y 1 E MET 30  ? B MET 59 
119 1 Y 1 E ARG 31  ? B ARG 60 
120 1 Y 1 E PRO 32  ? B PRO 61 
121 1 Y 1 E ASN 33  ? B ASN 62 
122 1 Y 1 E TYR 34  ? B TYR 63 
123 1 Y 1 E GLY 35  ? B GLY 64 
124 1 Y 1 E VAL 36  ? B VAL 65 
125 1 Y 1 E GLN 37  ? B GLN 66 
126 1 Y 1 E PRO 38  ? B PRO 67 
127 1 Y 1 E PRO 39  ? B PRO 68 
128 1 Y 1 E GLN 40  ? B GLN 69 
129 1 Y 1 E GLY 41  ? B GLY 70 
130 1 Y 1 E GLN 42  ? B GLN 71 
131 1 Y 1 E ASN 43  ? B ASN 72 
132 1 Y 1 E GLY 44  ? B GLY 73 
133 1 Y 1 E SER 45  ? B SER 74 
134 1 Y 1 E MET 46  ? B MET 75 
135 1 Y 1 E LEU 47  ? B LEU 76 
136 1 Y 1 E PRO 48  ? B PRO 77 
137 1 Y 1 E ASN 49  ? B ASN 78 
138 1 Y 1 E GLN 50  ? B GLN 79 
139 1 Y 1 E PRO 51  ? B PRO 80 
140 1 Y 1 E SER 52  ? B SER 81 
141 1 Y 1 E GLY 53  ? B GLY 82 
142 1 Y 1 E TYR 54  ? B TYR 83 
143 1 Y 1 E ARG 55  ? B ARG 84 
144 1 Y 1 E VAL 56  ? B VAL 85 
145 1 Y 1 E ALA 57  ? B ALA 86 
146 1 Y 1 E GLY 58  ? B GLY 87 
147 1 Y 1 E TYR 59  ? B TYR 88 
148 1 Y 1 E GLU 60  ? B GLU 89 
149 1 Y 1 E THR 61  ? B THR 90 
150 1 Y 1 E GLN 62  ? B GLN 91 
151 1 Y 1 A MET -28 ? C MET 1  
152 1 Y 1 A GLY -27 ? C GLY 2  
153 1 Y 1 A SER -26 ? C SER 3  
154 1 Y 1 A SER -25 ? C SER 4  
155 1 Y 1 A HIS -24 ? C HIS 5  
156 1 Y 1 A HIS -23 ? C HIS 6  
157 1 Y 1 A HIS -22 ? C HIS 7  
158 1 Y 1 A HIS -21 ? C HIS 8  
159 1 Y 1 A HIS -20 ? C HIS 9  
160 1 Y 1 A HIS -19 ? C HIS 10 
161 1 Y 1 A HIS -18 ? C HIS 11 
162 1 Y 1 A HIS -17 ? C HIS 12 
163 1 Y 1 A HIS -16 ? C HIS 13 
164 1 Y 1 A HIS -15 ? C HIS 14 
165 1 Y 1 A HIS -14 ? C HIS 15 
166 1 Y 1 A HIS -13 ? C HIS 16 
167 1 Y 1 A SER -12 ? C SER 17 
168 1 Y 1 A GLU -11 ? C GLU 18 
169 1 Y 1 A ASN -10 ? C ASN 19 
170 1 Y 1 A LEU -9  ? C LEU 20 
171 1 Y 1 A TYR -8  ? C TYR 21 
172 1 Y 1 A PHE -7  ? C PHE 22 
173 1 Y 1 A GLN -6  ? C GLN 23 
174 1 Y 1 A GLY -5  ? C GLY 24 
175 1 Y 1 A GLY -4  ? C GLY 25 
176 1 Y 1 A GLN -3  ? C GLN 26 
177 1 Y 1 A TYR -2  ? C TYR 27 
178 1 Y 1 A MET -1  ? C MET 28 
179 1 Y 1 A PRO 0   ? C PRO 29 
180 1 Y 1 A ASN 1   ? C ASN 30 
181 1 Y 1 A GLY 2   ? C GLY 31 
182 1 Y 1 A TRP 3   ? C TRP 32 
183 1 Y 1 A GLN 4   ? C GLN 33 
184 1 Y 1 A VAL 5   ? C VAL 34 
185 1 Y 1 A PRO 6   ? C PRO 35 
186 1 Y 1 A ALA 7   ? C ALA 36 
187 1 Y 1 A TYR 8   ? C TYR 37 
188 1 Y 1 A GLY 9   ? C GLY 38 
189 1 Y 1 A SER 26  ? C SER 55 
190 1 Y 1 A ALA 27  ? C ALA 56 
191 1 Y 1 A PRO 28  ? C PRO 57 
192 1 Y 1 A TRP 29  ? C TRP 58 
193 1 Y 1 A MET 30  ? C MET 59 
194 1 Y 1 A ARG 31  ? C ARG 60 
195 1 Y 1 A PRO 32  ? C PRO 61 
196 1 Y 1 A ASN 33  ? C ASN 62 
197 1 Y 1 A TYR 34  ? C TYR 63 
198 1 Y 1 A GLY 35  ? C GLY 64 
199 1 Y 1 A VAL 36  ? C VAL 65 
200 1 Y 1 A GLN 37  ? C GLN 66 
201 1 Y 1 A PRO 38  ? C PRO 67 
202 1 Y 1 A PRO 39  ? C PRO 68 
203 1 Y 1 A GLN 40  ? C GLN 69 
204 1 Y 1 A GLY 41  ? C GLY 70 
205 1 Y 1 A GLN 42  ? C GLN 71 
206 1 Y 1 A ASN 43  ? C ASN 72 
207 1 Y 1 A GLY 44  ? C GLY 73 
208 1 Y 1 A SER 45  ? C SER 74 
209 1 Y 1 A MET 46  ? C MET 75 
210 1 Y 1 A LEU 47  ? C LEU 76 
211 1 Y 1 A PRO 48  ? C PRO 77 
212 1 Y 1 A ASN 49  ? C ASN 78 
213 1 Y 1 A GLN 50  ? C GLN 79 
214 1 Y 1 A PRO 51  ? C PRO 80 
215 1 Y 1 A SER 52  ? C SER 81 
216 1 Y 1 A GLY 53  ? C GLY 82 
217 1 Y 1 A TYR 54  ? C TYR 83 
218 1 Y 1 A ARG 55  ? C ARG 84 
219 1 Y 1 A VAL 56  ? C VAL 85 
220 1 Y 1 A ALA 57  ? C ALA 86 
221 1 Y 1 A GLY 58  ? C GLY 87 
222 1 Y 1 A TYR 59  ? C TYR 88 
223 1 Y 1 A GLU 60  ? C GLU 89 
224 1 Y 1 A THR 61  ? C THR 90 
225 1 Y 1 A GLN 62  ? C GLN 91 
226 1 Y 1 D MET -28 ? D MET 1  
227 1 Y 1 D GLY -27 ? D GLY 2  
228 1 Y 1 D SER -26 ? D SER 3  
229 1 Y 1 D SER -25 ? D SER 4  
230 1 Y 1 D HIS -24 ? D HIS 5  
231 1 Y 1 D HIS -23 ? D HIS 6  
232 1 Y 1 D HIS -22 ? D HIS 7  
233 1 Y 1 D HIS -21 ? D HIS 8  
234 1 Y 1 D HIS -20 ? D HIS 9  
235 1 Y 1 D HIS -19 ? D HIS 10 
236 1 Y 1 D HIS -18 ? D HIS 11 
237 1 Y 1 D HIS -17 ? D HIS 12 
238 1 Y 1 D HIS -16 ? D HIS 13 
239 1 Y 1 D HIS -15 ? D HIS 14 
240 1 Y 1 D HIS -14 ? D HIS 15 
241 1 Y 1 D HIS -13 ? D HIS 16 
242 1 Y 1 D SER -12 ? D SER 17 
243 1 Y 1 D GLU -11 ? D GLU 18 
244 1 Y 1 D ASN -10 ? D ASN 19 
245 1 Y 1 D LEU -9  ? D LEU 20 
246 1 Y 1 D TYR -8  ? D TYR 21 
247 1 Y 1 D PHE -7  ? D PHE 22 
248 1 Y 1 D GLN -6  ? D GLN 23 
249 1 Y 1 D GLY -5  ? D GLY 24 
250 1 Y 1 D GLY -4  ? D GLY 25 
251 1 Y 1 D GLN -3  ? D GLN 26 
252 1 Y 1 D TYR -2  ? D TYR 27 
253 1 Y 1 D MET -1  ? D MET 28 
254 1 Y 1 D PRO 0   ? D PRO 29 
255 1 Y 1 D ASN 1   ? D ASN 30 
256 1 Y 1 D GLY 2   ? D GLY 31 
257 1 Y 1 D TRP 3   ? D TRP 32 
258 1 Y 1 D GLN 4   ? D GLN 33 
259 1 Y 1 D VAL 5   ? D VAL 34 
260 1 Y 1 D PRO 6   ? D PRO 35 
261 1 Y 1 D ALA 7   ? D ALA 36 
262 1 Y 1 D TYR 8   ? D TYR 37 
263 1 Y 1 D GLY 9   ? D GLY 38 
264 1 Y 1 D SER 26  ? D SER 55 
265 1 Y 1 D ALA 27  ? D ALA 56 
266 1 Y 1 D PRO 28  ? D PRO 57 
267 1 Y 1 D TRP 29  ? D TRP 58 
268 1 Y 1 D MET 30  ? D MET 59 
269 1 Y 1 D ARG 31  ? D ARG 60 
270 1 Y 1 D PRO 32  ? D PRO 61 
271 1 Y 1 D ASN 33  ? D ASN 62 
272 1 Y 1 D TYR 34  ? D TYR 63 
273 1 Y 1 D GLY 35  ? D GLY 64 
274 1 Y 1 D VAL 36  ? D VAL 65 
275 1 Y 1 D GLN 37  ? D GLN 66 
276 1 Y 1 D PRO 38  ? D PRO 67 
277 1 Y 1 D PRO 39  ? D PRO 68 
278 1 Y 1 D GLN 40  ? D GLN 69 
279 1 Y 1 D GLY 41  ? D GLY 70 
280 1 Y 1 D GLN 42  ? D GLN 71 
281 1 Y 1 D ASN 43  ? D ASN 72 
282 1 Y 1 D GLY 44  ? D GLY 73 
283 1 Y 1 D SER 45  ? D SER 74 
284 1 Y 1 D MET 46  ? D MET 75 
285 1 Y 1 D LEU 47  ? D LEU 76 
286 1 Y 1 D PRO 48  ? D PRO 77 
287 1 Y 1 D ASN 49  ? D ASN 78 
288 1 Y 1 D GLN 50  ? D GLN 79 
289 1 Y 1 D PRO 51  ? D PRO 80 
290 1 Y 1 D SER 52  ? D SER 81 
291 1 Y 1 D GLY 53  ? D GLY 82 
292 1 Y 1 D TYR 54  ? D TYR 83 
293 1 Y 1 D ARG 55  ? D ARG 84 
294 1 Y 1 D VAL 56  ? D VAL 85 
295 1 Y 1 D ALA 57  ? D ALA 86 
296 1 Y 1 D GLY 58  ? D GLY 87 
297 1 Y 1 D TYR 59  ? D TYR 88 
298 1 Y 1 D GLU 60  ? D GLU 89 
299 1 Y 1 D THR 61  ? D THR 90 
300 1 Y 1 D GLN 62  ? D GLN 91 
301 1 Y 1 C MET -28 ? E MET 1  
302 1 Y 1 C GLY -27 ? E GLY 2  
303 1 Y 1 C SER -26 ? E SER 3  
304 1 Y 1 C SER -25 ? E SER 4  
305 1 Y 1 C HIS -24 ? E HIS 5  
306 1 Y 1 C HIS -23 ? E HIS 6  
307 1 Y 1 C HIS -22 ? E HIS 7  
308 1 Y 1 C HIS -21 ? E HIS 8  
309 1 Y 1 C HIS -20 ? E HIS 9  
310 1 Y 1 C HIS -19 ? E HIS 10 
311 1 Y 1 C HIS -18 ? E HIS 11 
312 1 Y 1 C HIS -17 ? E HIS 12 
313 1 Y 1 C HIS -16 ? E HIS 13 
314 1 Y 1 C HIS -15 ? E HIS 14 
315 1 Y 1 C HIS -14 ? E HIS 15 
316 1 Y 1 C HIS -13 ? E HIS 16 
317 1 Y 1 C SER -12 ? E SER 17 
318 1 Y 1 C GLU -11 ? E GLU 18 
319 1 Y 1 C ASN -10 ? E ASN 19 
320 1 Y 1 C LEU -9  ? E LEU 20 
321 1 Y 1 C TYR -8  ? E TYR 21 
322 1 Y 1 C PHE -7  ? E PHE 22 
323 1 Y 1 C GLN -6  ? E GLN 23 
324 1 Y 1 C GLY -5  ? E GLY 24 
325 1 Y 1 C GLY -4  ? E GLY 25 
326 1 Y 1 C GLN -3  ? E GLN 26 
327 1 Y 1 C TYR -2  ? E TYR 27 
328 1 Y 1 C MET -1  ? E MET 28 
329 1 Y 1 C PRO 0   ? E PRO 29 
330 1 Y 1 C ASN 1   ? E ASN 30 
331 1 Y 1 C GLY 2   ? E GLY 31 
332 1 Y 1 C TRP 3   ? E TRP 32 
333 1 Y 1 C GLN 4   ? E GLN 33 
334 1 Y 1 C VAL 5   ? E VAL 34 
335 1 Y 1 C PRO 6   ? E PRO 35 
336 1 Y 1 C ALA 7   ? E ALA 36 
337 1 Y 1 C TYR 8   ? E TYR 37 
338 1 Y 1 C GLY 9   ? E GLY 38 
339 1 Y 1 C SER 26  ? E SER 55 
340 1 Y 1 C ALA 27  ? E ALA 56 
341 1 Y 1 C PRO 28  ? E PRO 57 
342 1 Y 1 C TRP 29  ? E TRP 58 
343 1 Y 1 C MET 30  ? E MET 59 
344 1 Y 1 C ARG 31  ? E ARG 60 
345 1 Y 1 C PRO 32  ? E PRO 61 
346 1 Y 1 C ASN 33  ? E ASN 62 
347 1 Y 1 C TYR 34  ? E TYR 63 
348 1 Y 1 C GLY 35  ? E GLY 64 
349 1 Y 1 C VAL 36  ? E VAL 65 
350 1 Y 1 C GLN 37  ? E GLN 66 
351 1 Y 1 C PRO 38  ? E PRO 67 
352 1 Y 1 C PRO 39  ? E PRO 68 
353 1 Y 1 C GLN 40  ? E GLN 69 
354 1 Y 1 C GLY 41  ? E GLY 70 
355 1 Y 1 C GLN 42  ? E GLN 71 
356 1 Y 1 C ASN 43  ? E ASN 72 
357 1 Y 1 C GLY 44  ? E GLY 73 
358 1 Y 1 C SER 45  ? E SER 74 
359 1 Y 1 C MET 46  ? E MET 75 
360 1 Y 1 C LEU 47  ? E LEU 76 
361 1 Y 1 C PRO 48  ? E PRO 77 
362 1 Y 1 C ASN 49  ? E ASN 78 
363 1 Y 1 C GLN 50  ? E GLN 79 
364 1 Y 1 C PRO 51  ? E PRO 80 
365 1 Y 1 C SER 52  ? E SER 81 
366 1 Y 1 C GLY 53  ? E GLY 82 
367 1 Y 1 C TYR 54  ? E TYR 83 
368 1 Y 1 C ARG 55  ? E ARG 84 
369 1 Y 1 C VAL 56  ? E VAL 85 
370 1 Y 1 C ALA 57  ? E ALA 86 
371 1 Y 1 C GLY 58  ? E GLY 87 
372 1 Y 1 C TYR 59  ? E TYR 88 
373 1 Y 1 C GLU 60  ? E GLU 89 
374 1 Y 1 C THR 61  ? E THR 90 
375 1 Y 1 C GLN 62  ? E GLN 91 
376 1 Y 1 F MET -28 ? F MET 1  
377 1 Y 1 F GLY -27 ? F GLY 2  
378 1 Y 1 F SER -26 ? F SER 3  
379 1 Y 1 F SER -25 ? F SER 4  
380 1 Y 1 F HIS -24 ? F HIS 5  
381 1 Y 1 F HIS -23 ? F HIS 6  
382 1 Y 1 F HIS -22 ? F HIS 7  
383 1 Y 1 F HIS -21 ? F HIS 8  
384 1 Y 1 F HIS -20 ? F HIS 9  
385 1 Y 1 F HIS -19 ? F HIS 10 
386 1 Y 1 F HIS -18 ? F HIS 11 
387 1 Y 1 F HIS -17 ? F HIS 12 
388 1 Y 1 F HIS -16 ? F HIS 13 
389 1 Y 1 F HIS -15 ? F HIS 14 
390 1 Y 1 F HIS -14 ? F HIS 15 
391 1 Y 1 F HIS -13 ? F HIS 16 
392 1 Y 1 F SER -12 ? F SER 17 
393 1 Y 1 F GLU -11 ? F GLU 18 
394 1 Y 1 F ASN -10 ? F ASN 19 
395 1 Y 1 F LEU -9  ? F LEU 20 
396 1 Y 1 F TYR -8  ? F TYR 21 
397 1 Y 1 F PHE -7  ? F PHE 22 
398 1 Y 1 F GLN -6  ? F GLN 23 
399 1 Y 1 F GLY -5  ? F GLY 24 
400 1 Y 1 F GLY -4  ? F GLY 25 
401 1 Y 1 F GLN -3  ? F GLN 26 
402 1 Y 1 F TYR -2  ? F TYR 27 
403 1 Y 1 F MET -1  ? F MET 28 
404 1 Y 1 F PRO 0   ? F PRO 29 
405 1 Y 1 F ASN 1   ? F ASN 30 
406 1 Y 1 F GLY 2   ? F GLY 31 
407 1 Y 1 F TRP 3   ? F TRP 32 
408 1 Y 1 F GLN 4   ? F GLN 33 
409 1 Y 1 F VAL 5   ? F VAL 34 
410 1 Y 1 F PRO 6   ? F PRO 35 
411 1 Y 1 F ALA 7   ? F ALA 36 
412 1 Y 1 F TYR 8   ? F TYR 37 
413 1 Y 1 F GLY 9   ? F GLY 38 
414 1 Y 1 F SER 26  ? F SER 55 
415 1 Y 1 F ALA 27  ? F ALA 56 
416 1 Y 1 F PRO 28  ? F PRO 57 
417 1 Y 1 F TRP 29  ? F TRP 58 
418 1 Y 1 F MET 30  ? F MET 59 
419 1 Y 1 F ARG 31  ? F ARG 60 
420 1 Y 1 F PRO 32  ? F PRO 61 
421 1 Y 1 F ASN 33  ? F ASN 62 
422 1 Y 1 F TYR 34  ? F TYR 63 
423 1 Y 1 F GLY 35  ? F GLY 64 
424 1 Y 1 F VAL 36  ? F VAL 65 
425 1 Y 1 F GLN 37  ? F GLN 66 
426 1 Y 1 F PRO 38  ? F PRO 67 
427 1 Y 1 F PRO 39  ? F PRO 68 
428 1 Y 1 F GLN 40  ? F GLN 69 
429 1 Y 1 F GLY 41  ? F GLY 70 
430 1 Y 1 F GLN 42  ? F GLN 71 
431 1 Y 1 F ASN 43  ? F ASN 72 
432 1 Y 1 F GLY 44  ? F GLY 73 
433 1 Y 1 F SER 45  ? F SER 74 
434 1 Y 1 F MET 46  ? F MET 75 
435 1 Y 1 F LEU 47  ? F LEU 76 
436 1 Y 1 F PRO 48  ? F PRO 77 
437 1 Y 1 F ASN 49  ? F ASN 78 
438 1 Y 1 F GLN 50  ? F GLN 79 
439 1 Y 1 F PRO 51  ? F PRO 80 
440 1 Y 1 F SER 52  ? F SER 81 
441 1 Y 1 F GLY 53  ? F GLY 82 
442 1 Y 1 F TYR 54  ? F TYR 83 
443 1 Y 1 F ARG 55  ? F ARG 84 
444 1 Y 1 F VAL 56  ? F VAL 85 
445 1 Y 1 F ALA 57  ? F ALA 86 
446 1 Y 1 F GLY 58  ? F GLY 87 
447 1 Y 1 F TYR 59  ? F TYR 88 
448 1 Y 1 F GLU 60  ? F GLU 89 
449 1 Y 1 F THR 61  ? F THR 90 
450 1 Y 1 F GLN 62  ? F GLN 91 
# 
loop_
_chem_comp_atom.comp_id 
_chem_comp_atom.atom_id 
_chem_comp_atom.type_symbol 
_chem_comp_atom.pdbx_aromatic_flag 
_chem_comp_atom.pdbx_stereo_config 
_chem_comp_atom.pdbx_ordinal 
ALA N    N N N 1   
ALA CA   C N S 2   
ALA C    C N N 3   
ALA O    O N N 4   
ALA CB   C N N 5   
ALA OXT  O N N 6   
ALA H    H N N 7   
ALA H2   H N N 8   
ALA HA   H N N 9   
ALA HB1  H N N 10  
ALA HB2  H N N 11  
ALA HB3  H N N 12  
ALA HXT  H N N 13  
ARG N    N N N 14  
ARG CA   C N S 15  
ARG C    C N N 16  
ARG O    O N N 17  
ARG CB   C N N 18  
ARG CG   C N N 19  
ARG CD   C N N 20  
ARG NE   N N N 21  
ARG CZ   C N N 22  
ARG NH1  N N N 23  
ARG NH2  N N N 24  
ARG OXT  O N N 25  
ARG H    H N N 26  
ARG H2   H N N 27  
ARG HA   H N N 28  
ARG HB2  H N N 29  
ARG HB3  H N N 30  
ARG HG2  H N N 31  
ARG HG3  H N N 32  
ARG HD2  H N N 33  
ARG HD3  H N N 34  
ARG HE   H N N 35  
ARG HH11 H N N 36  
ARG HH12 H N N 37  
ARG HH21 H N N 38  
ARG HH22 H N N 39  
ARG HXT  H N N 40  
ASN N    N N N 41  
ASN CA   C N S 42  
ASN C    C N N 43  
ASN O    O N N 44  
ASN CB   C N N 45  
ASN CG   C N N 46  
ASN OD1  O N N 47  
ASN ND2  N N N 48  
ASN OXT  O N N 49  
ASN H    H N N 50  
ASN H2   H N N 51  
ASN HA   H N N 52  
ASN HB2  H N N 53  
ASN HB3  H N N 54  
ASN HD21 H N N 55  
ASN HD22 H N N 56  
ASN HXT  H N N 57  
GLN N    N N N 58  
GLN CA   C N S 59  
GLN C    C N N 60  
GLN O    O N N 61  
GLN CB   C N N 62  
GLN CG   C N N 63  
GLN CD   C N N 64  
GLN OE1  O N N 65  
GLN NE2  N N N 66  
GLN OXT  O N N 67  
GLN H    H N N 68  
GLN H2   H N N 69  
GLN HA   H N N 70  
GLN HB2  H N N 71  
GLN HB3  H N N 72  
GLN HG2  H N N 73  
GLN HG3  H N N 74  
GLN HE21 H N N 75  
GLN HE22 H N N 76  
GLN HXT  H N N 77  
GLU N    N N N 78  
GLU CA   C N S 79  
GLU C    C N N 80  
GLU O    O N N 81  
GLU CB   C N N 82  
GLU CG   C N N 83  
GLU CD   C N N 84  
GLU OE1  O N N 85  
GLU OE2  O N N 86  
GLU OXT  O N N 87  
GLU H    H N N 88  
GLU H2   H N N 89  
GLU HA   H N N 90  
GLU HB2  H N N 91  
GLU HB3  H N N 92  
GLU HG2  H N N 93  
GLU HG3  H N N 94  
GLU HE2  H N N 95  
GLU HXT  H N N 96  
GLY N    N N N 97  
GLY CA   C N N 98  
GLY C    C N N 99  
GLY O    O N N 100 
GLY OXT  O N N 101 
GLY H    H N N 102 
GLY H2   H N N 103 
GLY HA2  H N N 104 
GLY HA3  H N N 105 
GLY HXT  H N N 106 
HIS N    N N N 107 
HIS CA   C N S 108 
HIS C    C N N 109 
HIS O    O N N 110 
HIS CB   C N N 111 
HIS CG   C Y N 112 
HIS ND1  N Y N 113 
HIS CD2  C Y N 114 
HIS CE1  C Y N 115 
HIS NE2  N Y N 116 
HIS OXT  O N N 117 
HIS H    H N N 118 
HIS H2   H N N 119 
HIS HA   H N N 120 
HIS HB2  H N N 121 
HIS HB3  H N N 122 
HIS HD1  H N N 123 
HIS HD2  H N N 124 
HIS HE1  H N N 125 
HIS HE2  H N N 126 
HIS HXT  H N N 127 
LEU N    N N N 128 
LEU CA   C N S 129 
LEU C    C N N 130 
LEU O    O N N 131 
LEU CB   C N N 132 
LEU CG   C N N 133 
LEU CD1  C N N 134 
LEU CD2  C N N 135 
LEU OXT  O N N 136 
LEU H    H N N 137 
LEU H2   H N N 138 
LEU HA   H N N 139 
LEU HB2  H N N 140 
LEU HB3  H N N 141 
LEU HG   H N N 142 
LEU HD11 H N N 143 
LEU HD12 H N N 144 
LEU HD13 H N N 145 
LEU HD21 H N N 146 
LEU HD22 H N N 147 
LEU HD23 H N N 148 
LEU HXT  H N N 149 
MET N    N N N 150 
MET CA   C N S 151 
MET C    C N N 152 
MET O    O N N 153 
MET CB   C N N 154 
MET CG   C N N 155 
MET SD   S N N 156 
MET CE   C N N 157 
MET OXT  O N N 158 
MET H    H N N 159 
MET H2   H N N 160 
MET HA   H N N 161 
MET HB2  H N N 162 
MET HB3  H N N 163 
MET HG2  H N N 164 
MET HG3  H N N 165 
MET HE1  H N N 166 
MET HE2  H N N 167 
MET HE3  H N N 168 
MET HXT  H N N 169 
PHE N    N N N 170 
PHE CA   C N S 171 
PHE C    C N N 172 
PHE O    O N N 173 
PHE CB   C N N 174 
PHE CG   C Y N 175 
PHE CD1  C Y N 176 
PHE CD2  C Y N 177 
PHE CE1  C Y N 178 
PHE CE2  C Y N 179 
PHE CZ   C Y N 180 
PHE OXT  O N N 181 
PHE H    H N N 182 
PHE H2   H N N 183 
PHE HA   H N N 184 
PHE HB2  H N N 185 
PHE HB3  H N N 186 
PHE HD1  H N N 187 
PHE HD2  H N N 188 
PHE HE1  H N N 189 
PHE HE2  H N N 190 
PHE HZ   H N N 191 
PHE HXT  H N N 192 
PRO N    N N N 193 
PRO CA   C N S 194 
PRO C    C N N 195 
PRO O    O N N 196 
PRO CB   C N N 197 
PRO CG   C N N 198 
PRO CD   C N N 199 
PRO OXT  O N N 200 
PRO H    H N N 201 
PRO HA   H N N 202 
PRO HB2  H N N 203 
PRO HB3  H N N 204 
PRO HG2  H N N 205 
PRO HG3  H N N 206 
PRO HD2  H N N 207 
PRO HD3  H N N 208 
PRO HXT  H N N 209 
SER N    N N N 210 
SER CA   C N S 211 
SER C    C N N 212 
SER O    O N N 213 
SER CB   C N N 214 
SER OG   O N N 215 
SER OXT  O N N 216 
SER H    H N N 217 
SER H2   H N N 218 
SER HA   H N N 219 
SER HB2  H N N 220 
SER HB3  H N N 221 
SER HG   H N N 222 
SER HXT  H N N 223 
THR N    N N N 224 
THR CA   C N S 225 
THR C    C N N 226 
THR O    O N N 227 
THR CB   C N R 228 
THR OG1  O N N 229 
THR CG2  C N N 230 
THR OXT  O N N 231 
THR H    H N N 232 
THR H2   H N N 233 
THR HA   H N N 234 
THR HB   H N N 235 
THR HG1  H N N 236 
THR HG21 H N N 237 
THR HG22 H N N 238 
THR HG23 H N N 239 
THR HXT  H N N 240 
TRP N    N N N 241 
TRP CA   C N S 242 
TRP C    C N N 243 
TRP O    O N N 244 
TRP CB   C N N 245 
TRP CG   C Y N 246 
TRP CD1  C Y N 247 
TRP CD2  C Y N 248 
TRP NE1  N Y N 249 
TRP CE2  C Y N 250 
TRP CE3  C Y N 251 
TRP CZ2  C Y N 252 
TRP CZ3  C Y N 253 
TRP CH2  C Y N 254 
TRP OXT  O N N 255 
TRP H    H N N 256 
TRP H2   H N N 257 
TRP HA   H N N 258 
TRP HB2  H N N 259 
TRP HB3  H N N 260 
TRP HD1  H N N 261 
TRP HE1  H N N 262 
TRP HE3  H N N 263 
TRP HZ2  H N N 264 
TRP HZ3  H N N 265 
TRP HH2  H N N 266 
TRP HXT  H N N 267 
TYR N    N N N 268 
TYR CA   C N S 269 
TYR C    C N N 270 
TYR O    O N N 271 
TYR CB   C N N 272 
TYR CG   C Y N 273 
TYR CD1  C Y N 274 
TYR CD2  C Y N 275 
TYR CE1  C Y N 276 
TYR CE2  C Y N 277 
TYR CZ   C Y N 278 
TYR OH   O N N 279 
TYR OXT  O N N 280 
TYR H    H N N 281 
TYR H2   H N N 282 
TYR HA   H N N 283 
TYR HB2  H N N 284 
TYR HB3  H N N 285 
TYR HD1  H N N 286 
TYR HD2  H N N 287 
TYR HE1  H N N 288 
TYR HE2  H N N 289 
TYR HH   H N N 290 
TYR HXT  H N N 291 
VAL N    N N N 292 
VAL CA   C N S 293 
VAL C    C N N 294 
VAL O    O N N 295 
VAL CB   C N N 296 
VAL CG1  C N N 297 
VAL CG2  C N N 298 
VAL OXT  O N N 299 
VAL H    H N N 300 
VAL H2   H N N 301 
VAL HA   H N N 302 
VAL HB   H N N 303 
VAL HG11 H N N 304 
VAL HG12 H N N 305 
VAL HG13 H N N 306 
VAL HG21 H N N 307 
VAL HG22 H N N 308 
VAL HG23 H N N 309 
VAL HXT  H N N 310 
# 
loop_
_chem_comp_bond.comp_id 
_chem_comp_bond.atom_id_1 
_chem_comp_bond.atom_id_2 
_chem_comp_bond.value_order 
_chem_comp_bond.pdbx_aromatic_flag 
_chem_comp_bond.pdbx_stereo_config 
_chem_comp_bond.pdbx_ordinal 
ALA N   CA   sing N N 1   
ALA N   H    sing N N 2   
ALA N   H2   sing N N 3   
ALA CA  C    sing N N 4   
ALA CA  CB   sing N N 5   
ALA CA  HA   sing N N 6   
ALA C   O    doub N N 7   
ALA C   OXT  sing N N 8   
ALA CB  HB1  sing N N 9   
ALA CB  HB2  sing N N 10  
ALA CB  HB3  sing N N 11  
ALA OXT HXT  sing N N 12  
ARG N   CA   sing N N 13  
ARG N   H    sing N N 14  
ARG N   H2   sing N N 15  
ARG CA  C    sing N N 16  
ARG CA  CB   sing N N 17  
ARG CA  HA   sing N N 18  
ARG C   O    doub N N 19  
ARG C   OXT  sing N N 20  
ARG CB  CG   sing N N 21  
ARG CB  HB2  sing N N 22  
ARG CB  HB3  sing N N 23  
ARG CG  CD   sing N N 24  
ARG CG  HG2  sing N N 25  
ARG CG  HG3  sing N N 26  
ARG CD  NE   sing N N 27  
ARG CD  HD2  sing N N 28  
ARG CD  HD3  sing N N 29  
ARG NE  CZ   sing N N 30  
ARG NE  HE   sing N N 31  
ARG CZ  NH1  sing N N 32  
ARG CZ  NH2  doub N N 33  
ARG NH1 HH11 sing N N 34  
ARG NH1 HH12 sing N N 35  
ARG NH2 HH21 sing N N 36  
ARG NH2 HH22 sing N N 37  
ARG OXT HXT  sing N N 38  
ASN N   CA   sing N N 39  
ASN N   H    sing N N 40  
ASN N   H2   sing N N 41  
ASN CA  C    sing N N 42  
ASN CA  CB   sing N N 43  
ASN CA  HA   sing N N 44  
ASN C   O    doub N N 45  
ASN C   OXT  sing N N 46  
ASN CB  CG   sing N N 47  
ASN CB  HB2  sing N N 48  
ASN CB  HB3  sing N N 49  
ASN CG  OD1  doub N N 50  
ASN CG  ND2  sing N N 51  
ASN ND2 HD21 sing N N 52  
ASN ND2 HD22 sing N N 53  
ASN OXT HXT  sing N N 54  
GLN N   CA   sing N N 55  
GLN N   H    sing N N 56  
GLN N   H2   sing N N 57  
GLN CA  C    sing N N 58  
GLN CA  CB   sing N N 59  
GLN CA  HA   sing N N 60  
GLN C   O    doub N N 61  
GLN C   OXT  sing N N 62  
GLN CB  CG   sing N N 63  
GLN CB  HB2  sing N N 64  
GLN CB  HB3  sing N N 65  
GLN CG  CD   sing N N 66  
GLN CG  HG2  sing N N 67  
GLN CG  HG3  sing N N 68  
GLN CD  OE1  doub N N 69  
GLN CD  NE2  sing N N 70  
GLN NE2 HE21 sing N N 71  
GLN NE2 HE22 sing N N 72  
GLN OXT HXT  sing N N 73  
GLU N   CA   sing N N 74  
GLU N   H    sing N N 75  
GLU N   H2   sing N N 76  
GLU CA  C    sing N N 77  
GLU CA  CB   sing N N 78  
GLU CA  HA   sing N N 79  
GLU C   O    doub N N 80  
GLU C   OXT  sing N N 81  
GLU CB  CG   sing N N 82  
GLU CB  HB2  sing N N 83  
GLU CB  HB3  sing N N 84  
GLU CG  CD   sing N N 85  
GLU CG  HG2  sing N N 86  
GLU CG  HG3  sing N N 87  
GLU CD  OE1  doub N N 88  
GLU CD  OE2  sing N N 89  
GLU OE2 HE2  sing N N 90  
GLU OXT HXT  sing N N 91  
GLY N   CA   sing N N 92  
GLY N   H    sing N N 93  
GLY N   H2   sing N N 94  
GLY CA  C    sing N N 95  
GLY CA  HA2  sing N N 96  
GLY CA  HA3  sing N N 97  
GLY C   O    doub N N 98  
GLY C   OXT  sing N N 99  
GLY OXT HXT  sing N N 100 
HIS N   CA   sing N N 101 
HIS N   H    sing N N 102 
HIS N   H2   sing N N 103 
HIS CA  C    sing N N 104 
HIS CA  CB   sing N N 105 
HIS CA  HA   sing N N 106 
HIS C   O    doub N N 107 
HIS C   OXT  sing N N 108 
HIS CB  CG   sing N N 109 
HIS CB  HB2  sing N N 110 
HIS CB  HB3  sing N N 111 
HIS CG  ND1  sing Y N 112 
HIS CG  CD2  doub Y N 113 
HIS ND1 CE1  doub Y N 114 
HIS ND1 HD1  sing N N 115 
HIS CD2 NE2  sing Y N 116 
HIS CD2 HD2  sing N N 117 
HIS CE1 NE2  sing Y N 118 
HIS CE1 HE1  sing N N 119 
HIS NE2 HE2  sing N N 120 
HIS OXT HXT  sing N N 121 
LEU N   CA   sing N N 122 
LEU N   H    sing N N 123 
LEU N   H2   sing N N 124 
LEU CA  C    sing N N 125 
LEU CA  CB   sing N N 126 
LEU CA  HA   sing N N 127 
LEU C   O    doub N N 128 
LEU C   OXT  sing N N 129 
LEU CB  CG   sing N N 130 
LEU CB  HB2  sing N N 131 
LEU CB  HB3  sing N N 132 
LEU CG  CD1  sing N N 133 
LEU CG  CD2  sing N N 134 
LEU CG  HG   sing N N 135 
LEU CD1 HD11 sing N N 136 
LEU CD1 HD12 sing N N 137 
LEU CD1 HD13 sing N N 138 
LEU CD2 HD21 sing N N 139 
LEU CD2 HD22 sing N N 140 
LEU CD2 HD23 sing N N 141 
LEU OXT HXT  sing N N 142 
MET N   CA   sing N N 143 
MET N   H    sing N N 144 
MET N   H2   sing N N 145 
MET CA  C    sing N N 146 
MET CA  CB   sing N N 147 
MET CA  HA   sing N N 148 
MET C   O    doub N N 149 
MET C   OXT  sing N N 150 
MET CB  CG   sing N N 151 
MET CB  HB2  sing N N 152 
MET CB  HB3  sing N N 153 
MET CG  SD   sing N N 154 
MET CG  HG2  sing N N 155 
MET CG  HG3  sing N N 156 
MET SD  CE   sing N N 157 
MET CE  HE1  sing N N 158 
MET CE  HE2  sing N N 159 
MET CE  HE3  sing N N 160 
MET OXT HXT  sing N N 161 
PHE N   CA   sing N N 162 
PHE N   H    sing N N 163 
PHE N   H2   sing N N 164 
PHE CA  C    sing N N 165 
PHE CA  CB   sing N N 166 
PHE CA  HA   sing N N 167 
PHE C   O    doub N N 168 
PHE C   OXT  sing N N 169 
PHE CB  CG   sing N N 170 
PHE CB  HB2  sing N N 171 
PHE CB  HB3  sing N N 172 
PHE CG  CD1  doub Y N 173 
PHE CG  CD2  sing Y N 174 
PHE CD1 CE1  sing Y N 175 
PHE CD1 HD1  sing N N 176 
PHE CD2 CE2  doub Y N 177 
PHE CD2 HD2  sing N N 178 
PHE CE1 CZ   doub Y N 179 
PHE CE1 HE1  sing N N 180 
PHE CE2 CZ   sing Y N 181 
PHE CE2 HE2  sing N N 182 
PHE CZ  HZ   sing N N 183 
PHE OXT HXT  sing N N 184 
PRO N   CA   sing N N 185 
PRO N   CD   sing N N 186 
PRO N   H    sing N N 187 
PRO CA  C    sing N N 188 
PRO CA  CB   sing N N 189 
PRO CA  HA   sing N N 190 
PRO C   O    doub N N 191 
PRO C   OXT  sing N N 192 
PRO CB  CG   sing N N 193 
PRO CB  HB2  sing N N 194 
PRO CB  HB3  sing N N 195 
PRO CG  CD   sing N N 196 
PRO CG  HG2  sing N N 197 
PRO CG  HG3  sing N N 198 
PRO CD  HD2  sing N N 199 
PRO CD  HD3  sing N N 200 
PRO OXT HXT  sing N N 201 
SER N   CA   sing N N 202 
SER N   H    sing N N 203 
SER N   H2   sing N N 204 
SER CA  C    sing N N 205 
SER CA  CB   sing N N 206 
SER CA  HA   sing N N 207 
SER C   O    doub N N 208 
SER C   OXT  sing N N 209 
SER CB  OG   sing N N 210 
SER CB  HB2  sing N N 211 
SER CB  HB3  sing N N 212 
SER OG  HG   sing N N 213 
SER OXT HXT  sing N N 214 
THR N   CA   sing N N 215 
THR N   H    sing N N 216 
THR N   H2   sing N N 217 
THR CA  C    sing N N 218 
THR CA  CB   sing N N 219 
THR CA  HA   sing N N 220 
THR C   O    doub N N 221 
THR C   OXT  sing N N 222 
THR CB  OG1  sing N N 223 
THR CB  CG2  sing N N 224 
THR CB  HB   sing N N 225 
THR OG1 HG1  sing N N 226 
THR CG2 HG21 sing N N 227 
THR CG2 HG22 sing N N 228 
THR CG2 HG23 sing N N 229 
THR OXT HXT  sing N N 230 
TRP N   CA   sing N N 231 
TRP N   H    sing N N 232 
TRP N   H2   sing N N 233 
TRP CA  C    sing N N 234 
TRP CA  CB   sing N N 235 
TRP CA  HA   sing N N 236 
TRP C   O    doub N N 237 
TRP C   OXT  sing N N 238 
TRP CB  CG   sing N N 239 
TRP CB  HB2  sing N N 240 
TRP CB  HB3  sing N N 241 
TRP CG  CD1  doub Y N 242 
TRP CG  CD2  sing Y N 243 
TRP CD1 NE1  sing Y N 244 
TRP CD1 HD1  sing N N 245 
TRP CD2 CE2  doub Y N 246 
TRP CD2 CE3  sing Y N 247 
TRP NE1 CE2  sing Y N 248 
TRP NE1 HE1  sing N N 249 
TRP CE2 CZ2  sing Y N 250 
TRP CE3 CZ3  doub Y N 251 
TRP CE3 HE3  sing N N 252 
TRP CZ2 CH2  doub Y N 253 
TRP CZ2 HZ2  sing N N 254 
TRP CZ3 CH2  sing Y N 255 
TRP CZ3 HZ3  sing N N 256 
TRP CH2 HH2  sing N N 257 
TRP OXT HXT  sing N N 258 
TYR N   CA   sing N N 259 
TYR N   H    sing N N 260 
TYR N   H2   sing N N 261 
TYR CA  C    sing N N 262 
TYR CA  CB   sing N N 263 
TYR CA  HA   sing N N 264 
TYR C   O    doub N N 265 
TYR C   OXT  sing N N 266 
TYR CB  CG   sing N N 267 
TYR CB  HB2  sing N N 268 
TYR CB  HB3  sing N N 269 
TYR CG  CD1  doub Y N 270 
TYR CG  CD2  sing Y N 271 
TYR CD1 CE1  sing Y N 272 
TYR CD1 HD1  sing N N 273 
TYR CD2 CE2  doub Y N 274 
TYR CD2 HD2  sing N N 275 
TYR CE1 CZ   doub Y N 276 
TYR CE1 HE1  sing N N 277 
TYR CE2 CZ   sing Y N 278 
TYR CE2 HE2  sing N N 279 
TYR CZ  OH   sing N N 280 
TYR OH  HH   sing N N 281 
TYR OXT HXT  sing N N 282 
VAL N   CA   sing N N 283 
VAL N   H    sing N N 284 
VAL N   H2   sing N N 285 
VAL CA  C    sing N N 286 
VAL CA  CB   sing N N 287 
VAL CA  HA   sing N N 288 
VAL C   O    doub N N 289 
VAL C   OXT  sing N N 290 
VAL CB  CG1  sing N N 291 
VAL CB  CG2  sing N N 292 
VAL CB  HB   sing N N 293 
VAL CG1 HG11 sing N N 294 
VAL CG1 HG12 sing N N 295 
VAL CG1 HG13 sing N N 296 
VAL CG2 HG21 sing N N 297 
VAL CG2 HG22 sing N N 298 
VAL CG2 HG23 sing N N 299 
VAL OXT HXT  sing N N 300 
# 
_em_admin.current_status     REL 
_em_admin.deposition_date    2024-12-03 
_em_admin.deposition_site    PDBJ 
_em_admin.entry_id           9KTZ 
_em_admin.last_update        2025-12-03 
_em_admin.map_release_date   2025-12-03 
_em_admin.title              'Cryo-EM structure of the TIA-1 prion-like domain amyloid fibril, G355R' 
# 
_em_buffer_component.buffer_id             1 
_em_buffer_component.concentration         0.1 
_em_buffer_component.concentration_units   % 
_em_buffer_component.formula               CF3COOH 
_em_buffer_component.id                    1 
_em_buffer_component.name                  'Trifluoroacetic acid' 
# 
_em_ctf_correction.details                  ? 
_em_ctf_correction.em_image_processing_id   1 
_em_ctf_correction.id                       1 
_em_ctf_correction.type                     'PHASE FLIPPING AND AMPLITUDE CORRECTION' 
# 
_em_entity_assembly_molwt.entity_assembly_id   1 
_em_entity_assembly_molwt.experimental_flag    NO 
_em_entity_assembly_molwt.id                   1 
_em_entity_assembly_molwt.units                ? 
_em_entity_assembly_molwt.value                ? 
# 
_em_entity_assembly_naturalsource.cell                 ? 
_em_entity_assembly_naturalsource.cellular_location    ? 
_em_entity_assembly_naturalsource.entity_assembly_id   1 
_em_entity_assembly_naturalsource.id                   1 
_em_entity_assembly_naturalsource.ncbi_tax_id          9606 
_em_entity_assembly_naturalsource.organism             'Homo sapiens' 
_em_entity_assembly_naturalsource.organelle            ? 
_em_entity_assembly_naturalsource.organ                ? 
_em_entity_assembly_naturalsource.strain               ? 
_em_entity_assembly_naturalsource.tissue               ? 
_em_entity_assembly_naturalsource.details              ? 
# 
_em_entity_assembly_recombinant.cell                 ? 
_em_entity_assembly_recombinant.entity_assembly_id   1 
_em_entity_assembly_recombinant.id                   1 
_em_entity_assembly_recombinant.ncbi_tax_id          562 
_em_entity_assembly_recombinant.organism             'Escherichia coli' 
_em_entity_assembly_recombinant.plasmid              ? 
_em_entity_assembly_recombinant.strain               ? 
# 
_em_helical_entity.id                             1 
_em_helical_entity.image_processing_id            1 
_em_helical_entity.details                        ? 
_em_helical_entity.axial_symmetry                 C1 
_em_helical_entity.angular_rotation_per_subunit   179.29 
_em_helical_entity.axial_rise_per_subunit         2.38 
# 
_em_image_processing.details              ? 
_em_image_processing.id                   1 
_em_image_processing.image_recording_id   1 
# 
_em_image_recording.average_exposure_time               5.353 
_em_image_recording.avg_electron_dose_per_subtomogram   ? 
_em_image_recording.avg_electron_dose_per_image         60 
_em_image_recording.details                             ? 
_em_image_recording.detector_mode                       ? 
_em_image_recording.film_or_detector_model              'GATAN K3 (6k x 4k)' 
_em_image_recording.id                                  1 
_em_image_recording.imaging_id                          1 
_em_image_recording.num_diffraction_images              ? 
_em_image_recording.num_grids_imaged                    ? 
_em_image_recording.num_real_images                     4650 
# 
_em_imaging_optics.chr_aberration_corrector   ? 
_em_imaging_optics.energyfilter_lower         ? 
_em_imaging_optics.energyfilter_slit_width    20 
_em_imaging_optics.energyfilter_name          'In-column Omega Filter' 
_em_imaging_optics.energyfilter_upper         ? 
_em_imaging_optics.id                         1 
_em_imaging_optics.imaging_id                 1 
_em_imaging_optics.phase_plate                ? 
_em_imaging_optics.sph_aberration_corrector   ? 
_em_imaging_optics.details                    ? 
# 
_em_particle_selection.details                  ? 
_em_particle_selection.id                       1 
_em_particle_selection.image_processing_id      1 
_em_particle_selection.method                   ? 
_em_particle_selection.num_particles_selected   610417 
_em_particle_selection.reference_model          ? 
# 
loop_
_em_software.category 
_em_software.details 
_em_software.id 
_em_software.image_processing_id 
_em_software.fitting_id 
_em_software.imaging_id 
_em_software.name 
_em_software.version 
'PARTICLE SELECTION'       ? 1  1 ? ? RELION   3.1             
'IMAGE ACQUISITION'        ? 2  ? ? 1 SerialEM 3.9             
MASKING                    ? 3  ? ? ? ?        ?               
'CTF CORRECTION'           ? 4  1 ? ? CTFFIND  ?               
'LAYERLINE INDEXING'       ? 5  ? ? ? ?        ?               
'DIFFRACTION INDEXING'     ? 6  ? ? ? ?        ?               
'MODEL FITTING'            ? 7  ? 1 ? Coot     0.9.8.5         
OTHER                      ? 8  ? ? ? ?        ?               
'MODEL REFINEMENT'         ? 9  ? 1 ? PHENIX   1.19.2-4158-000 
'INITIAL EULER ASSIGNMENT' ? 10 1 ? ? ?        ?               
'FINAL EULER ASSIGNMENT'   ? 11 1 ? ? ?        ?               
CLASSIFICATION             ? 12 1 ? ? ?        ?               
RECONSTRUCTION             ? 13 1 ? ? RELION   3.1             
# 
_em_specimen.concentration           ? 
_em_specimen.details                 ? 
_em_specimen.embedding_applied       NO 
_em_specimen.experiment_id           1 
_em_specimen.id                      1 
_em_specimen.shadowing_applied       NO 
_em_specimen.staining_applied        NO 
_em_specimen.vitrification_applied   YES 
# 
loop_
_pdbx_audit_support.funding_organization 
_pdbx_audit_support.country 
_pdbx_audit_support.grant_number 
_pdbx_audit_support.ordinal 
'Ministry of Education, Culture, Sports, Science and Technology (Japan)' Japan JP22H05090    1 
'Japan Agency for Medical Research and Development (AMED)'               Japan JP22ama121003 2 
# 
_atom_sites.entry_id                    9KTZ 
_atom_sites.Cartn_transf_matrix[1][1]   ? 
_atom_sites.Cartn_transf_matrix[1][2]   ? 
_atom_sites.Cartn_transf_matrix[1][3]   ? 
_atom_sites.Cartn_transf_matrix[2][1]   ? 
_atom_sites.Cartn_transf_matrix[2][2]   ? 
_atom_sites.Cartn_transf_matrix[2][3]   ? 
_atom_sites.Cartn_transf_matrix[3][1]   ? 
_atom_sites.Cartn_transf_matrix[3][2]   ? 
_atom_sites.Cartn_transf_matrix[3][3]   ? 
_atom_sites.Cartn_transf_vector[1]      ? 
_atom_sites.Cartn_transf_vector[2]      ? 
_atom_sites.Cartn_transf_vector[3]      ? 
_atom_sites.Cartn_transform_axes        ? 
_atom_sites.fract_transf_matrix[1][1]   1.000000 
_atom_sites.fract_transf_matrix[1][2]   0.000000 
_atom_sites.fract_transf_matrix[1][3]   0.000000 
_atom_sites.fract_transf_matrix[2][1]   0.000000 
_atom_sites.fract_transf_matrix[2][2]   1.000000 
_atom_sites.fract_transf_matrix[2][3]   0.000000 
_atom_sites.fract_transf_matrix[3][1]   0.000000 
_atom_sites.fract_transf_matrix[3][2]   0.000000 
_atom_sites.fract_transf_matrix[3][3]   1.000000 
_atom_sites.fract_transf_vector[1]      0.00000 
_atom_sites.fract_transf_vector[2]      0.00000 
_atom_sites.fract_transf_vector[3]      0.00000 
_atom_sites.solution_primary            ? 
_atom_sites.solution_secondary          ? 
_atom_sites.solution_hydrogens          ? 
_atom_sites.special_details             ? 
# 
loop_
_atom_type.symbol 
C 
N 
O 
S 
# 
loop_
_atom_site.group_PDB 
_atom_site.id 
_atom_site.type_symbol 
_atom_site.label_atom_id 
_atom_site.label_alt_id 
_atom_site.label_comp_id 
_atom_site.label_asym_id 
_atom_site.label_entity_id 
_atom_site.label_seq_id 
_atom_site.pdbx_PDB_ins_code 
_atom_site.Cartn_x 
_atom_site.Cartn_y 
_atom_site.Cartn_z 
_atom_site.occupancy 
_atom_site.B_iso_or_equiv 
_atom_site.pdbx_formal_charge 
_atom_site.auth_seq_id 
_atom_site.auth_comp_id 
_atom_site.auth_asym_id 
_atom_site.auth_atom_id 
_atom_site.pdbx_PDB_model_num 
ATOM 1   N N   . MET A 1 39 ? 16.539  1.891   17.888  1.00 102.89 ? 10 MET B N   1 
ATOM 2   C CA  . MET A 1 39 ? 15.916  1.059   16.870  1.00 102.89 ? 10 MET B CA  1 
ATOM 3   C C   . MET A 1 39 ? 16.962  0.618   15.860  1.00 102.89 ? 10 MET B C   1 
ATOM 4   O O   . MET A 1 39 ? 17.900  1.356   15.571  1.00 102.89 ? 10 MET B O   1 
ATOM 5   C CB  . MET A 1 39 ? 14.795  1.815   16.170  1.00 102.89 ? 10 MET B CB  1 
ATOM 6   C CG  . MET A 1 39 ? 14.010  0.987   15.181  1.00 102.89 ? 10 MET B CG  1 
ATOM 7   S SD  . MET A 1 39 ? 12.709  1.956   14.410  1.00 102.89 ? 10 MET B SD  1 
ATOM 8   C CE  . MET A 1 39 ? 11.566  2.126   15.773  1.00 102.89 ? 10 MET B CE  1 
ATOM 9   N N   . TYR A 1 40 ? 16.808  -0.590  15.329  1.00 104.87 ? 11 TYR B N   1 
ATOM 10  C CA  . TYR A 1 40 ? 17.760  -1.162  14.382  1.00 104.87 ? 11 TYR B CA  1 
ATOM 11  C C   . TYR A 1 40 ? 17.047  -1.679  13.136  1.00 104.87 ? 11 TYR B C   1 
ATOM 12  O O   . TYR A 1 40 ? 17.468  -2.654  12.517  1.00 104.87 ? 11 TYR B O   1 
ATOM 13  C CB  . TYR A 1 40 ? 18.546  -2.273  15.060  1.00 104.87 ? 11 TYR B CB  1 
ATOM 14  C CG  . TYR A 1 40 ? 19.458  -1.780  16.151  1.00 104.87 ? 11 TYR B CG  1 
ATOM 15  C CD1 . TYR A 1 40 ? 20.696  -1.250  15.860  1.00 104.87 ? 11 TYR B CD1 1 
ATOM 16  C CD2 . TYR A 1 40 ? 19.031  -1.743  17.462  1.00 104.87 ? 11 TYR B CD2 1 
ATOM 17  C CE1 . TYR A 1 40 ? 21.521  -0.783  16.858  1.00 104.87 ? 11 TYR B CE1 1 
ATOM 18  C CE2 . TYR A 1 40 ? 19.842  -1.265  18.462  1.00 104.87 ? 11 TYR B CE2 1 
ATOM 19  C CZ  . TYR A 1 40 ? 21.086  -0.786  18.157  1.00 104.87 ? 11 TYR B CZ  1 
ATOM 20  O OH  . TYR A 1 40 ? 21.893  -0.307  19.161  1.00 104.87 ? 11 TYR B OH  1 
ATOM 21  N N   . GLY A 1 41 ? 15.967  -1.017  12.755  1.00 97.15  ? 12 GLY B N   1 
ATOM 22  C CA  . GLY A 1 41 ? 15.099  -1.553  11.727  1.00 97.15  ? 12 GLY B CA  1 
ATOM 23  C C   . GLY A 1 41 ? 14.490  -0.505  10.830  1.00 97.15  ? 12 GLY B C   1 
ATOM 24  O O   . GLY A 1 41 ? 15.122  0.500   10.502  1.00 97.15  ? 12 GLY B O   1 
ATOM 25  N N   . GLN A 1 42 ? 13.246  -0.748  10.430  1.00 89.03  ? 13 GLN B N   1 
ATOM 26  C CA  . GLN A 1 42 ? 12.581  0.016   9.384   1.00 89.03  ? 13 GLN B CA  1 
ATOM 27  C C   . GLN A 1 42 ? 11.095  0.102   9.695   1.00 89.03  ? 13 GLN B C   1 
ATOM 28  O O   . GLN A 1 42 ? 10.467  -0.912  10.003  1.00 89.03  ? 13 GLN B O   1 
ATOM 29  C CB  . GLN A 1 42 ? 12.821  -0.651  8.033   1.00 89.03  ? 13 GLN B CB  1 
ATOM 30  C CG  . GLN A 1 42 ? 12.479  -2.126  8.016   1.00 89.03  ? 13 GLN B CG  1 
ATOM 31  C CD  . GLN A 1 42 ? 12.918  -2.807  6.748   1.00 89.03  ? 13 GLN B CD  1 
ATOM 32  O OE1 . GLN A 1 42 ? 13.418  -2.166  5.827   1.00 89.03  ? 13 GLN B OE1 1 
ATOM 33  N NE2 . GLN A 1 42 ? 12.735  -4.116  6.690   1.00 89.03  ? 13 GLN B NE2 1 
ATOM 34  N N   . ALA A 1 43 ? 10.522  1.299   9.603   1.00 85.84  ? 14 ALA B N   1 
ATOM 35  C CA  . ALA A 1 43 ? 9.153   1.503   10.065  1.00 85.84  ? 14 ALA B CA  1 
ATOM 36  C C   . ALA A 1 43 ? 8.428   2.472   9.146   1.00 85.84  ? 14 ALA B C   1 
ATOM 37  O O   . ALA A 1 43 ? 8.712   3.670   9.176   1.00 85.84  ? 14 ALA B O   1 
ATOM 38  C CB  . ALA A 1 43 ? 9.155   2.028   11.495  1.00 85.84  ? 14 ALA B CB  1 
ATOM 39  N N   . TRP A 1 44 ? 7.470   1.985   8.362   1.00 86.19  ? 15 TRP B N   1 
ATOM 40  C CA  . TRP A 1 44 ? 6.655   2.957   7.655   1.00 86.19  ? 15 TRP B CA  1 
ATOM 41  C C   . TRP A 1 44 ? 5.398   3.301   8.439   1.00 86.19  ? 15 TRP B C   1 
ATOM 42  O O   . TRP A 1 44 ? 5.086   2.704   9.465   1.00 86.19  ? 15 TRP B O   1 
ATOM 43  C CB  . TRP A 1 44 ? 6.229   2.512   6.260   1.00 86.19  ? 15 TRP B CB  1 
ATOM 44  C CG  . TRP A 1 44 ? 5.418   1.272   6.136   1.00 86.19  ? 15 TRP B CG  1 
ATOM 45  C CD1 . TRP A 1 44 ? 4.090   1.149   6.394   1.00 86.19  ? 15 TRP B CD1 1 
ATOM 46  C CD2 . TRP A 1 44 ? 5.776   0.098   5.399   1.00 86.19  ? 15 TRP B CD2 1 
ATOM 47  N NE1 . TRP A 1 44 ? 3.646   -0.093  6.036   1.00 86.19  ? 15 TRP B NE1 1 
ATOM 48  C CE2 . TRP A 1 44 ? 4.660   -0.750  5.397   1.00 86.19  ? 15 TRP B CE2 1 
ATOM 49  C CE3 . TRP A 1 44 ? 6.954   -0.342  4.794   1.00 86.19  ? 15 TRP B CE3 1 
ATOM 50  C CZ2 . TRP A 1 44 ? 4.685   -2.011  4.824   1.00 86.19  ? 15 TRP B CZ2 1 
ATOM 51  C CZ3 . TRP A 1 44 ? 6.978   -1.594  4.229   1.00 86.19  ? 15 TRP B CZ3 1 
ATOM 52  C CH2 . TRP A 1 44 ? 5.852   -2.413  4.245   1.00 86.19  ? 15 TRP B CH2 1 
ATOM 53  N N   . ASN A 1 45 ? 4.668   4.292   7.934   1.00 88.88  ? 16 ASN B N   1 
ATOM 54  C CA  . ASN A 1 45 ? 3.357   4.676   8.455   1.00 88.88  ? 16 ASN B CA  1 
ATOM 55  C C   . ASN A 1 45 ? 2.522   5.073   7.241   1.00 88.88  ? 16 ASN B C   1 
ATOM 56  O O   . ASN A 1 45 ? 2.501   6.241   6.850   1.00 88.88  ? 16 ASN B O   1 
ATOM 57  C CB  . ASN A 1 45 ? 3.467   5.818   9.455   1.00 88.88  ? 16 ASN B CB  1 
ATOM 58  C CG  . ASN A 1 45 ? 4.139   5.407   10.748  1.00 88.88  ? 16 ASN B CG  1 
ATOM 59  O OD1 . ASN A 1 45 ? 3.879   4.334   11.285  1.00 88.88  ? 16 ASN B OD1 1 
ATOM 60  N ND2 . ASN A 1 45 ? 5.010   6.267   11.257  1.00 88.88  ? 16 ASN B ND2 1 
ATOM 61  N N   . GLN A 1 46 ? 1.824   4.107   6.659   1.00 84.67  ? 17 GLN B N   1 
ATOM 62  C CA  . GLN A 1 46 ? 1.031   4.359   5.463   1.00 84.67  ? 17 GLN B CA  1 
ATOM 63  C C   . GLN A 1 46 ? -0.347  4.850   5.885   1.00 84.67  ? 17 GLN B C   1 
ATOM 64  O O   . GLN A 1 46 ? -1.177  4.064   6.347   1.00 84.67  ? 17 GLN B O   1 
ATOM 65  C CB  . GLN A 1 46 ? 0.927   3.092   4.623   1.00 84.67  ? 17 GLN B CB  1 
ATOM 66  C CG  . GLN A 1 46 ? 2.231   2.651   4.006   1.00 84.67  ? 17 GLN B CG  1 
ATOM 67  C CD  . GLN A 1 46 ? 2.223   1.190   3.620   1.00 84.67  ? 17 GLN B CD  1 
ATOM 68  O OE1 . GLN A 1 46 ? 1.952   0.322   4.444   1.00 84.67  ? 17 GLN B OE1 1 
ATOM 69  N NE2 . GLN A 1 46 ? 2.524   0.909   2.363   1.00 84.67  ? 17 GLN B NE2 1 
ATOM 70  N N   . GLN A 1 47 ? -0.595  6.147   5.731   1.00 83.89  ? 18 GLN B N   1 
ATOM 71  C CA  . GLN A 1 47 ? -1.854  6.744   6.151   1.00 83.89  ? 18 GLN B CA  1 
ATOM 72  C C   . GLN A 1 47 ? -2.936  6.656   5.085   1.00 83.89  ? 18 GLN B C   1 
ATOM 73  O O   . GLN A 1 47 ? -4.087  7.006   5.355   1.00 83.89  ? 18 GLN B O   1 
ATOM 74  C CB  . GLN A 1 47 ? -1.648  8.209   6.542   1.00 83.89  ? 18 GLN B CB  1 
ATOM 75  C CG  . GLN A 1 47 ? -1.117  8.443   7.945   1.00 83.89  ? 18 GLN B CG  1 
ATOM 76  C CD  . GLN A 1 47 ? 0.351   8.130   8.087   1.00 83.89  ? 18 GLN B CD  1 
ATOM 77  O OE1 . GLN A 1 47 ? 0.730   7.157   8.736   1.00 83.89  ? 18 GLN B OE1 1 
ATOM 78  N NE2 . GLN A 1 47 ? 1.192   8.960   7.490   1.00 83.89  ? 18 GLN B NE2 1 
ATOM 79  N N   . GLY A 1 48 ? -2.603  6.194   3.889   1.00 85.10  ? 19 GLY B N   1 
ATOM 80  C CA  . GLY A 1 48 ? -3.505  6.359   2.768   1.00 85.10  ? 19 GLY B CA  1 
ATOM 81  C C   . GLY A 1 48 ? -4.259  5.118   2.354   1.00 85.10  ? 19 GLY B C   1 
ATOM 82  O O   . GLY A 1 48 ? -5.299  4.796   2.931   1.00 85.10  ? 19 GLY B O   1 
ATOM 83  N N   . PHE A 1 49 ? -3.759  4.449   1.316   1.00 87.89  ? 20 PHE B N   1 
ATOM 84  C CA  . PHE A 1 49 ? -4.306  3.227   0.746   1.00 87.89  ? 20 PHE B CA  1 
ATOM 85  C C   . PHE A 1 49 ? -5.627  3.442   0.030   1.00 87.89  ? 20 PHE B C   1 
ATOM 86  O O   . PHE A 1 49 ? -6.141  2.505   -0.573  1.00 87.89  ? 20 PHE B O   1 
ATOM 87  C CB  . PHE A 1 49 ? -4.524  2.143   1.804   1.00 87.89  ? 20 PHE B CB  1 
ATOM 88  C CG  . PHE A 1 49 ? -3.276  1.484   2.279   1.00 87.89  ? 20 PHE B CG  1 
ATOM 89  C CD1 . PHE A 1 49 ? -2.525  0.710   1.430   1.00 87.89  ? 20 PHE B CD1 1 
ATOM 90  C CD2 . PHE A 1 49 ? -2.868  1.622   3.589   1.00 87.89  ? 20 PHE B CD2 1 
ATOM 91  C CE1 . PHE A 1 49 ? -1.386  0.090   1.880   1.00 87.89  ? 20 PHE B CE1 1 
ATOM 92  C CE2 . PHE A 1 49 ? -1.736  1.007   4.037   1.00 87.89  ? 20 PHE B CE2 1 
ATOM 93  C CZ  . PHE A 1 49 ? -0.991  0.241   3.185   1.00 87.89  ? 20 PHE B CZ  1 
ATOM 94  N N   . ASN A 1 50 ? -6.187  4.642   0.064   1.00 86.42  ? 21 ASN B N   1 
ATOM 95  C CA  . ASN A 1 50 ? -7.596  4.812   -0.249  1.00 86.42  ? 21 ASN B CA  1 
ATOM 96  C C   . ASN A 1 50 ? -7.885  4.602   -1.728  1.00 86.42  ? 21 ASN B C   1 
ATOM 97  O O   . ASN A 1 50 ? -7.036  4.823   -2.590  1.00 86.42  ? 21 ASN B O   1 
ATOM 98  C CB  . ASN A 1 50 ? -8.063  6.194   0.191   1.00 86.42  ? 21 ASN B CB  1 
ATOM 99  C CG  . ASN A 1 50 ? -7.168  7.295   -0.306  1.00 86.42  ? 21 ASN B CG  1 
ATOM 100 O OD1 . ASN A 1 50 ? -5.978  7.327   -0.005  1.00 86.42  ? 21 ASN B OD1 1 
ATOM 101 N ND2 . ASN A 1 50 ? -7.746  8.234   -1.035  1.00 86.42  ? 21 ASN B ND2 1 
ATOM 102 N N   . GLN A 1 51 ? -9.101  4.135   -2.009  1.00 85.09  ? 22 GLN B N   1 
ATOM 103 C CA  . GLN A 1 51 ? -9.617  4.000   -3.373  1.00 85.09  ? 22 GLN B CA  1 
ATOM 104 C C   . GLN A 1 51 ? -11.070 4.457   -3.323  1.00 85.09  ? 22 GLN B C   1 
ATOM 105 O O   . GLN A 1 51 ? -11.983 3.652   -3.129  1.00 85.09  ? 22 GLN B O   1 
ATOM 106 C CB  . GLN A 1 51 ? -9.495  2.574   -3.880  1.00 85.09  ? 22 GLN B CB  1 
ATOM 107 C CG  . GLN A 1 51 ? -10.100 2.349   -5.250  1.00 85.09  ? 22 GLN B CG  1 
ATOM 108 C CD  . GLN A 1 51 ? -10.082 0.894   -5.660  1.00 85.09  ? 22 GLN B CD  1 
ATOM 109 O OE1 . GLN A 1 51 ? -10.962 0.126   -5.286  1.00 85.09  ? 22 GLN B OE1 1 
ATOM 110 N NE2 . GLN A 1 51 ? -9.083  0.510   -6.437  1.00 85.09  ? 22 GLN B NE2 1 
ATOM 111 N N   . THR A 1 52 ? -11.282 5.748   -3.507  1.00 83.73  ? 23 THR B N   1 
ATOM 112 C CA  . THR A 1 52 ? -12.601 6.333   -3.354  1.00 83.73  ? 23 THR B CA  1 
ATOM 113 C C   . THR A 1 52 ? -13.369 6.179   -4.658  1.00 83.73  ? 23 THR B C   1 
ATOM 114 O O   . THR A 1 52 ? -12.786 5.908   -5.707  1.00 83.73  ? 23 THR B O   1 
ATOM 115 C CB  . THR A 1 52 ? -12.474 7.804   -2.965  1.00 83.73  ? 23 THR B CB  1 
ATOM 116 O OG1 . THR A 1 52 ? -11.571 7.917   -1.861  1.00 83.73  ? 23 THR B OG1 1 
ATOM 117 C CG2 . THR A 1 52 ? -13.811 8.380   -2.532  1.00 83.73  ? 23 THR B CG2 1 
ATOM 118 N N   . GLN A 1 53 ? -14.687 6.318   -4.580  1.00 86.45  ? 24 GLN B N   1 
ATOM 119 C CA  . GLN A 1 53 ? -15.521 6.368   -5.769  1.00 86.45  ? 24 GLN B CA  1 
ATOM 120 C C   . GLN A 1 53 ? -16.701 7.286   -5.511  1.00 86.45  ? 24 GLN B C   1 
ATOM 121 O O   . GLN A 1 53 ? -17.208 7.352   -4.389  1.00 86.45  ? 24 GLN B O   1 
ATOM 122 C CB  . GLN A 1 53 ? -16.008 4.978   -6.160  1.00 86.45  ? 24 GLN B CB  1 
ATOM 123 C CG  . GLN A 1 53 ? -16.776 4.946   -7.454  1.00 86.45  ? 24 GLN B CG  1 
ATOM 124 C CD  . GLN A 1 53 ? -16.492 3.700   -8.246  1.00 86.45  ? 24 GLN B CD  1 
ATOM 125 O OE1 . GLN A 1 53 ? -15.339 3.305   -8.400  1.00 86.45  ? 24 GLN B OE1 1 
ATOM 126 N NE2 . GLN A 1 53 ? -17.540 3.064   -8.747  1.00 86.45  ? 24 GLN B NE2 1 
ATOM 127 N N   . SER A 1 54 ? -17.132 7.991   -6.552  1.00 83.43  ? 25 SER B N   1 
ATOM 128 C CA  . SER A 1 54 ? -18.256 8.920   -6.471  1.00 83.43  ? 25 SER B CA  1 
ATOM 129 C C   . SER A 1 54 ? -18.120 9.884   -5.302  1.00 83.43  ? 25 SER B C   1 
ATOM 130 O O   . SER A 1 54 ? -18.854 9.783   -4.323  1.00 83.43  ? 25 SER B O   1 
ATOM 131 C CB  . SER A 1 54 ? -19.575 8.159   -6.362  1.00 83.43  ? 25 SER B CB  1 
ATOM 132 O OG  . SER A 1 54 ? -20.658 9.059   -6.222  1.00 83.43  ? 25 SER B OG  1 
ATOM 133 N N   . MET B 1 39 ? -19.184 -4.800  -14.085 1.00 98.91  ? 10 MET E N   1 
ATOM 134 C CA  . MET B 1 39 ? -18.569 -3.960  -13.067 1.00 98.91  ? 10 MET E CA  1 
ATOM 135 C C   . MET B 1 39 ? -18.678 -2.500  -13.475 1.00 98.91  ? 10 MET E C   1 
ATOM 136 O O   . MET B 1 39 ? -18.631 -2.178  -14.659 1.00 98.91  ? 10 MET E O   1 
ATOM 137 C CB  . MET B 1 39 ? -17.108 -4.343  -12.867 1.00 98.91  ? 10 MET E CB  1 
ATOM 138 C CG  . MET B 1 39 ? -16.420 -3.606  -11.744 1.00 98.91  ? 10 MET E CG  1 
ATOM 139 S SD  . MET B 1 39 ? -14.708 -4.124  -11.578 1.00 98.91  ? 10 MET E SD  1 
ATOM 140 C CE  . MET B 1 39 ? -14.919 -5.764  -10.900 1.00 98.91  ? 10 MET E CE  1 
ATOM 141 N N   . TYR B 1 40 ? -18.833 -1.617  -12.496 1.00 101.23 ? 11 TYR E N   1 
ATOM 142 C CA  . TYR B 1 40 ? -18.997 -0.189  -12.742 1.00 101.23 ? 11 TYR E CA  1 
ATOM 143 C C   . TYR B 1 40 ? -18.023 0.627   -11.898 1.00 101.23 ? 11 TYR E C   1 
ATOM 144 O O   . TYR B 1 40 ? -18.318 1.746   -11.481 1.00 101.23 ? 11 TYR E O   1 
ATOM 145 C CB  . TYR B 1 40 ? -20.436 0.214   -12.455 1.00 101.23 ? 11 TYR E CB  1 
ATOM 146 C CG  . TYR B 1 40 ? -21.428 -0.380  -13.417 1.00 101.23 ? 11 TYR E CG  1 
ATOM 147 C CD1 . TYR B 1 40 ? -21.647 0.188   -14.654 1.00 101.23 ? 11 TYR E CD1 1 
ATOM 148 C CD2 . TYR B 1 40 ? -22.060 -1.571  -13.132 1.00 101.23 ? 11 TYR E CD2 1 
ATOM 149 C CE1 . TYR B 1 40 ? -22.540 -0.367  -15.542 1.00 101.23 ? 11 TYR E CE1 1 
ATOM 150 C CE2 . TYR B 1 40 ? -22.942 -2.140  -14.018 1.00 101.23 ? 11 TYR E CE2 1 
ATOM 151 C CZ  . TYR B 1 40 ? -23.179 -1.536  -15.222 1.00 101.23 ? 11 TYR E CZ  1 
ATOM 152 O OH  . TYR B 1 40 ? -24.063 -2.110  -16.105 1.00 101.23 ? 11 TYR E OH  1 
ATOM 153 N N   . GLY B 1 41 ? -16.847 0.073   -11.652 1.00 93.86  ? 12 GLY E N   1 
ATOM 154 C CA  . GLY B 1 41 ? -15.944 0.662   -10.685 1.00 93.86  ? 12 GLY E CA  1 
ATOM 155 C C   . GLY B 1 41 ? -14.486 0.537   -11.052 1.00 93.86  ? 12 GLY E C   1 
ATOM 156 O O   . GLY B 1 41 ? -14.113 0.614   -12.223 1.00 93.86  ? 12 GLY E O   1 
ATOM 157 N N   . GLN B 1 42 ? -13.656 0.342   -10.033 1.00 86.82  ? 13 GLN E N   1 
ATOM 158 C CA  . GLN B 1 42 ? -12.209 0.433   -10.156 1.00 86.82  ? 13 GLN E CA  1 
ATOM 159 C C   . GLN B 1 42 ? -11.562 -0.558  -9.201  1.00 86.82  ? 13 GLN E C   1 
ATOM 160 O O   . GLN B 1 42 ? -11.928 -0.615  -8.025  1.00 86.82  ? 13 GLN E O   1 
ATOM 161 C CB  . GLN B 1 42 ? -11.758 1.859   -9.853  1.00 86.82  ? 13 GLN E CB  1 
ATOM 162 C CG  . GLN B 1 42 ? -12.288 2.397   -8.542  1.00 86.82  ? 13 GLN E CG  1 
ATOM 163 C CD  . GLN B 1 42 ? -12.011 3.865   -8.365  1.00 86.82  ? 13 GLN E CD  1 
ATOM 164 O OE1 . GLN B 1 42 ? -11.346 4.487   -9.189  1.00 86.82  ? 13 GLN E OE1 1 
ATOM 165 N NE2 . GLN B 1 42 ? -12.519 4.434   -7.284  1.00 86.82  ? 13 GLN E NE2 1 
ATOM 166 N N   . ALA B 1 43 ? -10.594 -1.329  -9.686  1.00 84.47  ? 14 ALA E N   1 
ATOM 167 C CA  . ALA B 1 43 ? -10.055 -2.432  -8.895  1.00 84.47  ? 14 ALA E CA  1 
ATOM 168 C C   . ALA B 1 43 ? -8.558  -2.560  -9.124  1.00 84.47  ? 14 ALA E C   1 
ATOM 169 O O   . ALA B 1 43 ? -8.141  -3.005  -10.194 1.00 84.47  ? 14 ALA E O   1 
ATOM 170 C CB  . ALA B 1 43 ? -10.761 -3.732  -9.257  1.00 84.47  ? 14 ALA E CB  1 
ATOM 171 N N   . TRP B 1 44 ? -7.745  -2.217  -8.128  1.00 85.78  ? 15 TRP E N   1 
ATOM 172 C CA  . TRP B 1 44 ? -6.342  -2.546  -8.296  1.00 85.78  ? 15 TRP E CA  1 
ATOM 173 C C   . TRP B 1 44 ? -6.011  -3.896  -7.677  1.00 85.78  ? 15 TRP E C   1 
ATOM 174 O O   . TRP B 1 44 ? -6.829  -4.525  -7.010  1.00 85.78  ? 15 TRP E O   1 
ATOM 175 C CB  . TRP B 1 44 ? -5.387  -1.517  -7.702  1.00 85.78  ? 15 TRP E CB  1 
ATOM 176 C CG  . TRP B 1 44 ? -5.474  -1.237  -6.244  1.00 85.78  ? 15 TRP E CG  1 
ATOM 177 C CD1 . TRP B 1 44 ? -4.981  -2.013  -5.245  1.00 85.78  ? 15 TRP E CD1 1 
ATOM 178 C CD2 . TRP B 1 44 ? -5.753  0.032   -5.643  1.00 85.78  ? 15 TRP E CD2 1 
ATOM 179 N NE1 . TRP B 1 44 ? -5.110  -1.383  -4.040  1.00 85.78  ? 15 TRP E NE1 1 
ATOM 180 C CE2 . TRP B 1 44 ? -5.560  -0.111  -4.261  1.00 85.78  ? 15 TRP E CE2 1 
ATOM 181 C CE3 . TRP B 1 44 ? -6.208  1.256   -6.133  1.00 85.78  ? 15 TRP E CE3 1 
ATOM 182 C CZ2 . TRP B 1 44 ? -5.812  0.915   -3.365  1.00 85.78  ? 15 TRP E CZ2 1 
ATOM 183 C CZ3 . TRP B 1 44 ? -6.458  2.272   -5.242  1.00 85.78  ? 15 TRP E CZ3 1 
ATOM 184 C CH2 . TRP B 1 44 ? -6.258  2.098   -3.876  1.00 85.78  ? 15 TRP E CH2 1 
ATOM 185 N N   . ASN B 1 45 ? -4.782  -4.344  -7.913  1.00 87.97  ? 16 ASN E N   1 
ATOM 186 C CA  . ASN B 1 45 ? -4.225  -5.545  -7.290  1.00 87.97  ? 16 ASN E CA  1 
ATOM 187 C C   . ASN B 1 45 ? -2.753  -5.240  -7.032  1.00 87.97  ? 16 ASN E C   1 
ATOM 188 O O   . ASN B 1 45 ? -1.899  -5.510  -7.879  1.00 87.97  ? 16 ASN E O   1 
ATOM 189 C CB  . ASN B 1 45 ? -4.394  -6.765  -8.184  1.00 87.97  ? 16 ASN E CB  1 
ATOM 190 C CG  . ASN B 1 45 ? -5.838  -7.200  -8.320  1.00 87.97  ? 16 ASN E CG  1 
ATOM 191 O OD1 . ASN B 1 45 ? -6.590  -7.218  -7.350  1.00 87.97  ? 16 ASN E OD1 1 
ATOM 192 N ND2 . ASN B 1 45 ? -6.233  -7.557  -9.535  1.00 87.97  ? 16 ASN E ND2 1 
ATOM 193 N N   . GLN B 1 46 ? -2.456  -4.696  -5.860  1.00 85.18  ? 17 GLN E N   1 
ATOM 194 C CA  . GLN B 1 46 ? -1.090  -4.317  -5.523  1.00 85.18  ? 17 GLN E CA  1 
ATOM 195 C C   . GLN B 1 46 ? -0.376  -5.527  -4.936  1.00 85.18  ? 17 GLN E C   1 
ATOM 196 O O   . GLN B 1 46 ? -0.623  -5.904  -3.787  1.00 85.18  ? 17 GLN E O   1 
ATOM 197 C CB  . GLN B 1 46 ? -1.093  -3.154  -4.539  1.00 85.18  ? 17 GLN E CB  1 
ATOM 198 C CG  . GLN B 1 46 ? -1.608  -1.859  -5.116  1.00 85.18  ? 17 GLN E CG  1 
ATOM 199 C CD  . GLN B 1 46 ? -2.067  -0.892  -4.048  1.00 85.18  ? 17 GLN E CD  1 
ATOM 200 O OE1 . GLN B 1 46 ? -2.903  -1.225  -3.214  1.00 85.18  ? 17 GLN E OE1 1 
ATOM 201 N NE2 . GLN B 1 46 ? -1.523  0.313   -4.068  1.00 85.18  ? 17 GLN E NE2 1 
ATOM 202 N N   . GLN B 1 47 ? 0.504   -6.143  -5.717  1.00 85.26  ? 18 GLN E N   1 
ATOM 203 C CA  . GLN B 1 47 ? 1.206   -7.343  -5.289  1.00 85.26  ? 18 GLN E CA  1 
ATOM 204 C C   . GLN B 1 47 ? 2.474   -7.041  -4.505  1.00 85.26  ? 18 GLN E C   1 
ATOM 205 O O   . GLN B 1 47 ? 3.095   -7.964  -3.972  1.00 85.26  ? 18 GLN E O   1 
ATOM 206 C CB  . GLN B 1 47 ? 1.554   -8.220  -6.495  1.00 85.26  ? 18 GLN E CB  1 
ATOM 207 C CG  . GLN B 1 47 ? 0.433   -9.107  -7.004  1.00 85.26  ? 18 GLN E CG  1 
ATOM 208 C CD  . GLN B 1 47 ? -0.622  -8.352  -7.774  1.00 85.26  ? 18 GLN E CD  1 
ATOM 209 O OE1 . GLN B 1 47 ? -1.748  -8.192  -7.311  1.00 85.26  ? 18 GLN E OE1 1 
ATOM 210 N NE2 . GLN B 1 47 ? -0.268  -7.893  -8.964  1.00 85.26  ? 18 GLN E NE2 1 
ATOM 211 N N   . GLY B 1 48 ? 2.870   -5.781  -4.414  1.00 86.88  ? 19 GLY E N   1 
ATOM 212 C CA  . GLY B 1 48 ? 4.202   -5.469  -3.938  1.00 86.88  ? 19 GLY E CA  1 
ATOM 213 C C   . GLY B 1 48 ? 4.280   -4.947  -2.524  1.00 86.88  ? 19 GLY E C   1 
ATOM 214 O O   . GLY B 1 48 ? 4.300   -5.727  -1.569  1.00 86.88  ? 19 GLY E O   1 
ATOM 215 N N   . PHE B 1 49 ? 4.376   -3.625  -2.392  1.00 88.98  ? 20 PHE E N   1 
ATOM 216 C CA  . PHE B 1 49 ? 4.455   -2.896  -1.134  1.00 88.98  ? 20 PHE E CA  1 
ATOM 217 C C   . PHE B 1 49 ? 5.767   -3.111  -0.404  1.00 88.98  ? 20 PHE E C   1 
ATOM 218 O O   . PHE B 1 49 ? 5.991   -2.475  0.623   1.00 88.98  ? 20 PHE E O   1 
ATOM 219 C CB  . PHE B 1 49 ? 3.323   -3.275  -0.176  1.00 88.98  ? 20 PHE E CB  1 
ATOM 220 C CG  . PHE B 1 49 ? 1.994   -2.710  -0.537  1.00 88.98  ? 20 PHE E CG  1 
ATOM 221 C CD1 . PHE B 1 49 ? 1.772   -1.356  -0.497  1.00 88.98  ? 20 PHE E CD1 1 
ATOM 222 C CD2 . PHE B 1 49 ? 0.955   -3.542  -0.894  1.00 88.98  ? 20 PHE E CD2 1 
ATOM 223 C CE1 . PHE B 1 49 ? 0.538   -0.844  -0.812  1.00 88.98  ? 20 PHE E CE1 1 
ATOM 224 C CE2 . PHE B 1 49 ? -0.272  -3.037  -1.208  1.00 88.98  ? 20 PHE E CE2 1 
ATOM 225 C CZ  . PHE B 1 49 ? -0.483  -1.687  -1.171  1.00 88.98  ? 20 PHE E CZ  1 
ATOM 226 N N   . ASN B 1 50 ? 6.646   -3.970  -0.899  1.00 88.79  ? 21 ASN E N   1 
ATOM 227 C CA  . ASN B 1 50 ? 7.713   -4.503  -0.068  1.00 88.79  ? 21 ASN E CA  1 
ATOM 228 C C   . ASN B 1 50 ? 8.764   -3.453  0.259   1.00 88.79  ? 21 ASN E C   1 
ATOM 229 O O   . ASN B 1 50 ? 8.991   -2.508  -0.496  1.00 88.79  ? 21 ASN E O   1 
ATOM 230 C CB  . ASN B 1 50 ? 8.354   -5.703  -0.753  1.00 88.79  ? 21 ASN E CB  1 
ATOM 231 C CG  . ASN B 1 50 ? 8.745   -5.419  -2.177  1.00 88.79  ? 21 ASN E CG  1 
ATOM 232 O OD1 . ASN B 1 50 ? 7.906   -5.077  -3.006  1.00 88.79  ? 21 ASN E OD1 1 
ATOM 233 N ND2 . ASN B 1 50 ? 10.018  -5.601  -2.481  1.00 88.79  ? 21 ASN E ND2 1 
ATOM 234 N N   . GLN B 1 51 ? 9.388   -3.617  1.424   1.00 86.76  ? 22 GLN E N   1 
ATOM 235 C CA  . GLN B 1 51 ? 10.524  -2.799  1.853   1.00 86.76  ? 22 GLN E CA  1 
ATOM 236 C C   . GLN B 1 51 ? 11.513  -3.755  2.509   1.00 86.76  ? 22 GLN E C   1 
ATOM 237 O O   . GLN B 1 51 ? 11.482  -3.964  3.724   1.00 86.76  ? 22 GLN E O   1 
ATOM 238 C CB  . GLN B 1 51 ? 10.094  -1.695  2.803   1.00 86.76  ? 22 GLN E CB  1 
ATOM 239 C CG  . GLN B 1 51 ? 11.238  -0.873  3.358   1.00 86.76  ? 22 GLN E CG  1 
ATOM 240 C CD  . GLN B 1 51 ? 10.785  0.121   4.403   1.00 86.76  ? 22 GLN E CD  1 
ATOM 241 O OE1 . GLN B 1 51 ? 10.634  -0.222  5.572   1.00 86.76  ? 22 GLN E OE1 1 
ATOM 242 N NE2 . GLN B 1 51 ? 10.572  1.360   3.990   1.00 86.76  ? 22 GLN E NE2 1 
ATOM 243 N N   . THR B 1 52 ? 12.391  -4.327  1.706   1.00 85.78  ? 23 THR E N   1 
ATOM 244 C CA  . THR B 1 52 ? 13.299  -5.354  2.180   1.00 85.78  ? 23 THR E CA  1 
ATOM 245 C C   . THR B 1 52 ? 14.524  -4.695  2.795   1.00 85.78  ? 23 THR E C   1 
ATOM 246 O O   . THR B 1 52 ? 14.778  -3.509  2.579   1.00 85.78  ? 23 THR E O   1 
ATOM 247 C CB  . THR B 1 52 ? 13.696  -6.270  1.023   1.00 85.78  ? 23 THR E CB  1 
ATOM 248 O OG1 . THR B 1 52 ? 12.511  -6.698  0.344   1.00 85.78  ? 23 THR E OG1 1 
ATOM 249 C CG2 . THR B 1 52 ? 14.420  -7.508  1.521   1.00 85.78  ? 23 THR E CG2 1 
ATOM 250 N N   . GLN B 1 53 ? 15.262  -5.456  3.593   1.00 88.22  ? 24 GLN E N   1 
ATOM 251 C CA  . GLN B 1 53 ? 16.545  -5.007  4.106   1.00 88.22  ? 24 GLN E CA  1 
ATOM 252 C C   . GLN B 1 53 ? 17.472  -6.201  4.243   1.00 88.22  ? 24 GLN E C   1 
ATOM 253 O O   . GLN B 1 53 ? 17.025  -7.305  4.558   1.00 88.22  ? 24 GLN E O   1 
ATOM 254 C CB  . GLN B 1 53 ? 16.388  -4.303  5.448   1.00 88.22  ? 24 GLN E CB  1 
ATOM 255 C CG  . GLN B 1 53 ? 17.665  -3.705  5.973   1.00 88.22  ? 24 GLN E CG  1 
ATOM 256 C CD  . GLN B 1 53 ? 17.427  -2.399  6.677   1.00 88.22  ? 24 GLN E CD  1 
ATOM 257 O OE1 . GLN B 1 53 ? 16.706  -1.541  6.178   1.00 88.22  ? 24 GLN E OE1 1 
ATOM 258 N NE2 . GLN B 1 53 ? 18.025  -2.240  7.849   1.00 88.22  ? 24 GLN E NE2 1 
ATOM 259 N N   . SER B 1 54 ? 18.759  -5.972  4.004   1.00 85.99  ? 25 SER E N   1 
ATOM 260 C CA  . SER B 1 54 ? 19.779  -7.013  4.091   1.00 85.99  ? 25 SER E CA  1 
ATOM 261 C C   . SER B 1 54 ? 19.392  -8.262  3.314   1.00 85.99  ? 25 SER E C   1 
ATOM 262 O O   . SER B 1 54 ? 19.084  -9.293  3.903   1.00 85.99  ? 25 SER E O   1 
ATOM 263 C CB  . SER B 1 54 ? 20.051  -7.377  5.549   1.00 85.99  ? 25 SER E CB  1 
ATOM 264 O OG  . SER B 1 54 ? 20.995  -8.428  5.632   1.00 85.99  ? 25 SER E OG  1 
ATOM 265 N N   . MET C 1 39 ? 18.678  4.916   14.393  1.00 101.01 ? 10 MET A N   1 
ATOM 266 C CA  . MET C 1 39 ? 18.080  4.062   13.378  1.00 101.01 ? 10 MET A CA  1 
ATOM 267 C C   . MET C 1 39 ? 19.142  3.638   12.377  1.00 101.01 ? 10 MET A C   1 
ATOM 268 O O   . MET C 1 39 ? 20.065  4.394   12.089  1.00 101.01 ? 10 MET A O   1 
ATOM 269 C CB  . MET C 1 39 ? 16.946  4.788   12.665  1.00 101.01 ? 10 MET A CB  1 
ATOM 270 C CG  . MET C 1 39 ? 16.187  3.936   11.676  1.00 101.01 ? 10 MET A CG  1 
ATOM 271 S SD  . MET C 1 39 ? 14.870  4.870   10.890  1.00 101.01 ? 10 MET A SD  1 
ATOM 272 C CE  . MET C 1 39 ? 13.714  5.025   12.245  1.00 101.01 ? 10 MET A CE  1 
ATOM 273 N N   . TYR C 1 40 ? 19.019  2.422   11.855  1.00 101.84 ? 11 TYR A N   1 
ATOM 274 C CA  . TYR C 1 40 ? 19.988  1.864   10.917  1.00 101.84 ? 11 TYR A CA  1 
ATOM 275 C C   . TYR C 1 40 ? 19.296  1.323   9.672   1.00 101.84 ? 11 TYR A C   1 
ATOM 276 O O   . TYR C 1 40 ? 19.742  0.351   9.063   1.00 101.84 ? 11 TYR A O   1 
ATOM 277 C CB  . TYR C 1 40 ? 20.796  0.776   11.610  1.00 101.84 ? 11 TYR A CB  1 
ATOM 278 C CG  . TYR C 1 40 ? 21.688  1.297   12.704  1.00 101.84 ? 11 TYR A CG  1 
ATOM 279 C CD1 . TYR C 1 40 ? 22.916  1.852   12.416  1.00 101.84 ? 11 TYR A CD1 1 
ATOM 280 C CD2 . TYR C 1 40 ? 21.251  1.334   14.011  1.00 101.84 ? 11 TYR A CD2 1 
ATOM 281 C CE1 . TYR C 1 40 ? 23.725  2.344   13.415  1.00 101.84 ? 11 TYR A CE1 1 
ATOM 282 C CE2 . TYR C 1 40 ? 22.045  1.838   15.013  1.00 101.84 ? 11 TYR A CE2 1 
ATOM 283 C CZ  . TYR C 1 40 ? 23.280  2.343   14.712  1.00 101.84 ? 11 TYR A CZ  1 
ATOM 284 O OH  . TYR C 1 40 ? 24.071  2.846   15.719  1.00 101.84 ? 11 TYR A OH  1 
ATOM 285 N N   . GLY C 1 41 ? 18.203  1.956   9.279   1.00 94.65  ? 12 GLY A N   1 
ATOM 286 C CA  . GLY C 1 41 ? 17.354  1.394   8.249   1.00 94.65  ? 12 GLY A CA  1 
ATOM 287 C C   . GLY C 1 41 ? 16.728  2.422   7.341   1.00 94.65  ? 12 GLY A C   1 
ATOM 288 O O   . GLY C 1 41 ? 17.340  3.438   7.009   1.00 94.65  ? 12 GLY A O   1 
ATOM 289 N N   . GLN C 1 42 ? 15.494  2.149   6.935   1.00 89.50  ? 13 GLN A N   1 
ATOM 290 C CA  . GLN C 1 42 ? 14.819  2.889   5.879   1.00 89.50  ? 13 GLN A CA  1 
ATOM 291 C C   . GLN C 1 42 ? 13.329  2.945   6.179   1.00 89.50  ? 13 GLN A C   1 
ATOM 292 O O   . GLN C 1 42 ? 12.721  1.919   6.492   1.00 89.50  ? 13 GLN A O   1 
ATOM 293 C CB  . GLN C 1 42 ? 15.081  2.218   4.534   1.00 89.50  ? 13 GLN A CB  1 
ATOM 294 C CG  . GLN C 1 42 ? 14.773  0.737   4.526   1.00 89.50  ? 13 GLN A CG  1 
ATOM 295 C CD  . GLN C 1 42 ? 15.235  0.055   3.267   1.00 89.50  ? 13 GLN A CD  1 
ATOM 296 O OE1 . GLN C 1 42 ? 15.726  0.701   2.344   1.00 89.50  ? 13 GLN A OE1 1 
ATOM 297 N NE2 . GLN C 1 42 ? 15.081  -1.258  3.217   1.00 89.50  ? 13 GLN A NE2 1 
ATOM 298 N N   . ALA C 1 43 ? 12.731  4.128   6.074   1.00 88.11  ? 14 ALA A N   1 
ATOM 299 C CA  . ALA C 1 43 ? 11.354  4.305   6.527   1.00 88.11  ? 14 ALA A CA  1 
ATOM 300 C C   . ALA C 1 43 ? 10.613  5.251   5.595   1.00 88.11  ? 14 ALA A C   1 
ATOM 301 O O   . ALA C 1 43 ? 10.871  6.455   5.618   1.00 88.11  ? 14 ALA A O   1 
ATOM 302 C CB  . ALA C 1 43 ? 11.335  4.842   7.952   1.00 88.11  ? 14 ALA A CB  1 
ATOM 303 N N   . TRP C 1 44 ? 9.671   4.737   4.808   1.00 87.78  ? 15 TRP A N   1 
ATOM 304 C CA  . TRP C 1 44 ? 8.840   5.685   4.089   1.00 87.78  ? 15 TRP A CA  1 
ATOM 305 C C   . TRP C 1 44 ? 7.571   6.008   4.861   1.00 87.78  ? 15 TRP A C   1 
ATOM 306 O O   . TRP C 1 44 ? 7.265   5.411   5.891   1.00 87.78  ? 15 TRP A O   1 
ATOM 307 C CB  . TRP C 1 44 ? 8.433   5.221   2.694   1.00 87.78  ? 15 TRP A CB  1 
ATOM 308 C CG  . TRP C 1 44 ? 7.651   3.962   2.575   1.00 87.78  ? 15 TRP A CG  1 
ATOM 309 C CD1 . TRP C 1 44 ? 6.325   3.812   2.825   1.00 87.78  ? 15 TRP A CD1 1 
ATOM 310 C CD2 . TRP C 1 44 ? 8.040   2.792   1.849   1.00 87.78  ? 15 TRP A CD2 1 
ATOM 311 N NE1 . TRP C 1 44 ? 5.910   2.558   2.474   1.00 87.78  ? 15 TRP A NE1 1 
ATOM 312 C CE2 . TRP C 1 44 ? 6.942   1.918   1.847   1.00 87.78  ? 15 TRP A CE2 1 
ATOM 313 C CE3 . TRP C 1 44 ? 9.231   2.373   1.256   1.00 87.78  ? 15 TRP A CE3 1 
ATOM 314 C CZ2 . TRP C 1 44 ? 7.000   0.655   1.284   1.00 87.78  ? 15 TRP A CZ2 1 
ATOM 315 C CZ3 . TRP C 1 44 ? 9.285   1.117   0.701   1.00 87.78  ? 15 TRP A CZ3 1 
ATOM 316 C CH2 . TRP C 1 44 ? 8.178   0.274   0.714   1.00 87.78  ? 15 TRP A CH2 1 
ATOM 317 N N   . ASN C 1 45 ? 6.823   6.979   4.346   1.00 90.71  ? 16 ASN A N   1 
ATOM 318 C CA  . ASN C 1 45 ? 5.500   7.337   4.855   1.00 90.71  ? 16 ASN A CA  1 
ATOM 319 C C   . ASN C 1 45 ? 4.665   7.705   3.633   1.00 90.71  ? 16 ASN A C   1 
ATOM 320 O O   . ASN C 1 45 ? 4.620   8.871   3.233   1.00 90.71  ? 16 ASN A O   1 
ATOM 321 C CB  . ASN C 1 45 ? 5.578   8.489   5.846   1.00 90.71  ? 16 ASN A CB  1 
ATOM 322 C CG  . ASN C 1 45 ? 6.250   8.102   7.147   1.00 90.71  ? 16 ASN A CG  1 
ATOM 323 O OD1 . ASN C 1 45 ? 6.011   7.028   7.691   1.00 90.71  ? 16 ASN A OD1 1 
ATOM 324 N ND2 . ASN C 1 45 ? 7.098   8.986   7.656   1.00 90.71  ? 16 ASN A ND2 1 
ATOM 325 N N   . GLN C 1 46 ? 3.993   6.721   3.053   1.00 86.84  ? 17 GLN A N   1 
ATOM 326 C CA  . GLN C 1 46 ? 3.202   6.946   1.850   1.00 86.84  ? 17 GLN A CA  1 
ATOM 327 C C   . GLN C 1 46 ? 1.810   7.410   2.259   1.00 86.84  ? 17 GLN A C   1 
ATOM 328 O O   . GLN C 1 46 ? 0.994   6.609   2.723   1.00 86.84  ? 17 GLN A O   1 
ATOM 329 C CB  . GLN C 1 46 ? 3.131   5.671   1.020   1.00 86.84  ? 17 GLN A CB  1 
ATOM 330 C CG  . GLN C 1 46 ? 4.447   5.255   0.413   1.00 86.84  ? 17 GLN A CG  1 
ATOM 331 C CD  . GLN C 1 46 ? 4.475   3.791   0.039   1.00 86.84  ? 17 GLN A CD  1 
ATOM 332 O OE1 . GLN C 1 46 ? 4.217   2.923   0.868   1.00 86.84  ? 17 GLN A OE1 1 
ATOM 333 N NE2 . GLN C 1 46 ? 4.790   3.506   -1.213  1.00 86.84  ? 17 GLN A NE2 1 
ATOM 334 N N   . GLN C 1 47 ? 1.535   8.700   2.095   1.00 86.68  ? 18 GLN A N   1 
ATOM 335 C CA  . GLN C 1 47 ? 0.259   9.272   2.501   1.00 86.68  ? 18 GLN A CA  1 
ATOM 336 C C   . GLN C 1 47 ? -0.812  9.152   1.430   1.00 86.68  ? 18 GLN A C   1 
ATOM 337 O O   . GLN C 1 47 ? -1.973  9.478   1.689   1.00 86.68  ? 18 GLN A O   1 
ATOM 338 C CB  . GLN C 1 47 ? 0.431   10.745  2.883   1.00 86.68  ? 18 GLN A CB  1 
ATOM 339 C CG  . GLN C 1 47 ? 0.946   11.001  4.287   1.00 86.68  ? 18 GLN A CG  1 
ATOM 340 C CD  . GLN C 1 47 ? 2.421   10.721  4.441   1.00 86.68  ? 18 GLN A CD  1 
ATOM 341 O OE1 . GLN C 1 47 ? 2.816   9.763   5.100   1.00 86.68  ? 18 GLN A OE1 1 
ATOM 342 N NE2 . GLN C 1 47 ? 3.247   11.565  3.842   1.00 86.68  ? 18 GLN A NE2 1 
ATOM 343 N N   . GLY C 1 48 ? -0.462  8.689   0.239   1.00 86.12  ? 19 GLY A N   1 
ATOM 344 C CA  . GLY C 1 48 ? -1.360  8.826   -0.889  1.00 86.12  ? 19 GLY A CA  1 
ATOM 345 C C   . GLY C 1 48 ? -2.084  7.566   -1.299  1.00 86.12  ? 19 GLY A C   1 
ATOM 346 O O   . GLY C 1 48 ? -3.120  7.224   -0.726  1.00 86.12  ? 19 GLY A O   1 
ATOM 347 N N   . PHE C 1 49 ? -1.562  6.900   -2.328  1.00 88.17  ? 20 PHE A N   1 
ATOM 348 C CA  . PHE C 1 49 ? -2.078  5.661   -2.892  1.00 88.17  ? 20 PHE A CA  1 
ATOM 349 C C   . PHE C 1 49 ? -3.398  5.842   -3.618  1.00 88.17  ? 20 PHE A C   1 
ATOM 350 O O   . PHE C 1 49 ? -3.887  4.889   -4.217  1.00 88.17  ? 20 PHE A O   1 
ATOM 351 C CB  . PHE C 1 49 ? -2.279  4.582   -1.827  1.00 88.17  ? 20 PHE A CB  1 
ATOM 352 C CG  . PHE C 1 49 ? -1.020  3.954   -1.339  1.00 88.17  ? 20 PHE A CG  1 
ATOM 353 C CD1 . PHE C 1 49 ? -0.246  3.190   -2.177  1.00 88.17  ? 20 PHE A CD1 1 
ATOM 354 C CD2 . PHE C 1 49 ? -0.624  4.109   -0.029  1.00 88.17  ? 20 PHE A CD2 1 
ATOM 355 C CE1 . PHE C 1 49 ? 0.903   2.598   -1.715  1.00 88.17  ? 20 PHE A CE1 1 
ATOM 356 C CE2 . PHE C 1 49 ? 0.518   3.524   0.432   1.00 88.17  ? 20 PHE A CE2 1 
ATOM 357 C CZ  . PHE C 1 49 ? 1.285   2.769   -0.409  1.00 88.17  ? 20 PHE A CZ  1 
ATOM 358 N N   . ASN C 1 50 ? -3.985  7.030   -3.597  1.00 87.09  ? 21 ASN A N   1 
ATOM 359 C CA  . ASN C 1 50 ? -5.396  7.166   -3.921  1.00 87.09  ? 21 ASN A CA  1 
ATOM 360 C C   . ASN C 1 50 ? -5.671  6.938   -5.400  1.00 87.09  ? 21 ASN A C   1 
ATOM 361 O O   . ASN C 1 50 ? -4.821  7.172   -6.257  1.00 87.09  ? 21 ASN A O   1 
ATOM 362 C CB  . ASN C 1 50 ? -5.896  8.541   -3.494  1.00 87.09  ? 21 ASN A CB  1 
ATOM 363 C CG  . ASN C 1 50 ? -5.022  9.657   -3.993  1.00 87.09  ? 21 ASN A CG  1 
ATOM 364 O OD1 . ASN C 1 50 ? -3.835  9.717   -3.685  1.00 87.09  ? 21 ASN A OD1 1 
ATOM 365 N ND2 . ASN C 1 50 ? -5.617  10.578  -4.734  1.00 87.09  ? 21 ASN A ND2 1 
ATOM 366 N N   . GLN C 1 51 ? -6.873  6.443   -5.685  1.00 86.73  ? 22 GLN A N   1 
ATOM 367 C CA  . GLN C 1 51 ? -7.379  6.286   -7.050  1.00 86.73  ? 22 GLN A CA  1 
ATOM 368 C C   . GLN C 1 51 ? -8.842  6.711   -7.014  1.00 86.73  ? 22 GLN A C   1 
ATOM 369 O O   . GLN C 1 51 ? -9.737  5.888   -6.819  1.00 86.73  ? 22 GLN A O   1 
ATOM 370 C CB  . GLN C 1 51 ? -7.220  4.859   -7.547  1.00 86.73  ? 22 GLN A CB  1 
ATOM 371 C CG  . GLN C 1 51 ? -7.811  4.611   -8.919  1.00 86.73  ? 22 GLN A CG  1 
ATOM 372 C CD  . GLN C 1 51 ? -7.760  3.154   -9.317  1.00 86.73  ? 22 GLN A CD  1 
ATOM 373 O OE1 . GLN C 1 51 ? -8.625  2.369   -8.943  1.00 86.73  ? 22 GLN A OE1 1 
ATOM 374 N NE2 . GLN C 1 51 ? -6.746  2.785   -10.086 1.00 86.73  ? 22 GLN A NE2 1 
ATOM 375 N N   . THR C 1 52 ? -9.080  7.996   -7.209  1.00 87.93  ? 23 THR A N   1 
ATOM 376 C CA  . THR C 1 52 ? -10.412 8.552   -7.069  1.00 87.93  ? 23 THR A CA  1 
ATOM 377 C C   . THR C 1 52 ? -11.169 8.372   -8.376  1.00 87.93  ? 23 THR A C   1 
ATOM 378 O O   . THR C 1 52 ? -10.573 8.106   -9.420  1.00 87.93  ? 23 THR A O   1 
ATOM 379 C CB  . THR C 1 52 ? -10.321 10.030  -6.690  1.00 87.93  ? 23 THR A CB  1 
ATOM 380 O OG1 . THR C 1 52 ? -9.427  10.170  -5.582  1.00 87.93  ? 23 THR A OG1 1 
ATOM 381 C CG2 . THR C 1 52 ? -11.672 10.579  -6.271  1.00 87.93  ? 23 THR A CG2 1 
ATOM 382 N N   . GLN C 1 53 ? -12.490 8.482   -8.309  1.00 90.38  ? 24 GLN A N   1 
ATOM 383 C CA  . GLN C 1 53 ? -13.316 8.504   -9.503  1.00 90.38  ? 24 GLN A CA  1 
ATOM 384 C C   . GLN C 1 53 ? -14.519 9.398   -9.260  1.00 90.38  ? 24 GLN A C   1 
ATOM 385 O O   . GLN C 1 53 ? -15.034 9.461   -8.142  1.00 90.38  ? 24 GLN A O   1 
ATOM 386 C CB  . GLN C 1 53 ? -13.771 7.102   -9.887  1.00 90.38  ? 24 GLN A CB  1 
ATOM 387 C CG  . GLN C 1 53 ? -14.528 7.042   -11.186 1.00 90.38  ? 24 GLN A CG  1 
ATOM 388 C CD  . GLN C 1 53 ? -14.212 5.798   -11.965 1.00 90.38  ? 24 GLN A CD  1 
ATOM 389 O OE1 . GLN C 1 53 ? -13.050 5.428   -12.110 1.00 90.38  ? 24 GLN A OE1 1 
ATOM 390 N NE2 . GLN C 1 53 ? -15.242 5.135   -12.469 1.00 90.38  ? 24 GLN A NE2 1 
ATOM 391 N N   . SER C 1 54 ? -14.957 10.085  -10.310 1.00 87.76  ? 25 SER A N   1 
ATOM 392 C CA  . SER C 1 54 ? -16.102 10.990  -10.242 1.00 87.76  ? 25 SER A CA  1 
ATOM 393 C C   . SER C 1 54 ? -15.995 11.966  -9.079  1.00 87.76  ? 25 SER A C   1 
ATOM 394 O O   . SER C 1 54 ? -16.734 11.857  -8.106  1.00 87.76  ? 25 SER A O   1 
ATOM 395 C CB  . SER C 1 54 ? -17.405 10.202  -10.136 1.00 87.76  ? 25 SER A CB  1 
ATOM 396 O OG  . SER C 1 54 ? -18.508 11.077  -10.010 1.00 87.76  ? 25 SER A OG  1 
ATOM 397 N N   . MET D 1 39 ? -16.454 -2.863  -17.736 1.00 98.17  ? 10 MET D N   1 
ATOM 398 C CA  . MET D 1 39 ? -15.863 -1.980  -16.743 1.00 98.17  ? 10 MET D CA  1 
ATOM 399 C C   . MET D 1 39 ? -15.979 -0.537  -17.206 1.00 98.17  ? 10 MET D C   1 
ATOM 400 O O   . MET D 1 39 ? -15.917 -0.259  -18.401 1.00 98.17  ? 10 MET D O   1 
ATOM 401 C CB  . MET D 1 39 ? -14.402 -2.339  -16.506 1.00 98.17  ? 10 MET D CB  1 
ATOM 402 C CG  . MET D 1 39 ? -13.738 -1.554  -15.401 1.00 98.17  ? 10 MET D CG  1 
ATOM 403 S SD  . MET D 1 39 ? -12.024 -2.046  -15.190 1.00 98.17  ? 10 MET D SD  1 
ATOM 404 C CE  . MET D 1 39 ? -12.229 -3.662  -14.454 1.00 98.17  ? 10 MET D CE  1 
ATOM 405 N N   . TYR D 1 40 ? -16.159 0.381   -16.263 1.00 97.62  ? 11 TYR D N   1 
ATOM 406 C CA  . TYR D 1 40 ? -16.334 1.798   -16.565 1.00 97.62  ? 11 TYR D CA  1 
ATOM 407 C C   . TYR D 1 40 ? -15.380 2.654   -15.738 1.00 97.62  ? 11 TYR D C   1 
ATOM 408 O O   . TYR D 1 40 ? -15.693 3.785   -15.368 1.00 97.62  ? 11 TYR D O   1 
ATOM 409 C CB  . TYR D 1 40 ? -17.781 2.196   -16.314 1.00 97.62  ? 11 TYR D CB  1 
ATOM 410 C CG  . TYR D 1 40 ? -18.751 1.555   -17.270 1.00 97.62  ? 11 TYR D CG  1 
ATOM 411 C CD1 . TYR D 1 40 ? -18.956 2.073   -18.530 1.00 97.62  ? 11 TYR D CD1 1 
ATOM 412 C CD2 . TYR D 1 40 ? -19.375 0.369   -16.950 1.00 97.62  ? 11 TYR D CD2 1 
ATOM 413 C CE1 . TYR D 1 40 ? -19.831 1.478   -19.410 1.00 97.62  ? 11 TYR D CE1 1 
ATOM 414 C CE2 . TYR D 1 40 ? -20.239 -0.242  -17.827 1.00 97.62  ? 11 TYR D CE2 1 
ATOM 415 C CZ  . TYR D 1 40 ? -20.464 0.314   -19.056 1.00 97.62  ? 11 TYR D CZ  1 
ATOM 416 O OH  . TYR D 1 40 ? -21.328 -0.301  -19.931 1.00 97.62  ? 11 TYR D OH  1 
ATOM 417 N N   . GLY D 1 41 ? -14.203 2.123   -15.453 1.00 93.56  ? 12 GLY D N   1 
ATOM 418 C CA  . GLY D 1 41 ? -13.320 2.757   -14.496 1.00 93.56  ? 12 GLY D CA  1 
ATOM 419 C C   . GLY D 1 41 ? -11.856 2.633   -14.835 1.00 93.56  ? 12 GLY D C   1 
ATOM 420 O O   . GLY D 1 41 ? -11.466 2.671   -16.003 1.00 93.56  ? 12 GLY D O   1 
ATOM 421 N N   . GLN D 1 42 ? -11.041 2.485   -13.798 1.00 88.20  ? 13 GLN D N   1 
ATOM 422 C CA  . GLN D 1 42 ? -9.592  2.587   -13.901 1.00 88.20  ? 13 GLN D CA  1 
ATOM 423 C C   . GLN D 1 42 ? -8.951  1.638   -12.900 1.00 88.20  ? 13 GLN D C   1 
ATOM 424 O O   . GLN D 1 42 ? -9.335  1.622   -11.729 1.00 88.20  ? 13 GLN D O   1 
ATOM 425 C CB  . GLN D 1 42 ? -9.160  4.027   -13.646 1.00 88.20  ? 13 GLN D CB  1 
ATOM 426 C CG  . GLN D 1 42 ? -9.717  4.609   -12.364 1.00 88.20  ? 13 GLN D CG  1 
ATOM 427 C CD  . GLN D 1 42 ? -9.456  6.086   -12.238 1.00 88.20  ? 13 GLN D CD  1 
ATOM 428 O OE1 . GLN D 1 42 ? -8.785  6.682   -13.076 1.00 88.20  ? 13 GLN D OE1 1 
ATOM 429 N NE2 . GLN D 1 42 ? -9.987  6.688   -11.186 1.00 88.20  ? 13 GLN D NE2 1 
ATOM 430 N N   . ALA D 1 43 ? -7.968  0.860   -13.342 1.00 87.68  ? 14 ALA D N   1 
ATOM 431 C CA  . ALA D 1 43 ? -7.431  -0.206  -12.501 1.00 87.68  ? 14 ALA D CA  1 
ATOM 432 C C   . ALA D 1 43 ? -5.929  -0.326  -12.703 1.00 87.68  ? 14 ALA D C   1 
ATOM 433 O O   . ALA D 1 43 ? -5.491  -0.808  -13.749 1.00 87.68  ? 14 ALA D O   1 
ATOM 434 C CB  . ALA D 1 43 ? -8.118  -1.525  -12.825 1.00 87.68  ? 14 ALA D CB  1 
ATOM 435 N N   . TRP D 1 44 ? -5.135  0.061   -11.708 1.00 88.18  ? 15 TRP D N   1 
ATOM 436 C CA  . TRP D 1 44 ? -3.726  -0.259  -11.841 1.00 88.18  ? 15 TRP D CA  1 
ATOM 437 C C   . TRP D 1 44 ? -3.393  -1.582  -11.169 1.00 88.18  ? 15 TRP D C   1 
ATOM 438 O O   . TRP D 1 44 ? -4.213  -2.194  -10.491 1.00 88.18  ? 15 TRP D O   1 
ATOM 439 C CB  . TRP D 1 44 ? -2.791  0.802   -11.273 1.00 88.18  ? 15 TRP D CB  1 
ATOM 440 C CG  . TRP D 1 44 ? -2.903  1.136   -9.829  1.00 88.18  ? 15 TRP D CG  1 
ATOM 441 C CD1 . TRP D 1 44 ? -2.418  0.401   -8.794  1.00 88.18  ? 15 TRP D CD1 1 
ATOM 442 C CD2 . TRP D 1 44 ? -3.204  2.423   -9.280  1.00 88.18  ? 15 TRP D CD2 1 
ATOM 443 N NE1 . TRP D 1 44 ? -2.573  1.076   -7.614  1.00 88.18  ? 15 TRP D NE1 1 
ATOM 444 C CE2 . TRP D 1 44 ? -3.032  2.333   -7.890  1.00 88.18  ? 15 TRP D CE2 1 
ATOM 445 C CE3 . TRP D 1 44 ? -3.663  3.622   -9.822  1.00 88.18  ? 15 TRP D CE3 1 
ATOM 446 C CZ2 . TRP D 1 44 ? -3.307  3.390   -7.038  1.00 88.18  ? 15 TRP D CZ2 1 
ATOM 447 C CZ3 . TRP D 1 44 ? -3.938  4.668   -8.975  1.00 88.18  ? 15 TRP D CZ3 1 
ATOM 448 C CH2 . TRP D 1 44 ? -3.756  4.548   -7.600  1.00 88.18  ? 15 TRP D CH2 1 
ATOM 449 N N   . ASN D 1 45 ? -2.154  -2.025  -11.368 1.00 90.69  ? 16 ASN D N   1 
ATOM 450 C CA  . ASN D 1 45 ? -1.596  -3.196  -10.693 1.00 90.69  ? 16 ASN D CA  1 
ATOM 451 C C   . ASN D 1 45 ? -0.131  -2.866  -10.424 1.00 90.69  ? 16 ASN D C   1 
ATOM 452 O O   . ASN D 1 45 ? 0.738   -3.159  -11.246 1.00 90.69  ? 16 ASN D O   1 
ATOM 453 C CB  . ASN D 1 45 ? -1.738  -4.449  -11.543 1.00 90.69  ? 16 ASN D CB  1 
ATOM 454 C CG  . ASN D 1 45 ? -3.176  -4.906  -11.684 1.00 90.69  ? 16 ASN D CG  1 
ATOM 455 O OD1 . ASN D 1 45 ? -3.942  -4.896  -10.725 1.00 90.69  ? 16 ASN D OD1 1 
ATOM 456 N ND2 . ASN D 1 45 ? -3.549  -5.311  -12.891 1.00 90.69  ? 16 ASN D ND2 1 
ATOM 457 N N   . GLN D 1 46 ? 0.143   -2.276  -9.268  1.00 88.25  ? 17 GLN D N   1 
ATOM 458 C CA  . GLN D 1 46 ? 1.499   -1.870  -8.925  1.00 88.25  ? 17 GLN D CA  1 
ATOM 459 C C   . GLN D 1 46 ? 2.216   -3.050  -8.282  1.00 88.25  ? 17 GLN D C   1 
ATOM 460 O O   . GLN D 1 46 ? 1.955   -3.385  -7.124  1.00 88.25  ? 17 GLN D O   1 
ATOM 461 C CB  . GLN D 1 46 ? 1.469   -0.671  -7.986  1.00 88.25  ? 17 GLN D CB  1 
ATOM 462 C CG  . GLN D 1 46 ? 0.950   0.596   -8.618  1.00 88.25  ? 17 GLN D CG  1 
ATOM 463 C CD  . GLN D 1 46 ? 0.465   1.597   -7.595  1.00 88.25  ? 17 GLN D CD  1 
ATOM 464 O OE1 . GLN D 1 46 ? -0.381  1.287   -6.763  1.00 88.25  ? 17 GLN D OE1 1 
ATOM 465 N NE2 . GLN D 1 46 ? 0.998   2.806   -7.653  1.00 88.25  ? 17 GLN D NE2 1 
ATOM 466 N N   . GLN D 1 47 ? 3.114   -3.685  -9.027  1.00 90.08  ? 18 GLN D N   1 
ATOM 467 C CA  . GLN D 1 47 ? 3.822   -4.861  -8.543  1.00 90.08  ? 18 GLN D CA  1 
ATOM 468 C C   . GLN D 1 47 ? 5.074   -4.517  -7.752  1.00 90.08  ? 18 GLN D C   1 
ATOM 469 O O   . GLN D 1 47 ? 5.696   -5.411  -7.175  1.00 90.08  ? 18 GLN D O   1 
ATOM 470 C CB  . GLN D 1 47 ? 4.197   -5.779  -9.710  1.00 90.08  ? 18 GLN D CB  1 
ATOM 471 C CG  . GLN D 1 47 ? 3.092   -6.697  -10.202 1.00 90.08  ? 18 GLN D CG  1 
ATOM 472 C CD  . GLN D 1 47 ? 2.042   -5.981  -11.015 1.00 90.08  ? 18 GLN D CD  1 
ATOM 473 O OE1 . GLN D 1 47 ? 0.908   -5.815  -10.575 1.00 90.08  ? 18 GLN D OE1 1 
ATOM 474 N NE2 . GLN D 1 47 ? 2.411   -5.563  -12.217 1.00 90.08  ? 18 GLN D NE2 1 
ATOM 475 N N   . GLY D 1 48 ? 5.456   -3.250  -7.701  1.00 90.19  ? 19 GLY D N   1 
ATOM 476 C CA  . GLY D 1 48 ? 6.777   -2.907  -7.218  1.00 90.19  ? 19 GLY D CA  1 
ATOM 477 C C   . GLY D 1 48 ? 6.828   -2.331  -5.824  1.00 90.19  ? 19 GLY D C   1 
ATOM 478 O O   . GLY D 1 48 ? 6.841   -3.074  -4.840  1.00 90.19  ? 19 GLY D O   1 
ATOM 479 N N   . PHE D 1 49 ? 6.909   -1.004  -5.741  1.00 90.13  ? 20 PHE D N   1 
ATOM 480 C CA  . PHE D 1 49 ? 6.961   -0.228  -4.510  1.00 90.13  ? 20 PHE D CA  1 
ATOM 481 C C   . PHE D 1 49 ? 8.264   -0.401  -3.751  1.00 90.13  ? 20 PHE D C   1 
ATOM 482 O O   . PHE D 1 49 ? 8.465   0.275   -2.746  1.00 90.13  ? 20 PHE D O   1 
ATOM 483 C CB  . PHE D 1 49 ? 5.819   -0.583  -3.555  1.00 90.13  ? 20 PHE D CB  1 
ATOM 484 C CG  . PHE D 1 49 ? 4.489   -0.045  -3.957  1.00 90.13  ? 20 PHE D CG  1 
ATOM 485 C CD1 . PHE D 1 49 ? 4.253   1.307   -3.971  1.00 90.13  ? 20 PHE D CD1 1 
ATOM 486 C CD2 . PHE D 1 49 ? 3.464   -0.901  -4.298  1.00 90.13  ? 20 PHE D CD2 1 
ATOM 487 C CE1 . PHE D 1 49 ? 3.020   1.794   -4.323  1.00 90.13  ? 20 PHE D CE1 1 
ATOM 488 C CE2 . PHE D 1 49 ? 2.238   -0.420  -4.650  1.00 90.13  ? 20 PHE D CE2 1 
ATOM 489 C CZ  . PHE D 1 49 ? 2.013   0.927   -4.665  1.00 90.13  ? 20 PHE D CZ  1 
ATOM 490 N N   . ASN D 1 50 ? 9.158   -1.270  -4.201  1.00 90.10  ? 21 ASN D N   1 
ATOM 491 C CA  . ASN D 1 50 ? 10.217  -1.759  -3.334  1.00 90.10  ? 21 ASN D CA  1 
ATOM 492 C C   . ASN D 1 50 ? 11.253  -0.687  -3.031  1.00 90.10  ? 21 ASN D C   1 
ATOM 493 O O   . ASN D 1 50 ? 11.482  0.231   -3.818  1.00 90.10  ? 21 ASN D O   1 
ATOM 494 C CB  . ASN D 1 50 ? 10.882  -2.977  -3.964  1.00 90.10  ? 21 ASN D CB  1 
ATOM 495 C CG  . ASN D 1 50 ? 11.291  -2.742  -5.391  1.00 90.10  ? 21 ASN D CG  1 
ATOM 496 O OD1 . ASN D 1 50 ? 10.462  -2.441  -6.245  1.00 90.10  ? 21 ASN D OD1 1 
ATOM 497 N ND2 . ASN D 1 50 ? 12.571  -2.923  -5.669  1.00 90.10  ? 21 ASN D ND2 1 
ATOM 498 N N   . GLN D 1 51 ? 11.860  -0.800  -1.852  1.00 90.68  ? 22 GLN D N   1 
ATOM 499 C CA  . GLN D 1 51 ? 12.982  0.045   -1.437  1.00 90.68  ? 22 GLN D CA  1 
ATOM 500 C C   . GLN D 1 51 ? 13.969  -0.876  -0.729  1.00 90.68  ? 22 GLN D C   1 
ATOM 501 O O   . GLN D 1 51 ? 13.922  -1.039  0.492   1.00 90.68  ? 22 GLN D O   1 
ATOM 502 C CB  . GLN D 1 51 ? 12.526  1.179   -0.535  1.00 90.68  ? 22 GLN D CB  1 
ATOM 503 C CG  . GLN D 1 51 ? 13.652  2.033   0.006   1.00 90.68  ? 22 GLN D CG  1 
ATOM 504 C CD  . GLN D 1 51 ? 13.174  3.060   1.007   1.00 90.68  ? 22 GLN D CD  1 
ATOM 505 O OE1 . GLN D 1 51 ? 13.007  2.760   2.184   1.00 90.68  ? 22 GLN D OE1 1 
ATOM 506 N NE2 . GLN D 1 51 ? 12.955  4.281   0.544   1.00 90.68  ? 22 GLN D NE2 1 
ATOM 507 N N   . THR D 1 52 ? 14.866  -1.469  -1.497  1.00 91.67  ? 23 THR D N   1 
ATOM 508 C CA  . THR D 1 52 ? 15.776  -2.468  -0.970  1.00 91.67  ? 23 THR D CA  1 
ATOM 509 C C   . THR D 1 52 ? 16.985  -1.772  -0.363  1.00 91.67  ? 23 THR D C   1 
ATOM 510 O O   . THR D 1 52 ? 17.231  -0.593  -0.620  1.00 91.67  ? 23 THR D O   1 
ATOM 511 C CB  . THR D 1 52 ? 16.200  -3.422  -2.086  1.00 91.67  ? 23 THR D CB  1 
ATOM 512 O OG1 . THR D 1 52 ? 15.031  -3.887  -2.766  1.00 91.67  ? 23 THR D OG1 1 
ATOM 513 C CG2 . THR D 1 52 ? 16.929  -4.632  -1.532  1.00 91.67  ? 23 THR D CG2 1 
ATOM 514 N N   . GLN D 1 53 ? 17.718  -2.495  0.474   1.00 91.76  ? 24 GLN D N   1 
ATOM 515 C CA  . GLN D 1 53 ? 18.988  -2.014  0.989   1.00 91.76  ? 24 GLN D CA  1 
ATOM 516 C C   . GLN D 1 53 ? 19.925  -3.192  1.185   1.00 91.76  ? 24 GLN D C   1 
ATOM 517 O O   . GLN D 1 53 ? 19.483  -4.288  1.535   1.00 91.76  ? 24 GLN D O   1 
ATOM 518 C CB  . GLN D 1 53 ? 18.804  -1.263  2.302   1.00 91.76  ? 24 GLN D CB  1 
ATOM 519 C CG  . GLN D 1 53 ? 20.067  -0.632  2.823   1.00 91.76  ? 24 GLN D CG  1 
ATOM 520 C CD  . GLN D 1 53 ? 19.804  0.696   3.474   1.00 91.76  ? 24 GLN D CD  1 
ATOM 521 O OE1 . GLN D 1 53 ? 19.082  1.528   2.931   1.00 91.76  ? 24 GLN D OE1 1 
ATOM 522 N NE2 . GLN D 1 53 ? 20.382  0.907   4.647   1.00 91.76  ? 24 GLN D NE2 1 
ATOM 523 N N   . SER D 1 54 ? 21.212  -2.959  0.957   1.00 87.77  ? 25 SER D N   1 
ATOM 524 C CA  . SER D 1 54 ? 22.241  -3.985  1.100   1.00 87.77  ? 25 SER D CA  1 
ATOM 525 C C   . SER D 1 54 ? 21.879  -5.267  0.363   1.00 87.77  ? 25 SER D C   1 
ATOM 526 O O   . SER D 1 54 ? 21.573  -6.278  0.986   1.00 87.77  ? 25 SER D O   1 
ATOM 527 C CB  . SER D 1 54 ? 22.495  -4.291  2.573   1.00 87.77  ? 25 SER D CB  1 
ATOM 528 O OG  . SER D 1 54 ? 23.447  -5.329  2.710   1.00 87.77  ? 25 SER D OG  1 
ATOM 529 N N   . MET E 1 39 ? 14.539  -1.174  21.343  1.00 106.59 ? 10 MET C N   1 
ATOM 530 C CA  . MET E 1 39 ? 13.879  -1.992  20.336  1.00 106.59 ? 10 MET C CA  1 
ATOM 531 C C   . MET E 1 39 ? 14.899  -2.467  19.313  1.00 106.59 ? 10 MET C C   1 
ATOM 532 O O   . MET E 1 39 ? 15.854  -1.758  19.010  1.00 106.59 ? 10 MET C O   1 
ATOM 533 C CB  . MET E 1 39 ? 12.771  -1.205  19.647  1.00 106.59 ? 10 MET C CB  1 
ATOM 534 C CG  . MET E 1 39 ? 11.949  -2.011  18.670  1.00 106.59 ? 10 MET C CG  1 
ATOM 535 S SD  . MET E 1 39 ? 10.669  -1.008  17.912  1.00 106.59 ? 10 MET C SD  1 
ATOM 536 C CE  . MET E 1 39 ? 9.548   -0.799  19.290  1.00 106.59 ? 10 MET C CE  1 
ATOM 537 N N   . TYR E 1 40 ? 14.702  -3.671  18.789  1.00 107.80 ? 11 TYR C N   1 
ATOM 538 C CA  . TYR E 1 40 ? 15.624  -4.274  17.831  1.00 107.80 ? 11 TYR C CA  1 
ATOM 539 C C   . TYR E 1 40 ? 14.880  -4.774  16.597  1.00 107.80 ? 11 TYR C C   1 
ATOM 540 O O   . TYR E 1 40 ? 15.264  -5.764  15.977  1.00 107.80 ? 11 TYR C O   1 
ATOM 541 C CB  . TYR E 1 40 ? 16.386  -5.407  18.505  1.00 107.80 ? 11 TYR C CB  1 
ATOM 542 C CG  . TYR E 1 40 ? 17.325  -4.937  19.582  1.00 107.80 ? 11 TYR C CG  1 
ATOM 543 C CD1 . TYR E 1 40 ? 18.575  -4.446  19.274  1.00 107.80 ? 11 TYR C CD1 1 
ATOM 544 C CD2 . TYR E 1 40 ? 16.916  -4.884  20.898  1.00 107.80 ? 11 TYR C CD2 1 
ATOM 545 C CE1 . TYR E 1 40 ? 19.427  -3.999  20.259  1.00 107.80 ? 11 TYR C CE1 1 
ATOM 546 C CE2 . TYR E 1 40 ? 17.754  -4.426  21.886  1.00 107.80 ? 11 TYR C CE2 1 
ATOM 547 C CZ  . TYR E 1 40 ? 19.007  -3.985  21.563  1.00 107.80 ? 11 TYR C CZ  1 
ATOM 548 O OH  . TYR E 1 40 ? 19.841  -3.528  22.557  1.00 107.80 ? 11 TYR C OH  1 
ATOM 549 N N   . GLY E 1 41 ? 13.814  -4.082  16.227  1.00 100.55 ? 12 GLY C N   1 
ATOM 550 C CA  . GLY E 1 41 ? 12.919  -4.595  15.212  1.00 100.55 ? 12 GLY C CA  1 
ATOM 551 C C   . GLY E 1 41 ? 12.330  -3.533  14.319  1.00 100.55 ? 12 GLY C C   1 
ATOM 552 O O   . GLY E 1 41 ? 12.987  -2.548  13.980  1.00 100.55 ? 12 GLY C O   1 
ATOM 553 N N   . GLN E 1 42 ? 11.075  -3.739  13.937  1.00 92.92  ? 13 GLN C N   1 
ATOM 554 C CA  . GLN E 1 42 ? 10.420  -2.961  12.896  1.00 92.92  ? 13 GLN C CA  1 
ATOM 555 C C   . GLN E 1 42 ? 8.941   -2.829  13.225  1.00 92.92  ? 13 GLN C C   1 
ATOM 556 O O   . GLN E 1 42 ? 8.287   -3.823  13.546  1.00 92.92  ? 13 GLN C O   1 
ATOM 557 C CB  . GLN E 1 42 ? 10.622  -3.638  11.544  1.00 92.92  ? 13 GLN C CB  1 
ATOM 558 C CG  . GLN E 1 42 ? 10.237  -5.101  11.537  1.00 92.92  ? 13 GLN C CG  1 
ATOM 559 C CD  . GLN E 1 42 ? 10.639  -5.799  10.266  1.00 92.92  ? 13 GLN C CD  1 
ATOM 560 O OE1 . GLN E 1 42 ? 11.146  -5.178  9.337   1.00 92.92  ? 13 GLN C OE1 1 
ATOM 561 N NE2 . GLN E 1 42 ? 10.416  -7.103  10.216  1.00 92.92  ? 13 GLN C NE2 1 
ATOM 562 N N   . ALA E 1 43 ? 8.403   -1.616  13.136  1.00 89.61  ? 14 ALA C N   1 
ATOM 563 C CA  . ALA E 1 43 ? 7.046   -1.370  13.615  1.00 89.61  ? 14 ALA C CA  1 
ATOM 564 C C   . ALA E 1 43 ? 6.338   -0.382  12.702  1.00 89.61  ? 14 ALA C C   1 
ATOM 565 O O   . ALA E 1 43 ? 6.658   0.807   12.723  1.00 89.61  ? 14 ALA C O   1 
ATOM 566 C CB  . ALA E 1 43 ? 7.082   -0.840  15.043  1.00 89.61  ? 14 ALA C CB  1 
ATOM 567 N N   . TRP E 1 44 ? 5.357   -0.844  11.931  1.00 89.78  ? 15 TRP C N   1 
ATOM 568 C CA  . TRP E 1 44 ? 4.563   0.149   11.231  1.00 89.78  ? 15 TRP C CA  1 
ATOM 569 C C   . TRP E 1 44 ? 3.326   0.533   12.029  1.00 89.78  ? 15 TRP C C   1 
ATOM 570 O O   . TRP E 1 44 ? 3.009   -0.051  13.062  1.00 89.78  ? 15 TRP C O   1 
ATOM 571 C CB  . TRP E 1 44 ? 4.104   -0.287  9.843   1.00 89.78  ? 15 TRP C CB  1 
ATOM 572 C CG  . TRP E 1 44 ? 3.256   -1.503  9.735   1.00 89.78  ? 15 TRP C CG  1 
ATOM 573 C CD1 . TRP E 1 44 ? 1.928   -1.585  10.009  1.00 89.78  ? 15 TRP C CD1 1 
ATOM 574 C CD2 . TRP E 1 44 ? 3.570   -2.688  8.996   1.00 89.78  ? 15 TRP C CD2 1 
ATOM 575 N NE1 . TRP E 1 44 ? 1.443   -2.814  9.661   1.00 89.78  ? 15 TRP C NE1 1 
ATOM 576 C CE2 . TRP E 1 44 ? 2.429   -3.503  9.012   1.00 89.78  ? 15 TRP C CE2 1 
ATOM 577 C CE3 . TRP E 1 44 ? 4.726   -3.165  8.379   1.00 89.78  ? 15 TRP C CE3 1 
ATOM 578 C CZ2 . TRP E 1 44 ? 2.409   -4.767  8.444   1.00 89.78  ? 15 TRP C CZ2 1 
ATOM 579 C CZ3 . TRP E 1 44 ? 4.705   -4.420  7.818   1.00 89.78  ? 15 TRP C CZ3 1 
ATOM 580 C CH2 . TRP E 1 44 ? 3.555   -5.205  7.850   1.00 89.78  ? 15 TRP C CH2 1 
ATOM 581 N N   . ASN E 1 45 ? 2.619   1.545   11.531  1.00 90.93  ? 16 ASN C N   1 
ATOM 582 C CA  . ASN E 1 45 ? 1.327   1.969   12.067  1.00 90.93  ? 16 ASN C CA  1 
ATOM 583 C C   . ASN E 1 45 ? 0.489   2.386   10.862  1.00 90.93  ? 16 ASN C C   1 
ATOM 584 O O   . ASN E 1 45 ? 0.498   3.553   10.467  1.00 90.93  ? 16 ASN C O   1 
ATOM 585 C CB  . ASN E 1 45 ? 1.482   3.111   13.060  1.00 90.93  ? 16 ASN C CB  1 
ATOM 586 C CG  . ASN E 1 45 ? 2.158   2.684   14.347  1.00 90.93  ? 16 ASN C CG  1 
ATOM 587 O OD1 . ASN E 1 45 ? 1.874   1.621   14.891  1.00 90.93  ? 16 ASN C OD1 1 
ATOM 588 N ND2 . ASN E 1 45 ? 3.061   3.520   14.842  1.00 90.93  ? 16 ASN C ND2 1 
ATOM 589 N N   . GLN E 1 46 ? -0.245  1.440   10.292  1.00 87.98  ? 17 GLN C N   1 
ATOM 590 C CA  . GLN E 1 46 ? -1.046  1.711   9.105   1.00 87.98  ? 17 GLN C CA  1 
ATOM 591 C C   . GLN E 1 46 ? -2.403  2.244   9.542   1.00 87.98  ? 17 GLN C C   1 
ATOM 592 O O   . GLN E 1 46 ? -3.250  1.485   10.018  1.00 87.98  ? 17 GLN C O   1 
ATOM 593 C CB  . GLN E 1 46 ? -1.197  0.445   8.271   1.00 87.98  ? 17 GLN C CB  1 
ATOM 594 C CG  . GLN E 1 46 ? 0.084   -0.037  7.639   1.00 87.98  ? 17 GLN C CG  1 
ATOM 595 C CD  . GLN E 1 46 ? 0.028   -1.498  7.259   1.00 87.98  ? 17 GLN C CD  1 
ATOM 596 O OE1 . GLN E 1 46 ? -0.259  -2.354  8.089   1.00 87.98  ? 17 GLN C OE1 1 
ATOM 597 N NE2 . GLN E 1 46 ? 0.304   -1.793  6.000   1.00 87.98  ? 17 GLN C NE2 1 
ATOM 598 N N   . GLN E 1 47 ? -2.615  3.547   9.388   1.00 87.10  ? 18 GLN C N   1 
ATOM 599 C CA  . GLN E 1 47 ? -3.850  4.183   9.820   1.00 87.10  ? 18 GLN C CA  1 
ATOM 600 C C   . GLN E 1 47 ? -4.947  4.124   8.769   1.00 87.10  ? 18 GLN C C   1 
ATOM 601 O O   . GLN E 1 47 ? -6.084  4.509   9.051   1.00 87.10  ? 18 GLN C O   1 
ATOM 602 C CB  . GLN E 1 47 ? -3.596  5.644   10.204  1.00 87.10  ? 18 GLN C CB  1 
ATOM 603 C CG  . GLN E 1 47 ? -3.040  5.866   11.599  1.00 87.10  ? 18 GLN C CG  1 
ATOM 604 C CD  . GLN E 1 47 ? -1.580  5.510   11.723  1.00 87.10  ? 18 GLN C CD  1 
ATOM 605 O OE1 . GLN E 1 47 ? -1.222  4.529   12.372  1.00 87.10  ? 18 GLN C OE1 1 
ATOM 606 N NE2 . GLN E 1 47 ? -0.723  6.313   11.112  1.00 87.10  ? 18 GLN C NE2 1 
ATOM 607 N N   . GLY E 1 48 ? -4.643  3.648   7.571   1.00 86.69  ? 19 GLY C N   1 
ATOM 608 C CA  . GLY E 1 48 ? -5.554  3.836   6.460   1.00 86.69  ? 19 GLY C CA  1 
ATOM 609 C C   . GLY E 1 48 ? -6.350  2.618   6.060   1.00 86.69  ? 19 GLY C C   1 
ATOM 610 O O   . GLY E 1 48 ? -7.392  2.328   6.652   1.00 86.69  ? 19 GLY C O   1 
ATOM 611 N N   . PHE E 1 49 ? -5.883  1.931   5.018   1.00 89.60  ? 20 PHE C N   1 
ATOM 612 C CA  . PHE E 1 49 ? -6.474  0.723   4.460   1.00 89.60  ? 20 PHE C CA  1 
ATOM 613 C C   . PHE E 1 49 ? -7.796  0.976   3.760   1.00 89.60  ? 20 PHE C C   1 
ATOM 614 O O   . PHE E 1 49 ? -8.345  0.051   3.167   1.00 89.60  ? 20 PHE C O   1 
ATOM 615 C CB  . PHE E 1 49 ? -6.710  -0.350  5.525   1.00 89.60  ? 20 PHE C CB  1 
ATOM 616 C CG  . PHE E 1 49 ? -5.475  -1.044  5.986   1.00 89.60  ? 20 PHE C CG  1 
ATOM 617 C CD1 . PHE E 1 49 ? -4.759  -1.843  5.131   1.00 89.60  ? 20 PHE C CD1 1 
ATOM 618 C CD2 . PHE E 1 49 ? -5.048  -0.915  7.289   1.00 89.60  ? 20 PHE C CD2 1 
ATOM 619 C CE1 . PHE E 1 49 ? -3.634  -2.495  5.568   1.00 89.60  ? 20 PHE C CE1 1 
ATOM 620 C CE2 . PHE E 1 49 ? -3.930  -1.561  7.727   1.00 89.60  ? 20 PHE C CE2 1 
ATOM 621 C CZ  . PHE E 1 49 ? -3.219  -2.351  6.868   1.00 89.60  ? 20 PHE C CZ  1 
ATOM 622 N N   . ASN E 1 50 ? -8.320  2.191   3.797   1.00 88.31  ? 21 ASN C N   1 
ATOM 623 C CA  . ASN E 1 50 ? -9.728  2.402   3.500   1.00 88.31  ? 21 ASN C CA  1 
ATOM 624 C C   . ASN E 1 50 ? -10.041 2.195   2.027   1.00 88.31  ? 21 ASN C C   1 
ATOM 625 O O   . ASN E 1 50 ? -9.197  2.389   1.153   1.00 88.31  ? 21 ASN C O   1 
ATOM 626 C CB  . ASN E 1 50 ? -10.148 3.799   3.941   1.00 88.31  ? 21 ASN C CB  1 
ATOM 627 C CG  . ASN E 1 50 ? -9.228  4.871   3.430   1.00 88.31  ? 21 ASN C CG  1 
ATOM 628 O OD1 . ASN E 1 50 ? -8.032  4.868   3.715   1.00 88.31  ? 21 ASN C OD1 1 
ATOM 629 N ND2 . ASN E 1 50 ? -9.787  5.825   2.704   1.00 88.31  ? 21 ASN C ND2 1 
ATOM 630 N N   . GLN E 1 51 ? -11.274 1.765   1.763   1.00 87.56  ? 22 GLN C N   1 
ATOM 631 C CA  . GLN E 1 51 ? -11.812 1.641   0.406   1.00 87.56  ? 22 GLN C CA  1 
ATOM 632 C C   . GLN E 1 51 ? -13.250 2.141   0.472   1.00 87.56  ? 22 GLN C C   1 
ATOM 633 O O   . GLN E 1 51 ? -14.183 1.363   0.682   1.00 87.56  ? 22 GLN C O   1 
ATOM 634 C CB  . GLN E 1 51 ? -11.738 0.209   -0.098  1.00 87.56  ? 22 GLN C CB  1 
ATOM 635 C CG  . GLN E 1 51 ? -12.366 -0.002  -1.459  1.00 87.56  ? 22 GLN C CG  1 
ATOM 636 C CD  . GLN E 1 51 ? -12.398 -1.458  -1.864  1.00 87.56  ? 22 GLN C CD  1 
ATOM 637 O OE1 . GLN E 1 51 ? -13.295 -2.199  -1.476  1.00 87.56  ? 22 GLN C OE1 1 
ATOM 638 N NE2 . GLN E 1 51 ? -11.420 -1.875  -2.652  1.00 87.56  ? 22 GLN C NE2 1 
ATOM 639 N N   . THR E 1 52 ? -13.425 3.436   0.287   1.00 86.10  ? 23 THR C N   1 
ATOM 640 C CA  . THR E 1 52 ? -14.724 4.060   0.454   1.00 86.10  ? 23 THR C CA  1 
ATOM 641 C C   . THR E 1 52 ? -15.514 3.926   -0.839  1.00 86.10  ? 23 THR C C   1 
ATOM 642 O O   . THR E 1 52 ? -14.952 3.634   -1.895  1.00 86.10  ? 23 THR C O   1 
ATOM 643 C CB  . THR E 1 52 ? -14.548 5.530   0.836   1.00 86.10  ? 23 THR C CB  1 
ATOM 644 O OG1 . THR E 1 52 ? -13.628 5.618   1.927   1.00 86.10  ? 23 THR C OG1 1 
ATOM 645 C CG2 . THR E 1 52 ? -15.862 6.146   1.282   1.00 86.10  ? 23 THR C CG2 1 
ATOM 646 N N   . GLN E 1 53 ? -16.825 4.105   -0.746  1.00 89.74  ? 24 GLN C N   1 
ATOM 647 C CA  . GLN E 1 53 ? -17.672 4.175   -1.924  1.00 89.74  ? 24 GLN C CA  1 
ATOM 648 C C   . GLN E 1 53 ? -18.822 5.128   -1.655  1.00 89.74  ? 24 GLN C C   1 
ATOM 649 O O   . GLN E 1 53 ? -19.311 5.213   -0.527  1.00 89.74  ? 24 GLN C O   1 
ATOM 650 C CB  . GLN E 1 53 ? -18.206 2.799   -2.304  1.00 89.74  ? 24 GLN C CB  1 
ATOM 651 C CG  . GLN E 1 53 ? -18.990 2.785   -3.588  1.00 89.74  ? 24 GLN C CG  1 
ATOM 652 C CD  . GLN E 1 53 ? -18.753 1.529   -4.379  1.00 89.74  ? 24 GLN C CD  1 
ATOM 653 O OE1 . GLN E 1 53 ? -17.615 1.100   -4.547  1.00 89.74  ? 24 GLN C OE1 1 
ATOM 654 N NE2 . GLN E 1 53 ? -19.827 0.922   -4.865  1.00 89.74  ? 24 GLN C NE2 1 
ATOM 655 N N   . SER E 1 54 ? -19.245 5.842   -2.693  1.00 87.18  ? 25 SER C N   1 
ATOM 656 C CA  . SER E 1 54 ? -20.339 6.805   -2.601  1.00 87.18  ? 25 SER C CA  1 
ATOM 657 C C   . SER E 1 54 ? -20.160 7.768   -1.437  1.00 87.18  ? 25 SER C C   1 
ATOM 658 O O   . SER E 1 54 ? -20.884 7.693   -0.449  1.00 87.18  ? 25 SER C O   1 
ATOM 659 C CB  . SER E 1 54 ? -21.678 6.084   -2.473  1.00 87.18  ? 25 SER C CB  1 
ATOM 660 O OG  . SER E 1 54 ? -22.733 7.015   -2.323  1.00 87.18  ? 25 SER C OG  1 
ATOM 661 N N   . MET F 1 39 ? -21.719 -6.907  -10.373 1.00 100.32 ? 10 MET F N   1 
ATOM 662 C CA  . MET F 1 39 ? -21.077 -6.088  -9.356  1.00 100.32 ? 10 MET F CA  1 
ATOM 663 C C   . MET F 1 39 ? -21.170 -4.622  -9.745  1.00 100.32 ? 10 MET F C   1 
ATOM 664 O O   . MET F 1 39 ? -21.136 -4.287  -10.926 1.00 100.32 ? 10 MET F O   1 
ATOM 665 C CB  . MET F 1 39 ? -19.619 -6.494  -9.182  1.00 100.32 ? 10 MET F CB  1 
ATOM 666 C CG  . MET F 1 39 ? -18.905 -5.780  -8.060  1.00 100.32 ? 10 MET F CG  1 
ATOM 667 S SD  . MET F 1 39 ? -17.199 -6.323  -7.925  1.00 100.32 ? 10 MET F SD  1 
ATOM 668 C CE  . MET F 1 39 ? -17.423 -7.969  -7.262  1.00 100.32 ? 10 MET F CE  1 
ATOM 669 N N   . TYR F 1 40 ? -21.299 -3.748  -8.754  1.00 102.79 ? 11 TYR F N   1 
ATOM 670 C CA  . TYR F 1 40 ? -21.447 -2.314  -8.980  1.00 102.79 ? 11 TYR F CA  1 
ATOM 671 C C   . TYR F 1 40 ? -20.449 -1.522  -8.142  1.00 102.79 ? 11 TYR F C   1 
ATOM 672 O O   . TYR F 1 40 ? -20.722 -0.405  -7.707  1.00 102.79 ? 11 TYR F O   1 
ATOM 673 C CB  . TYR F 1 40 ? -22.875 -1.895  -8.667  1.00 102.79 ? 11 TYR F CB  1 
ATOM 674 C CG  . TYR F 1 40 ? -23.888 -2.463  -9.623  1.00 102.79 ? 11 TYR F CG  1 
ATOM 675 C CD1 . TYR F 1 40 ? -24.117 -1.879  -10.849 1.00 102.79 ? 11 TYR F CD1 1 
ATOM 676 C CD2 . TYR F 1 40 ? -24.534 -3.649  -9.342  1.00 102.79 ? 11 TYR F CD2 1 
ATOM 677 C CE1 . TYR F 1 40 ? -25.031 -2.409  -11.731 1.00 102.79 ? 11 TYR F CE1 1 
ATOM 678 C CE2 . TYR F 1 40 ? -25.437 -4.194  -10.222 1.00 102.79 ? 11 TYR F CE2 1 
ATOM 679 C CZ  . TYR F 1 40 ? -25.683 -3.574  -11.416 1.00 102.79 ? 11 TYR F CZ  1 
ATOM 680 O OH  . TYR F 1 40 ? -26.587 -4.124  -12.293 1.00 102.79 ? 11 TYR F OH  1 
ATOM 681 N N   . GLY F 1 41 ? -19.277 -2.096  -7.918  1.00 95.01  ? 12 GLY F N   1 
ATOM 682 C CA  . GLY F 1 41 ? -18.352 -1.531  -6.959  1.00 95.01  ? 12 GLY F CA  1 
ATOM 683 C C   . GLY F 1 41 ? -16.901 -1.673  -7.348  1.00 95.01  ? 12 GLY F C   1 
ATOM 684 O O   . GLY F 1 41 ? -16.544 -1.587  -8.523  1.00 95.01  ? 12 GLY F O   1 
ATOM 685 N N   . GLN F 1 42 ? -16.060 -1.892  -6.343  1.00 87.09  ? 13 GLN F N   1 
ATOM 686 C CA  . GLN F 1 42 ? -14.613 -1.820  -6.485  1.00 87.09  ? 13 GLN F CA  1 
ATOM 687 C C   . GLN F 1 42 ? -13.967 -2.832  -5.551  1.00 87.09  ? 13 GLN F C   1 
ATOM 688 O O   . GLN F 1 42 ? -14.318 -2.897  -4.371  1.00 87.09  ? 13 GLN F O   1 
ATOM 689 C CB  . GLN F 1 42 ? -14.138 -0.404  -6.173  1.00 87.09  ? 13 GLN F CB  1 
ATOM 690 C CG  . GLN F 1 42 ? -14.642 0.126   -4.848  1.00 87.09  ? 13 GLN F CG  1 
ATOM 691 C CD  . GLN F 1 42 ? -14.340 1.588   -4.658  1.00 87.09  ? 13 GLN F CD  1 
ATOM 692 O OE1 . GLN F 1 42 ? -13.678 2.209   -5.484  1.00 87.09  ? 13 GLN F OE1 1 
ATOM 693 N NE2 . GLN F 1 42 ? -14.826 2.151   -3.562  1.00 87.09  ? 13 GLN F NE2 1 
ATOM 694 N N   . ALA F 1 43 ? -13.018 -3.610  -6.060  1.00 84.74  ? 14 ALA F N   1 
ATOM 695 C CA  . ALA F 1 43 ? -12.484 -4.730  -5.288  1.00 84.74  ? 14 ALA F CA  1 
ATOM 696 C C   . ALA F 1 43 ? -10.992 -4.876  -5.541  1.00 84.74  ? 14 ALA F C   1 
ATOM 697 O O   . ALA F 1 43 ? -10.597 -5.316  -6.622  1.00 84.74  ? 14 ALA F O   1 
ATOM 698 C CB  . ALA F 1 43 ? -13.214 -6.015  -5.656  1.00 84.74  ? 14 ALA F CB  1 
ATOM 699 N N   . TRP F 1 44 ? -10.160 -4.557  -4.553  1.00 86.30  ? 15 TRP F N   1 
ATOM 700 C CA  . TRP F 1 44 ? -8.764  -4.905  -4.744  1.00 86.30  ? 15 TRP F CA  1 
ATOM 701 C C   . TRP F 1 44 ? -8.445  -6.266  -4.146  1.00 86.30  ? 15 TRP F C   1 
ATOM 702 O O   . TRP F 1 44 ? -9.262  -6.891  -3.475  1.00 86.30  ? 15 TRP F O   1 
ATOM 703 C CB  . TRP F 1 44 ? -7.786  -3.895  -4.152  1.00 86.30  ? 15 TRP F CB  1 
ATOM 704 C CG  . TRP F 1 44 ? -7.849  -3.631  -2.691  1.00 86.30  ? 15 TRP F CG  1 
ATOM 705 C CD1 . TRP F 1 44 ? -7.352  -4.427  -1.708  1.00 86.30  ? 15 TRP F CD1 1 
ATOM 706 C CD2 . TRP F 1 44 ? -8.100  -2.366  -2.071  1.00 86.30  ? 15 TRP F CD2 1 
ATOM 707 N NE1 . TRP F 1 44 ? -7.456  -3.808  -0.494  1.00 86.30  ? 15 TRP F NE1 1 
ATOM 708 C CE2 . TRP F 1 44 ? -7.890  -2.528  -0.693  1.00 86.30  ? 15 TRP F CE2 1 
ATOM 709 C CE3 . TRP F 1 44 ? -8.545  -1.130  -2.541  1.00 86.30  ? 15 TRP F CE3 1 
ATOM 710 C CZ2 . TRP F 1 44 ? -8.114  -1.509  0.217   1.00 86.30  ? 15 TRP F CZ2 1 
ATOM 711 C CZ3 . TRP F 1 44 ? -8.768  -0.121  -1.635  1.00 86.30  ? 15 TRP F CZ3 1 
ATOM 712 C CH2 . TRP F 1 44 ? -8.551  -0.314  -0.273  1.00 86.30  ? 15 TRP F CH2 1 
ATOM 713 N N   . ASN F 1 45 ? -7.225  -6.728  -4.405  1.00 88.61  ? 16 ASN F N   1 
ATOM 714 C CA  . ASN F 1 45 ? -6.677  -7.945  -3.804  1.00 88.61  ? 16 ASN F CA  1 
ATOM 715 C C   . ASN F 1 45 ? -5.197  -7.664  -3.564  1.00 88.61  ? 16 ASN F C   1 
ATOM 716 O O   . ASN F 1 45 ? -4.359  -7.936  -4.425  1.00 88.61  ? 16 ASN F O   1 
ATOM 717 C CB  . ASN F 1 45 ? -6.876  -9.151  -4.710  1.00 88.61  ? 16 ASN F CB  1 
ATOM 718 C CG  . ASN F 1 45 ? -8.328  -9.564  -4.830  1.00 88.61  ? 16 ASN F CG  1 
ATOM 719 O OD1 . ASN F 1 45 ? -9.066  -9.584  -3.849  1.00 88.61  ? 16 ASN F OD1 1 
ATOM 720 N ND2 . ASN F 1 45 ? -8.746  -9.901  -6.043  1.00 88.61  ? 16 ASN F ND2 1 
ATOM 721 N N   . GLN F 1 46 ? -4.876  -7.138  -2.389  1.00 85.66  ? 17 GLN F N   1 
ATOM 722 C CA  . GLN F 1 46 ? -3.500  -6.782  -2.068  1.00 85.66  ? 17 GLN F CA  1 
ATOM 723 C C   . GLN F 1 46 ? -2.796  -8.009  -1.505  1.00 85.66  ? 17 GLN F C   1 
ATOM 724 O O   . GLN F 1 46 ? -3.031  -8.395  -0.358  1.00 85.66  ? 17 GLN F O   1 
ATOM 725 C CB  . GLN F 1 46 ? -3.472  -5.631  -1.072  1.00 85.66  ? 17 GLN F CB  1 
ATOM 726 C CG  . GLN F 1 46 ? -3.976  -4.322  -1.625  1.00 85.66  ? 17 GLN F CG  1 
ATOM 727 C CD  . GLN F 1 46 ? -4.406  -3.362  -0.540  1.00 85.66  ? 17 GLN F CD  1 
ATOM 728 O OE1 . GLN F 1 46 ? -5.235  -3.692  0.302   1.00 85.66  ? 17 GLN F OE1 1 
ATOM 729 N NE2 . GLN F 1 46 ? -3.845  -2.163  -0.554  1.00 85.66  ? 17 GLN F NE2 1 
ATOM 730 N N   . GLN F 1 47 ? -1.935  -8.628  -2.306  1.00 86.26  ? 18 GLN F N   1 
ATOM 731 C CA  . GLN F 1 47 ? -1.244  -9.844  -1.902  1.00 86.26  ? 18 GLN F CA  1 
ATOM 732 C C   . GLN F 1 47 ? 0.039   -9.569  -1.133  1.00 86.26  ? 18 GLN F C   1 
ATOM 733 O O   . GLN F 1 47 ? 0.654   -10.506 -0.620  1.00 86.26  ? 18 GLN F O   1 
ATOM 734 C CB  . GLN F 1 47 ? -0.926  -10.711 -3.123  1.00 86.26  ? 18 GLN F CB  1 
ATOM 735 C CG  . GLN F 1 47 ? -2.067  -11.576 -3.626  1.00 86.26  ? 18 GLN F CG  1 
ATOM 736 C CD  . GLN F 1 47 ? -3.122  -10.797 -4.372  1.00 86.26  ? 18 GLN F CD  1 
ATOM 737 O OE1 . GLN F 1 47 ? -4.238  -10.626 -3.891  1.00 86.26  ? 18 GLN F OE1 1 
ATOM 738 N NE2 . GLN F 1 47 ? -2.778  -10.329 -5.562  1.00 86.26  ? 18 GLN F NE2 1 
ATOM 739 N N   . GLY F 1 48 ? 0.454   -8.315  -1.033  1.00 87.05  ? 19 GLY F N   1 
ATOM 740 C CA  . GLY F 1 48 ? 1.797   -8.029  -0.573  1.00 87.05  ? 19 GLY F CA  1 
ATOM 741 C C   . GLY F 1 48 ? 1.903   -7.524  0.846   1.00 87.05  ? 19 GLY F C   1 
ATOM 742 O O   . GLY F 1 48 ? 1.926   -8.315  1.792   1.00 87.05  ? 19 GLY F O   1 
ATOM 743 N N   . PHE F 1 49 ? 2.020   -6.205  0.991   1.00 89.37  ? 20 PHE F N   1 
ATOM 744 C CA  . PHE F 1 49 ? 2.127   -5.492  2.257   1.00 89.37  ? 20 PHE F CA  1 
ATOM 745 C C   . PHE F 1 49 ? 3.446   -5.733  2.966   1.00 89.37  ? 20 PHE F C   1 
ATOM 746 O O   . PHE F 1 49 ? 3.694   -5.113  3.996   1.00 89.37  ? 20 PHE F O   1 
ATOM 747 C CB  . PHE F 1 49 ? 1.004   -5.866  3.226   1.00 89.37  ? 20 PHE F CB  1 
ATOM 748 C CG  . PHE F 1 49 ? -0.322  -5.278  2.892   1.00 89.37  ? 20 PHE F CG  1 
ATOM 749 C CD1 . PHE F 1 49 ? -0.524  -3.922  2.950   1.00 89.37  ? 20 PHE F CD1 1 
ATOM 750 C CD2 . PHE F 1 49 ? -1.378  -6.091  2.539   1.00 89.37  ? 20 PHE F CD2 1 
ATOM 751 C CE1 . PHE F 1 49 ? -1.755  -3.389  2.659   1.00 89.37  ? 20 PHE F CE1 1 
ATOM 752 C CE2 . PHE F 1 49 ? -2.601  -5.564  2.249   1.00 89.37  ? 20 PHE F CE2 1 
ATOM 753 C CZ  . PHE F 1 49 ? -2.793  -4.212  2.306   1.00 89.37  ? 20 PHE F CZ  1 
ATOM 754 N N   . ASN F 1 50 ? 4.305   -6.600  2.448   1.00 89.17  ? 21 ASN F N   1 
ATOM 755 C CA  . ASN F 1 50 ? 5.375   -7.158  3.258   1.00 89.17  ? 21 ASN F CA  1 
ATOM 756 C C   . ASN F 1 50 ? 6.447   -6.126  3.581   1.00 89.17  ? 21 ASN F C   1 
ATOM 757 O O   . ASN F 1 50 ? 6.677   -5.177  2.833   1.00 89.17  ? 21 ASN F O   1 
ATOM 758 C CB  . ASN F 1 50 ? 5.991   -8.358  2.549   1.00 89.17  ? 21 ASN F CB  1 
ATOM 759 C CG  . ASN F 1 50 ? 6.365   -8.062  1.124   1.00 89.17  ? 21 ASN F CG  1 
ATOM 760 O OD1 . ASN F 1 50 ? 5.520   -7.699  0.310   1.00 89.17  ? 21 ASN F OD1 1 
ATOM 761 N ND2 . ASN F 1 50 ? 7.631   -8.260  0.799   1.00 89.17  ? 21 ASN F ND2 1 
ATOM 762 N N   . GLN F 1 51 ? 7.085   -6.314  4.735   1.00 88.35  ? 22 GLN F N   1 
ATOM 763 C CA  . GLN F 1 51 ? 8.239   -5.517  5.156   1.00 88.35  ? 22 GLN F CA  1 
ATOM 764 C C   . GLN F 1 51 ? 9.223   -6.494  5.788   1.00 88.35  ? 22 GLN F C   1 
ATOM 765 O O   . GLN F 1 51 ? 9.206   -6.717  7.000   1.00 88.35  ? 22 GLN F O   1 
ATOM 766 C CB  . GLN F 1 51 ? 7.838   -4.417  6.126   1.00 88.35  ? 22 GLN F CB  1 
ATOM 767 C CG  . GLN F 1 51 ? 9.001   -3.619  6.674   1.00 88.35  ? 22 GLN F CG  1 
ATOM 768 C CD  . GLN F 1 51 ? 8.579   -2.632  7.737   1.00 88.35  ? 22 GLN F CD  1 
ATOM 769 O OE1 . GLN F 1 51 ? 8.439   -2.985  8.903   1.00 88.35  ? 22 GLN F OE1 1 
ATOM 770 N NE2 . GLN F 1 51 ? 8.377   -1.384  7.341   1.00 88.35  ? 22 GLN F NE2 1 
ATOM 771 N N   . THR F 1 52 ? 10.081  -7.070  4.966   1.00 88.59  ? 23 THR F N   1 
ATOM 772 C CA  . THR F 1 52 ? 10.981  -8.115  5.415   1.00 88.59  ? 23 THR F CA  1 
ATOM 773 C C   . THR F 1 52 ? 12.224  -7.479  6.020   1.00 88.59  ? 23 THR F C   1 
ATOM 774 O O   . THR F 1 52 ? 12.492  -6.295  5.813   1.00 88.59  ? 23 THR F O   1 
ATOM 775 C CB  . THR F 1 52 ? 11.349  -9.023  4.242   1.00 88.59  ? 23 THR F CB  1 
ATOM 776 O OG1 . THR F 1 52 ? 10.149  -9.426  3.575   1.00 88.59  ? 23 THR F OG1 1 
ATOM 777 C CG2 . THR F 1 52 ? 12.062  -10.277 4.715   1.00 88.59  ? 23 THR F CG2 1 
ATOM 778 N N   . GLN F 1 53 ? 12.962  -8.261  6.797   1.00 91.81  ? 24 GLN F N   1 
ATOM 779 C CA  . GLN F 1 53 ? 14.258  -7.836  7.297   1.00 91.81  ? 24 GLN F CA  1 
ATOM 780 C C   . GLN F 1 53 ? 15.171  -9.045  7.407   1.00 91.81  ? 24 GLN F C   1 
ATOM 781 O O   . GLN F 1 53 ? 14.711  -10.146 7.717   1.00 91.81  ? 24 GLN F O   1 
ATOM 782 C CB  . GLN F 1 53 ? 14.131  -7.146  8.649   1.00 91.81  ? 24 GLN F CB  1 
ATOM 783 C CG  . GLN F 1 53 ? 15.425  -6.572  9.163   1.00 91.81  ? 24 GLN F CG  1 
ATOM 784 C CD  . GLN F 1 53 ? 15.215  -5.272  9.886   1.00 91.81  ? 24 GLN F CD  1 
ATOM 785 O OE1 . GLN F 1 53 ? 14.499  -4.397  9.406   1.00 91.81  ? 24 GLN F OE1 1 
ATOM 786 N NE2 . GLN F 1 53 ? 15.831  -5.134  11.050  1.00 91.81  ? 24 GLN F NE2 1 
ATOM 787 N N   . SER F 1 54 ? 16.456  -8.832  7.153   1.00 91.22  ? 25 SER F N   1 
ATOM 788 C CA  . SER F 1 54 ? 17.463  -9.888  7.214   1.00 91.22  ? 25 SER F CA  1 
ATOM 789 C C   . SER F 1 54 ? 17.047  -11.123 6.427   1.00 91.22  ? 25 SER F C   1 
ATOM 790 O O   . SER F 1 54 ? 16.734  -12.155 7.009   1.00 91.22  ? 25 SER F O   1 
ATOM 791 C CB  . SER F 1 54 ? 17.750  -10.273 8.663   1.00 91.22  ? 25 SER F CB  1 
ATOM 792 O OG  . SER F 1 54 ? 18.680  -11.338 8.720   1.00 91.22  ? 25 SER F OG  1 
# 
